data_6G8S
# 
_entry.id   6G8S 
# 
_audit_conform.dict_name       mmcif_pdbx.dic 
_audit_conform.dict_version    5.391 
_audit_conform.dict_location   http://mmcif.pdb.org/dictionaries/ascii/mmcif_pdbx.dic 
# 
loop_
_database_2.database_id 
_database_2.database_code 
_database_2.pdbx_database_accession 
_database_2.pdbx_DOI 
PDB   6G8S         pdb_00006g8s 10.2210/pdb6g8s/pdb 
WWPDB D_1200009538 ?            ?                   
# 
loop_
_pdbx_audit_revision_history.ordinal 
_pdbx_audit_revision_history.data_content_type 
_pdbx_audit_revision_history.major_revision 
_pdbx_audit_revision_history.minor_revision 
_pdbx_audit_revision_history.revision_date 
1 'Structure model' 1 0 2019-04-24 
2 'Structure model' 1 1 2019-08-28 
3 'Structure model' 1 2 2024-05-08 
# 
_pdbx_audit_revision_details.ordinal             1 
_pdbx_audit_revision_details.revision_ordinal    1 
_pdbx_audit_revision_details.data_content_type   'Structure model' 
_pdbx_audit_revision_details.provider            repository 
_pdbx_audit_revision_details.type                'Initial release' 
_pdbx_audit_revision_details.description         ? 
_pdbx_audit_revision_details.details             ? 
# 
loop_
_pdbx_audit_revision_group.ordinal 
_pdbx_audit_revision_group.revision_ordinal 
_pdbx_audit_revision_group.data_content_type 
_pdbx_audit_revision_group.group 
1 2 'Structure model' 'Data collection'      
2 2 'Structure model' 'Database references'  
3 3 'Structure model' 'Data collection'      
4 3 'Structure model' 'Database references'  
5 3 'Structure model' 'Derived calculations' 
# 
loop_
_pdbx_audit_revision_category.ordinal 
_pdbx_audit_revision_category.revision_ordinal 
_pdbx_audit_revision_category.data_content_type 
_pdbx_audit_revision_category.category 
1 2 'Structure model' citation               
2 2 'Structure model' citation_author        
3 3 'Structure model' chem_comp_atom         
4 3 'Structure model' chem_comp_bond         
5 3 'Structure model' database_2             
6 3 'Structure model' pdbx_struct_conn_angle 
7 3 'Structure model' struct_conn            
# 
loop_
_pdbx_audit_revision_item.ordinal 
_pdbx_audit_revision_item.revision_ordinal 
_pdbx_audit_revision_item.data_content_type 
_pdbx_audit_revision_item.item 
1  2 'Structure model' '_citation.country'                           
2  2 'Structure model' '_citation.journal_abbrev'                    
3  2 'Structure model' '_citation.journal_id_CSD'                    
4  2 'Structure model' '_citation.journal_id_ISSN'                   
5  2 'Structure model' '_citation.journal_volume'                    
6  2 'Structure model' '_citation.page_first'                        
7  2 'Structure model' '_citation.page_last'                         
8  2 'Structure model' '_citation.pdbx_database_id_DOI'              
9  2 'Structure model' '_citation.pdbx_database_id_PubMed'           
10 2 'Structure model' '_citation.title'                             
11 2 'Structure model' '_citation.year'                              
12 3 'Structure model' '_database_2.pdbx_DOI'                        
13 3 'Structure model' '_database_2.pdbx_database_accession'         
14 3 'Structure model' '_pdbx_struct_conn_angle.ptnr1_auth_asym_id'  
15 3 'Structure model' '_pdbx_struct_conn_angle.ptnr1_auth_comp_id'  
16 3 'Structure model' '_pdbx_struct_conn_angle.ptnr1_auth_seq_id'   
17 3 'Structure model' '_pdbx_struct_conn_angle.ptnr1_label_asym_id' 
18 3 'Structure model' '_pdbx_struct_conn_angle.ptnr1_label_atom_id' 
19 3 'Structure model' '_pdbx_struct_conn_angle.ptnr1_label_comp_id' 
20 3 'Structure model' '_pdbx_struct_conn_angle.ptnr1_label_seq_id'  
21 3 'Structure model' '_pdbx_struct_conn_angle.ptnr3_auth_asym_id'  
22 3 'Structure model' '_pdbx_struct_conn_angle.ptnr3_auth_comp_id'  
23 3 'Structure model' '_pdbx_struct_conn_angle.ptnr3_auth_seq_id'   
24 3 'Structure model' '_pdbx_struct_conn_angle.ptnr3_label_asym_id' 
25 3 'Structure model' '_pdbx_struct_conn_angle.ptnr3_label_atom_id' 
26 3 'Structure model' '_pdbx_struct_conn_angle.ptnr3_label_comp_id' 
27 3 'Structure model' '_pdbx_struct_conn_angle.ptnr3_label_seq_id'  
28 3 'Structure model' '_pdbx_struct_conn_angle.value'               
29 3 'Structure model' '_struct_conn.pdbx_dist_value'                
30 3 'Structure model' '_struct_conn.ptnr1_auth_asym_id'             
31 3 'Structure model' '_struct_conn.ptnr1_auth_comp_id'             
32 3 'Structure model' '_struct_conn.ptnr1_auth_seq_id'              
33 3 'Structure model' '_struct_conn.ptnr1_label_asym_id'            
34 3 'Structure model' '_struct_conn.ptnr1_label_atom_id'            
35 3 'Structure model' '_struct_conn.ptnr1_label_comp_id'            
36 3 'Structure model' '_struct_conn.ptnr1_label_seq_id'             
37 3 'Structure model' '_struct_conn.ptnr2_auth_asym_id'             
38 3 'Structure model' '_struct_conn.ptnr2_auth_comp_id'             
39 3 'Structure model' '_struct_conn.ptnr2_auth_seq_id'              
40 3 'Structure model' '_struct_conn.ptnr2_label_asym_id'            
41 3 'Structure model' '_struct_conn.ptnr2_label_atom_id'            
42 3 'Structure model' '_struct_conn.ptnr2_label_comp_id'            
# 
_pdbx_database_status.status_code                     REL 
_pdbx_database_status.status_code_sf                  REL 
_pdbx_database_status.status_code_mr                  ? 
_pdbx_database_status.entry_id                        6G8S 
_pdbx_database_status.recvd_initial_deposition_date   2018-04-09 
_pdbx_database_status.SG_entry                        N 
_pdbx_database_status.deposit_site                    PDBE 
_pdbx_database_status.process_site                    PDBE 
_pdbx_database_status.status_code_cs                  ? 
_pdbx_database_status.methods_development_category    ? 
_pdbx_database_status.pdb_format_compatible           Y 
_pdbx_database_status.status_code_nmr_data            ? 
# 
loop_
_audit_author.name 
_audit_author.pdbx_ordinal 
_audit_author.identifier_ORCID 
'McQuaid, K.T.' 1 ? 
'Hall, J.P.'    2 ? 
'Cardin, C.J.'  3 ? 
# 
_citation.abstract                  ? 
_citation.abstract_id_CAS           ? 
_citation.book_id_ISBN              ? 
_citation.book_publisher            ? 
_citation.book_publisher_city       ? 
_citation.book_title                ? 
_citation.coordinate_linkage        ? 
_citation.country                   GE 
_citation.database_id_Medline       ? 
_citation.details                   ? 
_citation.id                        primary 
_citation.journal_abbrev            Chemistry 
_citation.journal_id_ASTM           ? 
_citation.journal_id_CSD            ? 
_citation.journal_id_ISSN           0947-6539 
_citation.journal_full              ? 
_citation.journal_issue             ? 
_citation.journal_volume            24 
_citation.language                  ? 
_citation.page_first                15859 
_citation.page_last                 15867 
_citation.title                     
'X-ray Crystal Structures Show DNA Stacking Advantage of Terminal Nitrile Substitution in Ru-dppz Complexes.' 
_citation.year                      2018 
_citation.database_id_CSD           ? 
_citation.pdbx_database_id_DOI      10.1002/chem.201803021 
_citation.pdbx_database_id_PubMed   30063271 
_citation.unpublished_flag          ? 
# 
loop_
_citation_author.citation_id 
_citation_author.name 
_citation_author.ordinal 
_citation_author.identifier_ORCID 
primary 'McQuaid, K.'   1 ? 
primary 'Hall, J.P.'    2 ? 
primary 'Brazier, J.A.' 3 ? 
primary 'Cardin, D.J.'  4 ? 
primary 'Cardin, C.J.'  5 ? 
# 
loop_
_entity.id 
_entity.type 
_entity.src_method 
_entity.pdbx_description 
_entity.formula_weight 
_entity.pdbx_number_of_molecules 
_entity.pdbx_ec 
_entity.pdbx_mutation 
_entity.pdbx_fragment 
_entity.details 
1 polymer     syn 
;DNA (5'-D(*CP*CP*GP*GP*GP*TP*CP*CP*GP*G)-3')
;
3061.991 1  ? ? ? ? 
2 polymer     syn 
;DNA (5'-D(*CP*CP*GP*GP*AP*CP*CP*CP*GP*G)-3')
;
3030.981 1  ? ? ? ? 
3 non-polymer syn 'BARIUM ION'                                                               137.327  2  ? ? ? ? 
4 non-polymer syn 'Ruthenium (bis-(tetraazaphenanthrene)) (11,12-dicyano-dipyridophenazine)' 797.751  2  ? ? ? ? 
5 water       nat water                                                                      18.015   68 ? ? ? ? 
# 
loop_
_entity_poly.entity_id 
_entity_poly.type 
_entity_poly.nstd_linkage 
_entity_poly.nstd_monomer 
_entity_poly.pdbx_seq_one_letter_code 
_entity_poly.pdbx_seq_one_letter_code_can 
_entity_poly.pdbx_strand_id 
_entity_poly.pdbx_target_identifier 
1 polydeoxyribonucleotide no no '(DC)(DC)(DG)(DG)(DG)(DT)(DC)(DC)(DG)(DG)' CCGGGTCCGG A ? 
2 polydeoxyribonucleotide no no '(DC)(DC)(DG)(DG)(DA)(DC)(DC)(DC)(DG)(DG)' CCGGACCCGG B ? 
# 
loop_
_pdbx_entity_nonpoly.entity_id 
_pdbx_entity_nonpoly.name 
_pdbx_entity_nonpoly.comp_id 
3 'BARIUM ION'                                                               BA  
4 'Ruthenium (bis-(tetraazaphenanthrene)) (11,12-dicyano-dipyridophenazine)' EQQ 
5 water                                                                      HOH 
# 
loop_
_entity_poly_seq.entity_id 
_entity_poly_seq.num 
_entity_poly_seq.mon_id 
_entity_poly_seq.hetero 
1 1  DC n 
1 2  DC n 
1 3  DG n 
1 4  DG n 
1 5  DG n 
1 6  DT n 
1 7  DC n 
1 8  DC n 
1 9  DG n 
1 10 DG n 
2 1  DC n 
2 2  DC n 
2 3  DG n 
2 4  DG n 
2 5  DA n 
2 6  DC n 
2 7  DC n 
2 8  DC n 
2 9  DG n 
2 10 DG n 
# 
loop_
_pdbx_entity_src_syn.entity_id 
_pdbx_entity_src_syn.pdbx_src_id 
_pdbx_entity_src_syn.pdbx_alt_source_flag 
_pdbx_entity_src_syn.pdbx_beg_seq_num 
_pdbx_entity_src_syn.pdbx_end_seq_num 
_pdbx_entity_src_syn.organism_scientific 
_pdbx_entity_src_syn.organism_common_name 
_pdbx_entity_src_syn.ncbi_taxonomy_id 
_pdbx_entity_src_syn.details 
1 1 sample 1 10 'synthetic construct' ? 32630 ? 
2 1 sample 1 10 'synthetic construct' ? 32630 ? 
# 
loop_
_chem_comp.id 
_chem_comp.type 
_chem_comp.mon_nstd_flag 
_chem_comp.name 
_chem_comp.pdbx_synonyms 
_chem_comp.formula 
_chem_comp.formula_weight 
BA  non-polymer   . 'BARIUM ION'                                                               ? 'Ba 2'            137.327 
DA  'DNA linking' y "2'-DEOXYADENOSINE-5'-MONOPHOSPHATE"                                       ? 'C10 H14 N5 O6 P' 331.222 
DC  'DNA linking' y "2'-DEOXYCYTIDINE-5'-MONOPHOSPHATE"                                        ? 'C9 H14 N3 O7 P'  307.197 
DG  'DNA linking' y "2'-DEOXYGUANOSINE-5'-MONOPHOSPHATE"                                       ? 'C10 H14 N5 O7 P' 347.221 
DT  'DNA linking' y "THYMIDINE-5'-MONOPHOSPHATE"                                               ? 'C10 H15 N2 O8 P' 322.208 
EQQ non-polymer   . 'Ruthenium (bis-(tetraazaphenanthrene)) (11,12-dicyano-dipyridophenazine)' ? 'C40 H20 N14 Ru'  797.751 
HOH non-polymer   . WATER                                                                      ? 'H2 O'            18.015  
# 
loop_
_pdbx_poly_seq_scheme.asym_id 
_pdbx_poly_seq_scheme.entity_id 
_pdbx_poly_seq_scheme.seq_id 
_pdbx_poly_seq_scheme.mon_id 
_pdbx_poly_seq_scheme.ndb_seq_num 
_pdbx_poly_seq_scheme.pdb_seq_num 
_pdbx_poly_seq_scheme.auth_seq_num 
_pdbx_poly_seq_scheme.pdb_mon_id 
_pdbx_poly_seq_scheme.auth_mon_id 
_pdbx_poly_seq_scheme.pdb_strand_id 
_pdbx_poly_seq_scheme.pdb_ins_code 
_pdbx_poly_seq_scheme.hetero 
A 1 1  DC 1  1  1  DC DC A . n 
A 1 2  DC 2  2  2  DC DC A . n 
A 1 3  DG 3  3  3  DG DG A . n 
A 1 4  DG 4  4  4  DG DG A . n 
A 1 5  DG 5  5  5  DG DG A . n 
A 1 6  DT 6  6  6  DT DT A . n 
A 1 7  DC 7  7  7  DC DC A . n 
A 1 8  DC 8  8  8  DC DC A . n 
A 1 9  DG 9  9  9  DG DG A . n 
A 1 10 DG 10 10 10 DG DG A . n 
B 2 1  DC 1  1  1  DC DC B . n 
B 2 2  DC 2  2  2  DC DC B . n 
B 2 3  DG 3  3  3  DG DG B . n 
B 2 4  DG 4  4  4  DG DG B . n 
B 2 5  DA 5  5  5  DA DA B . n 
B 2 6  DC 6  6  6  DC DC B . n 
B 2 7  DC 7  7  7  DC DC B . n 
B 2 8  DC 8  8  8  DC DC B . n 
B 2 9  DG 9  9  9  DG DG B . n 
B 2 10 DG 10 10 10 DG DG B . n 
# 
loop_
_pdbx_nonpoly_scheme.asym_id 
_pdbx_nonpoly_scheme.entity_id 
_pdbx_nonpoly_scheme.mon_id 
_pdbx_nonpoly_scheme.ndb_seq_num 
_pdbx_nonpoly_scheme.pdb_seq_num 
_pdbx_nonpoly_scheme.auth_seq_num 
_pdbx_nonpoly_scheme.pdb_mon_id 
_pdbx_nonpoly_scheme.auth_mon_id 
_pdbx_nonpoly_scheme.pdb_strand_id 
_pdbx_nonpoly_scheme.pdb_ins_code 
C 3 BA  1  101 101 BA  BA  A . 
D 4 EQQ 1  102 1   EQQ RC2 A . 
E 3 BA  1  101 102 BA  BA  B . 
F 4 EQQ 1  102 2   EQQ RC2 B . 
G 5 HOH 1  201 49  HOH HOH A . 
G 5 HOH 2  202 114 HOH HOH A . 
G 5 HOH 3  203 23  HOH HOH A . 
G 5 HOH 4  204 8   HOH HOH A . 
G 5 HOH 5  205 25  HOH HOH A . 
G 5 HOH 6  206 9   HOH HOH A . 
G 5 HOH 7  207 18  HOH HOH A . 
G 5 HOH 8  208 10  HOH HOH A . 
G 5 HOH 9  209 4   HOH HOH A . 
G 5 HOH 10 210 110 HOH HOH A . 
G 5 HOH 11 211 21  HOH HOH A . 
G 5 HOH 12 212 112 HOH HOH A . 
G 5 HOH 13 213 89  HOH HOH A . 
G 5 HOH 14 214 33  HOH HOH A . 
G 5 HOH 15 215 1   HOH HOH A . 
G 5 HOH 16 216 92  HOH HOH A . 
G 5 HOH 17 217 107 HOH HOH A . 
G 5 HOH 18 218 76  HOH HOH A . 
G 5 HOH 19 219 29  HOH HOH A . 
G 5 HOH 20 220 93  HOH HOH A . 
G 5 HOH 21 221 96  HOH HOH A . 
G 5 HOH 22 222 94  HOH HOH A . 
G 5 HOH 23 223 30  HOH HOH A . 
G 5 HOH 24 224 79  HOH HOH A . 
G 5 HOH 25 225 19  HOH HOH A . 
G 5 HOH 26 226 85  HOH HOH A . 
G 5 HOH 27 227 74  HOH HOH A . 
G 5 HOH 28 228 55  HOH HOH A . 
G 5 HOH 29 229 70  HOH HOH A . 
G 5 HOH 30 230 97  HOH HOH A . 
G 5 HOH 31 231 87  HOH HOH A . 
G 5 HOH 32 232 90  HOH HOH A . 
G 5 HOH 33 233 105 HOH HOH A . 
G 5 HOH 34 234 101 HOH HOH A . 
G 5 HOH 35 235 40  HOH HOH A . 
G 5 HOH 36 236 41  HOH HOH A . 
G 5 HOH 37 237 12  HOH HOH A . 
H 5 HOH 1  201 128 HOH HOH B . 
H 5 HOH 2  202 59  HOH HOH B . 
H 5 HOH 3  203 69  HOH HOH B . 
H 5 HOH 4  204 22  HOH HOH B . 
H 5 HOH 5  205 11  HOH HOH B . 
H 5 HOH 6  206 14  HOH HOH B . 
H 5 HOH 7  207 24  HOH HOH B . 
H 5 HOH 8  208 7   HOH HOH B . 
H 5 HOH 9  209 6   HOH HOH B . 
H 5 HOH 10 210 3   HOH HOH B . 
H 5 HOH 11 211 20  HOH HOH B . 
H 5 HOH 12 212 31  HOH HOH B . 
H 5 HOH 13 213 54  HOH HOH B . 
H 5 HOH 14 214 2   HOH HOH B . 
H 5 HOH 15 215 130 HOH HOH B . 
H 5 HOH 16 216 61  HOH HOH B . 
H 5 HOH 17 217 63  HOH HOH B . 
H 5 HOH 18 218 26  HOH HOH B . 
H 5 HOH 19 219 109 HOH HOH B . 
H 5 HOH 20 220 82  HOH HOH B . 
H 5 HOH 21 221 28  HOH HOH B . 
H 5 HOH 22 222 34  HOH HOH B . 
H 5 HOH 23 223 52  HOH HOH B . 
H 5 HOH 24 224 106 HOH HOH B . 
H 5 HOH 25 225 44  HOH HOH B . 
H 5 HOH 26 226 126 HOH HOH B . 
H 5 HOH 27 227 73  HOH HOH B . 
H 5 HOH 28 228 65  HOH HOH B . 
H 5 HOH 29 229 48  HOH HOH B . 
H 5 HOH 30 230 38  HOH HOH B . 
H 5 HOH 31 231 16  HOH HOH B . 
# 
loop_
_software.citation_id 
_software.classification 
_software.compiler_name 
_software.compiler_version 
_software.contact_author 
_software.contact_author_email 
_software.date 
_software.description 
_software.dependencies 
_software.hardware 
_software.language 
_software.location 
_software.mods 
_software.name 
_software.os 
_software.os_version 
_software.type 
_software.version 
_software.pdbx_ordinal 
? refinement       ? ? ? ? ? ? ? ? ? ? ? PHENIX  ? ? ? '(1.13_2998: ???)' 1 
? 'data reduction' ? ? ? ? ? ? ? ? ? ? ? DIALS   ? ? ? .                  2 
? 'data scaling'   ? ? ? ? ? ? ? ? ? ? ? Aimless ? ? ? .                  3 
? phasing          ? ? ? ? ? ? ? ? ? ? ? SHELXCD ? ? ? .                  4 
? 'data reduction' ? ? ? ? ? ? ? ? ? ? ? xia2    ? ? ? .                  5 
# 
_cell.angle_alpha                  90.00 
_cell.angle_alpha_esd              ? 
_cell.angle_beta                   90.00 
_cell.angle_beta_esd               ? 
_cell.angle_gamma                  90.00 
_cell.angle_gamma_esd              ? 
_cell.entry_id                     6G8S 
_cell.details                      ? 
_cell.formula_units_Z              ? 
_cell.length_a                     47.247 
_cell.length_a_esd                 ? 
_cell.length_b                     47.247 
_cell.length_b_esd                 ? 
_cell.length_c                     33.981 
_cell.length_c_esd                 ? 
_cell.volume                       ? 
_cell.volume_esd                   ? 
_cell.Z_PDB                        4 
_cell.reciprocal_angle_alpha       ? 
_cell.reciprocal_angle_beta        ? 
_cell.reciprocal_angle_gamma       ? 
_cell.reciprocal_angle_alpha_esd   ? 
_cell.reciprocal_angle_beta_esd    ? 
_cell.reciprocal_angle_gamma_esd   ? 
_cell.reciprocal_length_a          ? 
_cell.reciprocal_length_b          ? 
_cell.reciprocal_length_c          ? 
_cell.reciprocal_length_a_esd      ? 
_cell.reciprocal_length_b_esd      ? 
_cell.reciprocal_length_c_esd      ? 
_cell.pdbx_unique_axis             ? 
# 
_symmetry.entry_id                         6G8S 
_symmetry.cell_setting                     ? 
_symmetry.Int_Tables_number                78 
_symmetry.space_group_name_Hall            ? 
_symmetry.space_group_name_H-M             'P 43' 
_symmetry.pdbx_full_space_group_name_H-M   ? 
# 
_exptl.absorpt_coefficient_mu     ? 
_exptl.absorpt_correction_T_max   ? 
_exptl.absorpt_correction_T_min   ? 
_exptl.absorpt_correction_type    ? 
_exptl.absorpt_process_details    ? 
_exptl.entry_id                   6G8S 
_exptl.crystals_number            1 
_exptl.details                    ? 
_exptl.method                     'X-RAY DIFFRACTION' 
_exptl.method_details             ? 
# 
_exptl_crystal.colour                      ? 
_exptl_crystal.density_diffrn              ? 
_exptl_crystal.density_Matthews            3.11 
_exptl_crystal.density_method              ? 
_exptl_crystal.density_percent_sol         60.48 
_exptl_crystal.description                 ? 
_exptl_crystal.F_000                       ? 
_exptl_crystal.id                          1 
_exptl_crystal.preparation                 ? 
_exptl_crystal.size_max                    ? 
_exptl_crystal.size_mid                    ? 
_exptl_crystal.size_min                    ? 
_exptl_crystal.size_rad                    ? 
_exptl_crystal.colour_lustre               ? 
_exptl_crystal.colour_modifier             ? 
_exptl_crystal.colour_primary              ? 
_exptl_crystal.density_meas                ? 
_exptl_crystal.density_meas_esd            ? 
_exptl_crystal.density_meas_gt             ? 
_exptl_crystal.density_meas_lt             ? 
_exptl_crystal.density_meas_temp           ? 
_exptl_crystal.density_meas_temp_esd       ? 
_exptl_crystal.density_meas_temp_gt        ? 
_exptl_crystal.density_meas_temp_lt        ? 
_exptl_crystal.pdbx_crystal_image_url      ? 
_exptl_crystal.pdbx_crystal_image_format   ? 
_exptl_crystal.pdbx_mosaicity              ? 
_exptl_crystal.pdbx_mosaicity_esd          ? 
# 
_exptl_crystal_grow.apparatus       ? 
_exptl_crystal_grow.atmosphere      ? 
_exptl_crystal_grow.crystal_id      1 
_exptl_crystal_grow.details         ? 
_exptl_crystal_grow.method          'VAPOR DIFFUSION, SITTING DROP' 
_exptl_crystal_grow.method_ref      ? 
_exptl_crystal_grow.pH              7 
_exptl_crystal_grow.pressure        ? 
_exptl_crystal_grow.pressure_esd    ? 
_exptl_crystal_grow.seeding         ? 
_exptl_crystal_grow.seeding_ref     ? 
_exptl_crystal_grow.temp            291 
_exptl_crystal_grow.temp_details    ? 
_exptl_crystal_grow.temp_esd        ? 
_exptl_crystal_grow.time            ? 
_exptl_crystal_grow.pdbx_details    
;Crystallisation was observed in a number of conditions from the Nucleic Acid Mini-Screen from Hampton Research, where the best diffracting example came from a 8uL drop containing; 125 uM d(CCGGACCCGG/CCGGGTCCGG)2, 750 uM rac-[Ru(TAP)2(11,12-CN2-dppz)]2+, 7.5% v/v MPD, 30 mM pH 7 sodium cacodylate, 9 mM spermine tetrahydrochloride, 60 mM KCl and 15 mM BaCl2; all equilibrated against 1 mL of 35% v/v MPD. Orange/red rods grew following roughly 3 weeks of incubation at 291 K.
;
_exptl_crystal_grow.pdbx_pH_range   ? 
# 
_diffrn.ambient_environment    ? 
_diffrn.ambient_temp           100 
_diffrn.ambient_temp_details   ? 
_diffrn.ambient_temp_esd       ? 
_diffrn.crystal_id             1 
_diffrn.crystal_support        ? 
_diffrn.crystal_treatment      ? 
_diffrn.details                ? 
_diffrn.id                     1 
_diffrn.ambient_pressure       ? 
_diffrn.ambient_pressure_esd   ? 
_diffrn.ambient_pressure_gt    ? 
_diffrn.ambient_pressure_lt    ? 
_diffrn.ambient_temp_gt        ? 
_diffrn.ambient_temp_lt        ? 
# 
_diffrn_detector.details                      ? 
_diffrn_detector.detector                     PIXEL 
_diffrn_detector.diffrn_id                    1 
_diffrn_detector.type                         'DECTRIS PILATUS 6M-F' 
_diffrn_detector.area_resol_mean              ? 
_diffrn_detector.dtime                        ? 
_diffrn_detector.pdbx_frames_total            ? 
_diffrn_detector.pdbx_collection_time_total   ? 
_diffrn_detector.pdbx_collection_date         2017-07-23 
# 
_diffrn_radiation.collimation                      ? 
_diffrn_radiation.diffrn_id                        1 
_diffrn_radiation.filter_edge                      ? 
_diffrn_radiation.inhomogeneity                    ? 
_diffrn_radiation.monochromator                    'Dual Si(111)' 
_diffrn_radiation.polarisn_norm                    ? 
_diffrn_radiation.polarisn_ratio                   ? 
_diffrn_radiation.probe                            ? 
_diffrn_radiation.type                             ? 
_diffrn_radiation.xray_symbol                      ? 
_diffrn_radiation.wavelength_id                    1 
_diffrn_radiation.pdbx_monochromatic_or_laue_m_l   M 
_diffrn_radiation.pdbx_wavelength_list             ? 
_diffrn_radiation.pdbx_wavelength                  ? 
_diffrn_radiation.pdbx_diffrn_protocol             'SINGLE WAVELENGTH' 
_diffrn_radiation.pdbx_analyzer                    ? 
_diffrn_radiation.pdbx_scattering_type             x-ray 
# 
_diffrn_radiation_wavelength.id           1 
_diffrn_radiation_wavelength.wavelength   0.97950 
_diffrn_radiation_wavelength.wt           1.0 
# 
_diffrn_source.current                     ? 
_diffrn_source.details                     ? 
_diffrn_source.diffrn_id                   1 
_diffrn_source.power                       ? 
_diffrn_source.size                        ? 
_diffrn_source.source                      SYNCHROTRON 
_diffrn_source.target                      ? 
_diffrn_source.type                        'DIAMOND BEAMLINE I04' 
_diffrn_source.voltage                     ? 
_diffrn_source.take-off_angle              ? 
_diffrn_source.pdbx_wavelength_list        0.97950 
_diffrn_source.pdbx_wavelength             ? 
_diffrn_source.pdbx_synchrotron_beamline   I04 
_diffrn_source.pdbx_synchrotron_site       Diamond 
# 
_reflns.B_iso_Wilson_estimate            ? 
_reflns.entry_id                         6G8S 
_reflns.data_reduction_details           ? 
_reflns.data_reduction_method            ? 
_reflns.d_resolution_high                1.66 
_reflns.d_resolution_low                 27.59 
_reflns.details                          ? 
_reflns.limit_h_max                      ? 
_reflns.limit_h_min                      ? 
_reflns.limit_k_max                      ? 
_reflns.limit_k_min                      ? 
_reflns.limit_l_max                      ? 
_reflns.limit_l_min                      ? 
_reflns.number_all                       ? 
_reflns.number_obs                       9018 
_reflns.observed_criterion               ? 
_reflns.observed_criterion_F_max         ? 
_reflns.observed_criterion_F_min         ? 
_reflns.observed_criterion_I_max         ? 
_reflns.observed_criterion_I_min         ? 
_reflns.observed_criterion_sigma_F       ? 
_reflns.observed_criterion_sigma_I       -3 
_reflns.percent_possible_obs             100 
_reflns.R_free_details                   ? 
_reflns.Rmerge_F_all                     ? 
_reflns.Rmerge_F_obs                     ? 
_reflns.Friedel_coverage                 ? 
_reflns.number_gt                        ? 
_reflns.threshold_expression             ? 
_reflns.pdbx_redundancy                  12.9 
_reflns.pdbx_Rmerge_I_obs                0.051 
_reflns.pdbx_Rmerge_I_all                ? 
_reflns.pdbx_Rsym_value                  ? 
_reflns.pdbx_netI_over_av_sigmaI         ? 
_reflns.pdbx_netI_over_sigmaI            23.9 
_reflns.pdbx_res_netI_over_av_sigmaI_2   ? 
_reflns.pdbx_res_netI_over_sigmaI_2      ? 
_reflns.pdbx_chi_squared                 ? 
_reflns.pdbx_scaling_rejects             ? 
_reflns.pdbx_d_res_high_opt              ? 
_reflns.pdbx_d_res_low_opt               ? 
_reflns.pdbx_d_res_opt_method            ? 
_reflns.phase_calculation_details        ? 
_reflns.pdbx_Rrim_I_all                  0.053 
_reflns.pdbx_Rpim_I_all                  0.015 
_reflns.pdbx_d_opt                       ? 
_reflns.pdbx_number_measured_all         ? 
_reflns.pdbx_diffrn_id                   1 
_reflns.pdbx_ordinal                     1 
_reflns.pdbx_CC_half                     0.999 
_reflns.pdbx_R_split                     ? 
# 
_reflns_shell.d_res_high                  1.66 
_reflns_shell.d_res_low                   1.69 
_reflns_shell.meanI_over_sigI_all         ? 
_reflns_shell.meanI_over_sigI_obs         2.4 
_reflns_shell.number_measured_all         ? 
_reflns_shell.number_measured_obs         ? 
_reflns_shell.number_possible             ? 
_reflns_shell.number_unique_all           ? 
_reflns_shell.number_unique_obs           460 
_reflns_shell.percent_possible_all        100 
_reflns_shell.percent_possible_obs        ? 
_reflns_shell.Rmerge_F_all                ? 
_reflns_shell.Rmerge_F_obs                ? 
_reflns_shell.Rmerge_I_all                ? 
_reflns_shell.Rmerge_I_obs                0.905 
_reflns_shell.meanI_over_sigI_gt          ? 
_reflns_shell.meanI_over_uI_all           ? 
_reflns_shell.meanI_over_uI_gt            ? 
_reflns_shell.number_measured_gt          ? 
_reflns_shell.number_unique_gt            ? 
_reflns_shell.percent_possible_gt         ? 
_reflns_shell.Rmerge_F_gt                 ? 
_reflns_shell.Rmerge_I_gt                 ? 
_reflns_shell.pdbx_redundancy             13 
_reflns_shell.pdbx_Rsym_value             ? 
_reflns_shell.pdbx_chi_squared            ? 
_reflns_shell.pdbx_netI_over_sigmaI_all   ? 
_reflns_shell.pdbx_netI_over_sigmaI_obs   ? 
_reflns_shell.pdbx_Rrim_I_all             0.942 
_reflns_shell.pdbx_Rpim_I_all             0.261 
_reflns_shell.pdbx_rejects                ? 
_reflns_shell.pdbx_ordinal                1 
_reflns_shell.pdbx_diffrn_id              1 
_reflns_shell.pdbx_CC_half                0.652 
_reflns_shell.pdbx_R_split                ? 
# 
_refine.aniso_B[1][1]                            ? 
_refine.aniso_B[1][2]                            ? 
_refine.aniso_B[1][3]                            ? 
_refine.aniso_B[2][2]                            ? 
_refine.aniso_B[2][3]                            ? 
_refine.aniso_B[3][3]                            ? 
_refine.B_iso_max                                ? 
_refine.B_iso_mean                               ? 
_refine.B_iso_min                                ? 
_refine.correlation_coeff_Fo_to_Fc               ? 
_refine.correlation_coeff_Fo_to_Fc_free          ? 
_refine.details                                  ? 
_refine.diff_density_max                         ? 
_refine.diff_density_max_esd                     ? 
_refine.diff_density_min                         ? 
_refine.diff_density_min_esd                     ? 
_refine.diff_density_rms                         ? 
_refine.diff_density_rms_esd                     ? 
_refine.entry_id                                 6G8S 
_refine.pdbx_refine_id                           'X-RAY DIFFRACTION' 
_refine.ls_abs_structure_details                 ? 
_refine.ls_abs_structure_Flack                   ? 
_refine.ls_abs_structure_Flack_esd               ? 
_refine.ls_abs_structure_Rogers                  ? 
_refine.ls_abs_structure_Rogers_esd              ? 
_refine.ls_d_res_high                            1.660 
_refine.ls_d_res_low                             23.623 
_refine.ls_extinction_coef                       ? 
_refine.ls_extinction_coef_esd                   ? 
_refine.ls_extinction_expression                 ? 
_refine.ls_extinction_method                     ? 
_refine.ls_goodness_of_fit_all                   ? 
_refine.ls_goodness_of_fit_all_esd               ? 
_refine.ls_goodness_of_fit_obs                   ? 
_refine.ls_goodness_of_fit_obs_esd               ? 
_refine.ls_hydrogen_treatment                    ? 
_refine.ls_matrix_type                           ? 
_refine.ls_number_constraints                    ? 
_refine.ls_number_parameters                     ? 
_refine.ls_number_reflns_all                     ? 
_refine.ls_number_reflns_obs                     9018 
_refine.ls_number_reflns_R_free                  941 
_refine.ls_number_reflns_R_work                  ? 
_refine.ls_number_restraints                     ? 
_refine.ls_percent_reflns_obs                    99.96 
_refine.ls_percent_reflns_R_free                 5.42 
_refine.ls_R_factor_all                          ? 
_refine.ls_R_factor_obs                          0.1883 
_refine.ls_R_factor_R_free                       0.2034 
_refine.ls_R_factor_R_free_error                 ? 
_refine.ls_R_factor_R_free_error_details         ? 
_refine.ls_R_factor_R_work                       0.1873 
_refine.ls_R_Fsqd_factor_obs                     ? 
_refine.ls_R_I_factor_obs                        ? 
_refine.ls_redundancy_reflns_all                 ? 
_refine.ls_redundancy_reflns_obs                 ? 
_refine.ls_restrained_S_all                      ? 
_refine.ls_restrained_S_obs                      ? 
_refine.ls_shift_over_esd_max                    ? 
_refine.ls_shift_over_esd_mean                   ? 
_refine.ls_structure_factor_coef                 ? 
_refine.ls_weighting_details                     ? 
_refine.ls_weighting_scheme                      ? 
_refine.ls_wR_factor_all                         ? 
_refine.ls_wR_factor_obs                         ? 
_refine.ls_wR_factor_R_free                      ? 
_refine.ls_wR_factor_R_work                      ? 
_refine.occupancy_max                            ? 
_refine.occupancy_min                            ? 
_refine.solvent_model_details                    ? 
_refine.solvent_model_param_bsol                 ? 
_refine.solvent_model_param_ksol                 ? 
_refine.ls_R_factor_gt                           ? 
_refine.ls_goodness_of_fit_gt                    ? 
_refine.ls_goodness_of_fit_ref                   ? 
_refine.ls_shift_over_su_max                     ? 
_refine.ls_shift_over_su_max_lt                  ? 
_refine.ls_shift_over_su_mean                    ? 
_refine.ls_shift_over_su_mean_lt                 ? 
_refine.pdbx_ls_sigma_I                          ? 
_refine.pdbx_ls_sigma_F                          1.51 
_refine.pdbx_ls_sigma_Fsqd                       ? 
_refine.pdbx_data_cutoff_high_absF               ? 
_refine.pdbx_data_cutoff_high_rms_absF           ? 
_refine.pdbx_data_cutoff_low_absF                ? 
_refine.pdbx_isotropic_thermal_model             ? 
_refine.pdbx_ls_cross_valid_method               THROUGHOUT 
_refine.pdbx_method_to_determine_struct          SAD 
_refine.pdbx_starting_model                      ? 
_refine.pdbx_stereochemistry_target_values       ? 
_refine.pdbx_R_Free_selection_details            ? 
_refine.pdbx_stereochem_target_val_spec_case     ? 
_refine.pdbx_overall_ESU_R                       ? 
_refine.pdbx_overall_ESU_R_Free                  ? 
_refine.pdbx_solvent_vdw_probe_radii             1.11 
_refine.pdbx_solvent_ion_probe_radii             ? 
_refine.pdbx_solvent_shrinkage_radii             0.90 
_refine.pdbx_real_space_R                        ? 
_refine.pdbx_density_correlation                 ? 
_refine.pdbx_pd_number_of_powder_patterns        ? 
_refine.pdbx_pd_number_of_points                 ? 
_refine.pdbx_pd_meas_number_of_points            ? 
_refine.pdbx_pd_proc_ls_prof_R_factor            ? 
_refine.pdbx_pd_proc_ls_prof_wR_factor           ? 
_refine.pdbx_pd_Marquardt_correlation_coeff      ? 
_refine.pdbx_pd_Fsqrd_R_factor                   ? 
_refine.pdbx_pd_ls_matrix_band_width             ? 
_refine.pdbx_overall_phase_error                 31.09 
_refine.pdbx_overall_SU_R_free_Cruickshank_DPI   ? 
_refine.pdbx_overall_SU_R_free_Blow_DPI          ? 
_refine.pdbx_overall_SU_R_Blow_DPI               ? 
_refine.pdbx_TLS_residual_ADP_flag               ? 
_refine.pdbx_diffrn_id                           1 
_refine.overall_SU_B                             ? 
_refine.overall_SU_ML                            0.22 
_refine.overall_SU_R_Cruickshank_DPI             ? 
_refine.overall_SU_R_free                        ? 
_refine.overall_FOM_free_R_set                   ? 
_refine.overall_FOM_work_R_set                   ? 
_refine.pdbx_average_fsc_overall                 ? 
_refine.pdbx_average_fsc_work                    ? 
_refine.pdbx_average_fsc_free                    ? 
# 
_refine_hist.pdbx_refine_id                   'X-RAY DIFFRACTION' 
_refine_hist.cycle_id                         LAST 
_refine_hist.pdbx_number_atoms_protein        0 
_refine_hist.pdbx_number_atoms_nucleic_acid   404 
_refine_hist.pdbx_number_atoms_ligand         112 
_refine_hist.number_atoms_solvent             68 
_refine_hist.number_atoms_total               584 
_refine_hist.d_res_high                       1.660 
_refine_hist.d_res_low                        23.623 
# 
loop_
_refine_ls_restr.pdbx_refine_id 
_refine_ls_restr.criterion 
_refine_ls_restr.dev_ideal 
_refine_ls_restr.dev_ideal_target 
_refine_ls_restr.number 
_refine_ls_restr.rejects 
_refine_ls_restr.type 
_refine_ls_restr.weight 
_refine_ls_restr.pdbx_restraint_function 
'X-RAY DIFFRACTION' ? 0.005  ? 638  ? f_bond_d           ? ? 
'X-RAY DIFFRACTION' ? 0.939  ? 1002 ? f_angle_d          ? ? 
'X-RAY DIFFRACTION' ? 27.173 ? 222  ? f_dihedral_angle_d ? ? 
'X-RAY DIFFRACTION' ? 0.045  ? 92   ? f_chiral_restr     ? ? 
'X-RAY DIFFRACTION' ? 0.004  ? 28   ? f_plane_restr      ? ? 
# 
loop_
_refine_ls_shell.pdbx_refine_id 
_refine_ls_shell.d_res_high 
_refine_ls_shell.d_res_low 
_refine_ls_shell.number_reflns_all 
_refine_ls_shell.number_reflns_obs 
_refine_ls_shell.number_reflns_R_free 
_refine_ls_shell.number_reflns_R_work 
_refine_ls_shell.percent_reflns_obs 
_refine_ls_shell.percent_reflns_R_free 
_refine_ls_shell.R_factor_all 
_refine_ls_shell.R_factor_obs 
_refine_ls_shell.R_factor_R_free 
_refine_ls_shell.R_factor_R_free_error 
_refine_ls_shell.R_factor_R_work 
_refine_ls_shell.redundancy_reflns_all 
_refine_ls_shell.redundancy_reflns_obs 
_refine_ls_shell.wR_factor_all 
_refine_ls_shell.wR_factor_obs 
_refine_ls_shell.wR_factor_R_free 
_refine_ls_shell.wR_factor_R_work 
_refine_ls_shell.pdbx_total_number_of_bins_used 
_refine_ls_shell.pdbx_phase_error 
_refine_ls_shell.pdbx_fsc_work 
_refine_ls_shell.pdbx_fsc_free 
'X-RAY DIFFRACTION' 1.6601 1.7476  . . 130 2356 100.00 . . . 0.3934 . 0.3962 . . . . . . . . . . 
'X-RAY DIFFRACTION' 1.7476 1.8570  . . 118 2352 100.00 . . . 0.4328 . 0.3389 . . . . . . . . . . 
'X-RAY DIFFRACTION' 1.8570 2.0003  . . 138 2366 100.00 . . . 0.2722 . 0.2909 . . . . . . . . . . 
'X-RAY DIFFRACTION' 2.0003 2.2015  . . 128 2323 100.00 . . . 0.1866 . 0.2307 . . . . . . . . . . 
'X-RAY DIFFRACTION' 2.2015 2.5198  . . 127 2374 100.00 . . . 0.2634 . 0.1989 . . . . . . . . . . 
'X-RAY DIFFRACTION' 2.5198 3.1734  . . 135 2337 100.00 . . . 0.2438 . 0.1998 . . . . . . . . . . 
'X-RAY DIFFRACTION' 3.1734 23.6258 . . 165 2312 100.00 . . . 0.1639 . 0.1483 . . . . . . . . . . 
# 
_struct.entry_id                     6G8S 
_struct.title                        '[Ru(TAP)2(11,12-CN2-dppz)]2+ bound to d(CCGGACCCGG/CCGGGTCCGG)2' 
_struct.pdbx_model_details           ? 
_struct.pdbx_formula_weight          ? 
_struct.pdbx_formula_weight_method   ? 
_struct.pdbx_model_type_details      ? 
_struct.pdbx_CASP_flag               N 
# 
_struct_keywords.entry_id        6G8S 
_struct_keywords.text            'Ruthenium, intercalation, DNA, asymmetric' 
_struct_keywords.pdbx_keywords   DNA 
# 
loop_
_struct_asym.id 
_struct_asym.pdbx_blank_PDB_chainid_flag 
_struct_asym.pdbx_modified 
_struct_asym.entity_id 
_struct_asym.details 
A N N 1 ? 
B N N 2 ? 
C N N 3 ? 
D N N 4 ? 
E N N 3 ? 
F N N 4 ? 
G N N 5 ? 
H N N 5 ? 
# 
loop_
_struct_ref.id 
_struct_ref.db_name 
_struct_ref.db_code 
_struct_ref.pdbx_db_accession 
_struct_ref.pdbx_db_isoform 
_struct_ref.entity_id 
_struct_ref.pdbx_seq_one_letter_code 
_struct_ref.pdbx_align_begin 
1 PDB 6G8S 6G8S ? 1 ? 1 
2 PDB 6G8S 6G8S ? 2 ? 1 
# 
loop_
_struct_ref_seq.align_id 
_struct_ref_seq.ref_id 
_struct_ref_seq.pdbx_PDB_id_code 
_struct_ref_seq.pdbx_strand_id 
_struct_ref_seq.seq_align_beg 
_struct_ref_seq.pdbx_seq_align_beg_ins_code 
_struct_ref_seq.seq_align_end 
_struct_ref_seq.pdbx_seq_align_end_ins_code 
_struct_ref_seq.pdbx_db_accession 
_struct_ref_seq.db_align_beg 
_struct_ref_seq.pdbx_db_align_beg_ins_code 
_struct_ref_seq.db_align_end 
_struct_ref_seq.pdbx_db_align_end_ins_code 
_struct_ref_seq.pdbx_auth_seq_align_beg 
_struct_ref_seq.pdbx_auth_seq_align_end 
1 1 6G8S A 1 ? 10 ? 6G8S 1 ? 10 ? 1 10 
2 2 6G8S B 1 ? 10 ? 6G8S 1 ? 10 ? 1 10 
# 
_pdbx_struct_assembly.id                   1 
_pdbx_struct_assembly.details              author_and_software_defined_assembly 
_pdbx_struct_assembly.method_details       PISA 
_pdbx_struct_assembly.oligomeric_details   dimeric 
_pdbx_struct_assembly.oligomeric_count     2 
# 
loop_
_pdbx_struct_assembly_prop.biol_id 
_pdbx_struct_assembly_prop.type 
_pdbx_struct_assembly_prop.value 
_pdbx_struct_assembly_prop.details 
1 'ABSA (A^2)' 2120 ? 
1 MORE         -32  ? 
1 'SSA (A^2)'  4480 ? 
# 
_pdbx_struct_assembly_gen.assembly_id       1 
_pdbx_struct_assembly_gen.oper_expression   1 
_pdbx_struct_assembly_gen.asym_id_list      A,B,C,D,E,F,G,H 
# 
_pdbx_struct_assembly_auth_evidence.id                     1 
_pdbx_struct_assembly_auth_evidence.assembly_id            1 
_pdbx_struct_assembly_auth_evidence.experimental_support   none 
_pdbx_struct_assembly_auth_evidence.details                ? 
# 
_pdbx_struct_oper_list.id                   1 
_pdbx_struct_oper_list.type                 'identity operation' 
_pdbx_struct_oper_list.name                 1_555 
_pdbx_struct_oper_list.symmetry_operation   x,y,z 
_pdbx_struct_oper_list.matrix[1][1]         1.0000000000 
_pdbx_struct_oper_list.matrix[1][2]         0.0000000000 
_pdbx_struct_oper_list.matrix[1][3]         0.0000000000 
_pdbx_struct_oper_list.vector[1]            0.0000000000 
_pdbx_struct_oper_list.matrix[2][1]         0.0000000000 
_pdbx_struct_oper_list.matrix[2][2]         1.0000000000 
_pdbx_struct_oper_list.matrix[2][3]         0.0000000000 
_pdbx_struct_oper_list.vector[2]            0.0000000000 
_pdbx_struct_oper_list.matrix[3][1]         0.0000000000 
_pdbx_struct_oper_list.matrix[3][2]         0.0000000000 
_pdbx_struct_oper_list.matrix[3][3]         1.0000000000 
_pdbx_struct_oper_list.vector[3]            0.0000000000 
# 
loop_
_struct_conn.id 
_struct_conn.conn_type_id 
_struct_conn.pdbx_leaving_atom_flag 
_struct_conn.pdbx_PDB_id 
_struct_conn.ptnr1_label_asym_id 
_struct_conn.ptnr1_label_comp_id 
_struct_conn.ptnr1_label_seq_id 
_struct_conn.ptnr1_label_atom_id 
_struct_conn.pdbx_ptnr1_label_alt_id 
_struct_conn.pdbx_ptnr1_PDB_ins_code 
_struct_conn.pdbx_ptnr1_standard_comp_id 
_struct_conn.ptnr1_symmetry 
_struct_conn.ptnr2_label_asym_id 
_struct_conn.ptnr2_label_comp_id 
_struct_conn.ptnr2_label_seq_id 
_struct_conn.ptnr2_label_atom_id 
_struct_conn.pdbx_ptnr2_label_alt_id 
_struct_conn.pdbx_ptnr2_PDB_ins_code 
_struct_conn.ptnr1_auth_asym_id 
_struct_conn.ptnr1_auth_comp_id 
_struct_conn.ptnr1_auth_seq_id 
_struct_conn.ptnr2_auth_asym_id 
_struct_conn.ptnr2_auth_comp_id 
_struct_conn.ptnr2_auth_seq_id 
_struct_conn.ptnr2_symmetry 
_struct_conn.pdbx_ptnr3_label_atom_id 
_struct_conn.pdbx_ptnr3_label_seq_id 
_struct_conn.pdbx_ptnr3_label_comp_id 
_struct_conn.pdbx_ptnr3_label_asym_id 
_struct_conn.pdbx_ptnr3_label_alt_id 
_struct_conn.pdbx_ptnr3_PDB_ins_code 
_struct_conn.details 
_struct_conn.pdbx_dist_value 
_struct_conn.pdbx_value_order 
_struct_conn.pdbx_role 
metalc1  metalc ? ? A DG  4  O6 ? ? ? 1_555 C BA  .  BA ? ? A DG  4   A BA  101 1_555 ? ? ? ? ? ? ?            2.753 ? ? 
metalc2  metalc ? ? C BA  .  BA ? ? ? 1_555 G HOH .  O  ? ? A BA  101 A HOH 204 1_555 ? ? ? ? ? ? ?            2.672 ? ? 
metalc3  metalc ? ? C BA  .  BA ? ? ? 1_555 G HOH .  O  ? ? A BA  101 A HOH 208 1_555 ? ? ? ? ? ? ?            2.777 ? ? 
metalc4  metalc ? ? C BA  .  BA ? ? ? 1_555 G HOH .  O  ? ? A BA  101 A HOH 211 1_555 ? ? ? ? ? ? ?            2.725 ? ? 
metalc5  metalc ? ? C BA  .  BA ? ? ? 1_555 G HOH .  O  ? ? A BA  101 A HOH 217 1_555 ? ? ? ? ? ? ?            2.957 ? ? 
metalc6  metalc ? ? C BA  .  BA ? ? ? 1_555 G HOH .  O  ? ? A BA  101 A HOH 237 1_555 ? ? ? ? ? ? ?            2.704 ? ? 
metalc7  metalc ? ? C BA  .  BA ? ? ? 1_555 H HOH .  O  ? ? A BA  101 B HOH 212 1_555 ? ? ? ? ? ? ?            2.963 ? ? 
metalc8  metalc ? ? G HOH .  O  ? ? ? 1_555 E BA  .  BA ? ? A HOH 214 B BA  101 1_555 ? ? ? ? ? ? ?            2.983 ? ? 
metalc9  metalc ? ? B DG  4  O6 ? ? ? 1_555 E BA  .  BA ? ? B DG  4   B BA  101 1_555 ? ? ? ? ? ? ?            2.757 ? ? 
metalc10 metalc ? ? E BA  .  BA ? ? ? 1_555 H HOH .  O  ? ? B BA  101 B HOH 205 1_555 ? ? ? ? ? ? ?            2.747 ? ? 
metalc11 metalc ? ? E BA  .  BA ? ? ? 1_555 H HOH .  O  ? ? B BA  101 B HOH 208 1_555 ? ? ? ? ? ? ?            2.682 ? ? 
metalc12 metalc ? ? E BA  .  BA ? ? ? 1_555 H HOH .  O  ? ? B BA  101 B HOH 211 1_555 ? ? ? ? ? ? ?            2.790 ? ? 
metalc13 metalc ? ? E BA  .  BA ? ? ? 1_555 H HOH .  O  ? ? B BA  101 B HOH 220 1_555 ? ? ? ? ? ? ?            2.913 ? ? 
metalc14 metalc ? ? E BA  .  BA ? ? ? 1_555 H HOH .  O  ? ? B BA  101 B HOH 231 1_555 ? ? ? ? ? ? ?            2.718 ? ? 
hydrog1  hydrog ? ? A DC  1  N4 ? ? ? 1_555 B DG  10 O6 ? ? A DC  1   B DG  10  1_555 ? ? ? ? ? ? 'DC-DG PAIR' ?     ? ? 
hydrog2  hydrog ? ? A DC  2  N3 ? ? ? 1_555 B DG  9  N1 ? ? A DC  2   B DG  9   1_555 ? ? ? ? ? ? WATSON-CRICK ?     ? ? 
hydrog3  hydrog ? ? A DC  2  N4 ? ? ? 1_555 B DG  9  O6 ? ? A DC  2   B DG  9   1_555 ? ? ? ? ? ? WATSON-CRICK ?     ? ? 
hydrog4  hydrog ? ? A DC  2  O2 ? ? ? 1_555 B DG  9  N2 ? ? A DC  2   B DG  9   1_555 ? ? ? ? ? ? WATSON-CRICK ?     ? ? 
hydrog5  hydrog ? ? A DG  3  N1 ? ? ? 1_555 B DC  8  N3 ? ? A DG  3   B DC  8   1_555 ? ? ? ? ? ? WATSON-CRICK ?     ? ? 
hydrog6  hydrog ? ? A DG  3  N2 ? ? ? 1_555 B DC  8  O2 ? ? A DG  3   B DC  8   1_555 ? ? ? ? ? ? WATSON-CRICK ?     ? ? 
hydrog7  hydrog ? ? A DG  3  O6 ? ? ? 1_555 B DC  8  N4 ? ? A DG  3   B DC  8   1_555 ? ? ? ? ? ? WATSON-CRICK ?     ? ? 
hydrog8  hydrog ? ? A DG  4  N1 ? ? ? 1_555 B DC  7  N3 ? ? A DG  4   B DC  7   1_555 ? ? ? ? ? ? WATSON-CRICK ?     ? ? 
hydrog9  hydrog ? ? A DG  4  N2 ? ? ? 1_555 B DC  7  O2 ? ? A DG  4   B DC  7   1_555 ? ? ? ? ? ? WATSON-CRICK ?     ? ? 
hydrog10 hydrog ? ? A DG  4  O6 ? ? ? 1_555 B DC  7  N4 ? ? A DG  4   B DC  7   1_555 ? ? ? ? ? ? WATSON-CRICK ?     ? ? 
hydrog11 hydrog ? ? A DG  5  N1 ? ? ? 1_555 B DC  6  N3 ? ? A DG  5   B DC  6   1_555 ? ? ? ? ? ? WATSON-CRICK ?     ? ? 
hydrog12 hydrog ? ? A DG  5  N2 ? ? ? 1_555 B DC  6  O2 ? ? A DG  5   B DC  6   1_555 ? ? ? ? ? ? WATSON-CRICK ?     ? ? 
hydrog13 hydrog ? ? A DG  5  O6 ? ? ? 1_555 B DC  6  N4 ? ? A DG  5   B DC  6   1_555 ? ? ? ? ? ? WATSON-CRICK ?     ? ? 
hydrog14 hydrog ? ? A DT  6  N3 ? ? ? 1_555 B DA  5  N1 ? ? A DT  6   B DA  5   1_555 ? ? ? ? ? ? WATSON-CRICK ?     ? ? 
hydrog15 hydrog ? ? A DT  6  O4 ? ? ? 1_555 B DA  5  N6 ? ? A DT  6   B DA  5   1_555 ? ? ? ? ? ? WATSON-CRICK ?     ? ? 
hydrog16 hydrog ? ? A DC  7  N3 ? ? ? 1_555 B DG  4  N1 ? ? A DC  7   B DG  4   1_555 ? ? ? ? ? ? WATSON-CRICK ?     ? ? 
hydrog17 hydrog ? ? A DC  7  N4 ? ? ? 1_555 B DG  4  O6 ? ? A DC  7   B DG  4   1_555 ? ? ? ? ? ? WATSON-CRICK ?     ? ? 
hydrog18 hydrog ? ? A DC  7  O2 ? ? ? 1_555 B DG  4  N2 ? ? A DC  7   B DG  4   1_555 ? ? ? ? ? ? WATSON-CRICK ?     ? ? 
hydrog19 hydrog ? ? A DC  8  N3 ? ? ? 1_555 B DG  3  N1 ? ? A DC  8   B DG  3   1_555 ? ? ? ? ? ? WATSON-CRICK ?     ? ? 
hydrog20 hydrog ? ? A DC  8  N4 ? ? ? 1_555 B DG  3  O6 ? ? A DC  8   B DG  3   1_555 ? ? ? ? ? ? WATSON-CRICK ?     ? ? 
hydrog21 hydrog ? ? A DC  8  O2 ? ? ? 1_555 B DG  3  N2 ? ? A DC  8   B DG  3   1_555 ? ? ? ? ? ? WATSON-CRICK ?     ? ? 
hydrog22 hydrog ? ? A DG  9  N1 A ? ? 1_555 B DC  2  N3 ? ? A DG  9   B DC  2   1_555 ? ? ? ? ? ? WATSON-CRICK ?     ? ? 
hydrog23 hydrog ? ? A DG  9  N1 B ? ? 1_555 B DC  2  N3 ? ? A DG  9   B DC  2   1_555 ? ? ? ? ? ? WATSON-CRICK ?     ? ? 
hydrog24 hydrog ? ? A DG  9  N2 A ? ? 1_555 B DC  2  O2 ? ? A DG  9   B DC  2   1_555 ? ? ? ? ? ? WATSON-CRICK ?     ? ? 
hydrog25 hydrog ? ? A DG  9  N2 B ? ? 1_555 B DC  2  O2 ? ? A DG  9   B DC  2   1_555 ? ? ? ? ? ? WATSON-CRICK ?     ? ? 
hydrog26 hydrog ? ? A DG  9  O6 A ? ? 1_555 B DC  2  N4 ? ? A DG  9   B DC  2   1_555 ? ? ? ? ? ? WATSON-CRICK ?     ? ? 
hydrog27 hydrog ? ? A DG  9  O6 B ? ? 1_555 B DC  2  N4 ? ? A DG  9   B DC  2   1_555 ? ? ? ? ? ? WATSON-CRICK ?     ? ? 
hydrog28 hydrog ? ? A DG  10 O6 A ? ? 1_555 B DC  1  N4 ? ? A DG  10  B DC  1   1_555 ? ? ? ? ? ? 'DG-DC PAIR' ?     ? ? 
hydrog29 hydrog ? ? A DG  10 O6 B ? ? 1_555 B DC  1  N4 ? ? A DG  10  B DC  1   1_555 ? ? ? ? ? ? 'DG-DC PAIR' ?     ? ? 
# 
loop_
_struct_conn_type.id 
_struct_conn_type.criteria 
_struct_conn_type.reference 
metalc ? ? 
hydrog ? ? 
# 
loop_
_pdbx_struct_conn_angle.id 
_pdbx_struct_conn_angle.ptnr1_label_atom_id 
_pdbx_struct_conn_angle.ptnr1_label_alt_id 
_pdbx_struct_conn_angle.ptnr1_label_asym_id 
_pdbx_struct_conn_angle.ptnr1_label_comp_id 
_pdbx_struct_conn_angle.ptnr1_label_seq_id 
_pdbx_struct_conn_angle.ptnr1_auth_atom_id 
_pdbx_struct_conn_angle.ptnr1_auth_asym_id 
_pdbx_struct_conn_angle.ptnr1_auth_comp_id 
_pdbx_struct_conn_angle.ptnr1_auth_seq_id 
_pdbx_struct_conn_angle.ptnr1_PDB_ins_code 
_pdbx_struct_conn_angle.ptnr1_symmetry 
_pdbx_struct_conn_angle.ptnr2_label_atom_id 
_pdbx_struct_conn_angle.ptnr2_label_alt_id 
_pdbx_struct_conn_angle.ptnr2_label_asym_id 
_pdbx_struct_conn_angle.ptnr2_label_comp_id 
_pdbx_struct_conn_angle.ptnr2_label_seq_id 
_pdbx_struct_conn_angle.ptnr2_auth_atom_id 
_pdbx_struct_conn_angle.ptnr2_auth_asym_id 
_pdbx_struct_conn_angle.ptnr2_auth_comp_id 
_pdbx_struct_conn_angle.ptnr2_auth_seq_id 
_pdbx_struct_conn_angle.ptnr2_PDB_ins_code 
_pdbx_struct_conn_angle.ptnr2_symmetry 
_pdbx_struct_conn_angle.ptnr3_label_atom_id 
_pdbx_struct_conn_angle.ptnr3_label_alt_id 
_pdbx_struct_conn_angle.ptnr3_label_asym_id 
_pdbx_struct_conn_angle.ptnr3_label_comp_id 
_pdbx_struct_conn_angle.ptnr3_label_seq_id 
_pdbx_struct_conn_angle.ptnr3_auth_atom_id 
_pdbx_struct_conn_angle.ptnr3_auth_asym_id 
_pdbx_struct_conn_angle.ptnr3_auth_comp_id 
_pdbx_struct_conn_angle.ptnr3_auth_seq_id 
_pdbx_struct_conn_angle.ptnr3_PDB_ins_code 
_pdbx_struct_conn_angle.ptnr3_symmetry 
_pdbx_struct_conn_angle.value 
_pdbx_struct_conn_angle.value_esd 
1  O6 ? A DG  4 ? A DG  4   ? 1_555 BA ? C BA . ? A BA 101 ? 1_555 O  ? G HOH . ? A HOH 204 ? 1_555 67.6  ? 
2  O6 ? A DG  4 ? A DG  4   ? 1_555 BA ? C BA . ? A BA 101 ? 1_555 O  ? G HOH . ? A HOH 208 ? 1_555 128.7 ? 
3  O  ? G HOH . ? A HOH 204 ? 1_555 BA ? C BA . ? A BA 101 ? 1_555 O  ? G HOH . ? A HOH 208 ? 1_555 136.4 ? 
4  O6 ? A DG  4 ? A DG  4   ? 1_555 BA ? C BA . ? A BA 101 ? 1_555 O  ? G HOH . ? A HOH 211 ? 1_555 138.2 ? 
5  O  ? G HOH . ? A HOH 204 ? 1_555 BA ? C BA . ? A BA 101 ? 1_555 O  ? G HOH . ? A HOH 211 ? 1_555 76.9  ? 
6  O  ? G HOH . ? A HOH 208 ? 1_555 BA ? C BA . ? A BA 101 ? 1_555 O  ? G HOH . ? A HOH 211 ? 1_555 67.0  ? 
7  O6 ? A DG  4 ? A DG  4   ? 1_555 BA ? C BA . ? A BA 101 ? 1_555 O  ? G HOH . ? A HOH 217 ? 1_555 80.1  ? 
8  O  ? G HOH . ? A HOH 204 ? 1_555 BA ? C BA . ? A BA 101 ? 1_555 O  ? G HOH . ? A HOH 217 ? 1_555 134.0 ? 
9  O  ? G HOH . ? A HOH 208 ? 1_555 BA ? C BA . ? A BA 101 ? 1_555 O  ? G HOH . ? A HOH 217 ? 1_555 89.3  ? 
10 O  ? G HOH . ? A HOH 211 ? 1_555 BA ? C BA . ? A BA 101 ? 1_555 O  ? G HOH . ? A HOH 217 ? 1_555 141.6 ? 
11 O6 ? A DG  4 ? A DG  4   ? 1_555 BA ? C BA . ? A BA 101 ? 1_555 O  ? G HOH . ? A HOH 237 ? 1_555 136.4 ? 
12 O  ? G HOH . ? A HOH 204 ? 1_555 BA ? C BA . ? A BA 101 ? 1_555 O  ? G HOH . ? A HOH 237 ? 1_555 97.7  ? 
13 O  ? G HOH . ? A HOH 208 ? 1_555 BA ? C BA . ? A BA 101 ? 1_555 O  ? G HOH . ? A HOH 237 ? 1_555 90.9  ? 
14 O  ? G HOH . ? A HOH 211 ? 1_555 BA ? C BA . ? A BA 101 ? 1_555 O  ? G HOH . ? A HOH 237 ? 1_555 68.1  ? 
15 O  ? G HOH . ? A HOH 217 ? 1_555 BA ? C BA . ? A BA 101 ? 1_555 O  ? G HOH . ? A HOH 237 ? 1_555 83.4  ? 
16 O6 ? A DG  4 ? A DG  4   ? 1_555 BA ? C BA . ? A BA 101 ? 1_555 O  ? H HOH . ? B HOH 212 ? 1_555 76.4  ? 
17 O  ? G HOH . ? A HOH 204 ? 1_555 BA ? C BA . ? A BA 101 ? 1_555 O  ? H HOH . ? B HOH 212 ? 1_555 71.3  ? 
18 O  ? G HOH . ? A HOH 208 ? 1_555 BA ? C BA . ? A BA 101 ? 1_555 O  ? H HOH . ? B HOH 212 ? 1_555 145.2 ? 
19 O  ? G HOH . ? A HOH 211 ? 1_555 BA ? C BA . ? A BA 101 ? 1_555 O  ? H HOH . ? B HOH 212 ? 1_555 112.8 ? 
20 O  ? G HOH . ? A HOH 217 ? 1_555 BA ? C BA . ? A BA 101 ? 1_555 O  ? H HOH . ? B HOH 212 ? 1_555 69.9  ? 
21 O  ? G HOH . ? A HOH 237 ? 1_555 BA ? C BA . ? A BA 101 ? 1_555 O  ? H HOH . ? B HOH 212 ? 1_555 60.0  ? 
22 O  ? G HOH . ? A HOH 214 ? 1_555 BA ? E BA . ? B BA 101 ? 1_555 O6 ? B DG  4 ? B DG  4   ? 1_555 75.5  ? 
23 O  ? G HOH . ? A HOH 214 ? 1_555 BA ? E BA . ? B BA 101 ? 1_555 O  ? H HOH . ? B HOH 205 ? 1_555 144.9 ? 
24 O6 ? B DG  4 ? B DG  4   ? 1_555 BA ? E BA . ? B BA 101 ? 1_555 O  ? H HOH . ? B HOH 205 ? 1_555 130.9 ? 
25 O  ? G HOH . ? A HOH 214 ? 1_555 BA ? E BA . ? B BA 101 ? 1_555 O  ? H HOH . ? B HOH 208 ? 1_555 69.9  ? 
26 O6 ? B DG  4 ? B DG  4   ? 1_555 BA ? E BA . ? B BA 101 ? 1_555 O  ? H HOH . ? B HOH 208 ? 1_555 70.0  ? 
27 O  ? H HOH . ? B HOH 205 ? 1_555 BA ? E BA . ? B BA 101 ? 1_555 O  ? H HOH . ? B HOH 208 ? 1_555 135.3 ? 
28 O  ? G HOH . ? A HOH 214 ? 1_555 BA ? E BA . ? B BA 101 ? 1_555 O  ? H HOH . ? B HOH 211 ? 1_555 114.4 ? 
29 O6 ? B DG  4 ? B DG  4   ? 1_555 BA ? E BA . ? B BA 101 ? 1_555 O  ? H HOH . ? B HOH 211 ? 1_555 139.3 ? 
30 O  ? H HOH . ? B HOH 205 ? 1_555 BA ? E BA . ? B BA 101 ? 1_555 O  ? H HOH . ? B HOH 211 ? 1_555 63.6  ? 
31 O  ? H HOH . ? B HOH 208 ? 1_555 BA ? E BA . ? B BA 101 ? 1_555 O  ? H HOH . ? B HOH 211 ? 1_555 76.8  ? 
32 O  ? G HOH . ? A HOH 214 ? 1_555 BA ? E BA . ? B BA 101 ? 1_555 O  ? H HOH . ? B HOH 220 ? 1_555 70.8  ? 
33 O6 ? B DG  4 ? B DG  4   ? 1_555 BA ? E BA . ? B BA 101 ? 1_555 O  ? H HOH . ? B HOH 220 ? 1_555 80.1  ? 
34 O  ? H HOH . ? B HOH 205 ? 1_555 BA ? E BA . ? B BA 101 ? 1_555 O  ? H HOH . ? B HOH 220 ? 1_555 89.6  ? 
35 O  ? H HOH . ? B HOH 208 ? 1_555 BA ? E BA . ? B BA 101 ? 1_555 O  ? H HOH . ? B HOH 220 ? 1_555 135.1 ? 
36 O  ? H HOH . ? B HOH 211 ? 1_555 BA ? E BA . ? B BA 101 ? 1_555 O  ? H HOH . ? B HOH 220 ? 1_555 140.5 ? 
37 O  ? G HOH . ? A HOH 214 ? 1_555 BA ? E BA . ? B BA 101 ? 1_555 O  ? H HOH . ? B HOH 231 ? 1_555 65.7  ? 
38 O6 ? B DG  4 ? B DG  4   ? 1_555 BA ? E BA . ? B BA 101 ? 1_555 O  ? H HOH . ? B HOH 231 ? 1_555 138.1 ? 
39 O  ? H HOH . ? B HOH 205 ? 1_555 BA ? E BA . ? B BA 101 ? 1_555 O  ? H HOH . ? B HOH 231 ? 1_555 81.0  ? 
40 O  ? H HOH . ? B HOH 208 ? 1_555 BA ? E BA . ? B BA 101 ? 1_555 O  ? H HOH . ? B HOH 231 ? 1_555 108.6 ? 
41 O  ? H HOH . ? B HOH 211 ? 1_555 BA ? E BA . ? B BA 101 ? 1_555 O  ? H HOH . ? B HOH 231 ? 1_555 74.6  ? 
42 O  ? H HOH . ? B HOH 220 ? 1_555 BA ? E BA . ? B BA 101 ? 1_555 O  ? H HOH . ? B HOH 231 ? 1_555 72.8  ? 
# 
loop_
_struct_site.id 
_struct_site.pdbx_evidence_code 
_struct_site.pdbx_auth_asym_id 
_struct_site.pdbx_auth_comp_id 
_struct_site.pdbx_auth_seq_id 
_struct_site.pdbx_auth_ins_code 
_struct_site.pdbx_num_residues 
_struct_site.details 
AC1 Software A BA  101 ? 8  'binding site for residue BA A 101'  
AC2 Software A EQQ 102 ? 13 'binding site for residue EQQ A 102' 
AC3 Software B BA  101 ? 8  'binding site for residue BA B 101'  
AC4 Software B EQQ 102 ? 13 'binding site for residue EQQ B 102' 
# 
loop_
_struct_site_gen.id 
_struct_site_gen.site_id 
_struct_site_gen.pdbx_num_res 
_struct_site_gen.label_comp_id 
_struct_site_gen.label_asym_id 
_struct_site_gen.label_seq_id 
_struct_site_gen.pdbx_auth_ins_code 
_struct_site_gen.auth_comp_id 
_struct_site_gen.auth_asym_id 
_struct_site_gen.auth_seq_id 
_struct_site_gen.label_atom_id 
_struct_site_gen.label_alt_id 
_struct_site_gen.symmetry 
_struct_site_gen.details 
1  AC1 8  DG  A 3  ? DG  A 3   . ? 1_555 ? 
2  AC1 8  DG  A 4  ? DG  A 4   . ? 1_555 ? 
3  AC1 8  HOH G .  ? HOH A 204 . ? 1_555 ? 
4  AC1 8  HOH G .  ? HOH A 208 . ? 1_555 ? 
5  AC1 8  HOH G .  ? HOH A 211 . ? 1_555 ? 
6  AC1 8  HOH G .  ? HOH A 217 . ? 1_555 ? 
7  AC1 8  HOH G .  ? HOH A 237 . ? 1_555 ? 
8  AC1 8  HOH H .  ? HOH B 212 . ? 1_555 ? 
9  AC2 13 DC  A 7  ? DC  A 7   . ? 4_565 ? 
10 AC2 13 DC  A 8  ? DC  A 8   . ? 4_565 ? 
11 AC2 13 DG  A 9  ? DG  A 9   . ? 1_555 ? 
12 AC2 13 DG  A 10 ? DG  A 10  . ? 1_555 ? 
13 AC2 13 HOH G .  ? HOH A 205 . ? 1_555 ? 
14 AC2 13 HOH G .  ? HOH A 212 . ? 3_654 ? 
15 AC2 13 HOH G .  ? HOH A 221 . ? 1_555 ? 
16 AC2 13 DC  B 1  ? DC  B 1   . ? 1_555 ? 
17 AC2 13 DC  B 2  ? DC  B 2   . ? 1_555 ? 
18 AC2 13 DG  B 3  ? DG  B 3   . ? 1_555 ? 
19 AC2 13 DG  B 3  ? DG  B 3   . ? 4_565 ? 
20 AC2 13 DG  B 4  ? DG  B 4   . ? 4_565 ? 
21 AC2 13 HOH H .  ? HOH B 219 . ? 4_565 ? 
22 AC3 8  HOH G .  ? HOH A 214 . ? 1_555 ? 
23 AC3 8  DG  B 3  ? DG  B 3   . ? 1_555 ? 
24 AC3 8  DG  B 4  ? DG  B 4   . ? 1_555 ? 
25 AC3 8  HOH H .  ? HOH B 205 . ? 1_555 ? 
26 AC3 8  HOH H .  ? HOH B 208 . ? 1_555 ? 
27 AC3 8  HOH H .  ? HOH B 211 . ? 1_555 ? 
28 AC3 8  HOH H .  ? HOH B 220 . ? 1_555 ? 
29 AC3 8  HOH H .  ? HOH B 231 . ? 1_555 ? 
30 AC4 13 DC  A 1  ? DC  A 1   . ? 1_555 ? 
31 AC4 13 DC  A 2  ? DC  A 2   . ? 1_555 ? 
32 AC4 13 DG  A 3  ? DG  A 3   . ? 1_555 ? 
33 AC4 13 DG  A 3  ? DG  A 3   . ? 3_554 ? 
34 AC4 13 DG  A 4  ? DG  A 4   . ? 3_554 ? 
35 AC4 13 HOH G .  ? HOH A 232 . ? 3_554 ? 
36 AC4 13 DC  B 7  ? DC  B 7   . ? 3_554 ? 
37 AC4 13 DC  B 8  ? DC  B 8   . ? 3_554 ? 
38 AC4 13 DG  B 9  ? DG  B 9   . ? 1_555 ? 
39 AC4 13 DG  B 10 ? DG  B 10  . ? 1_555 ? 
40 AC4 13 HOH H .  ? HOH B 207 . ? 1_555 ? 
41 AC4 13 HOH H .  ? HOH B 216 . ? 4_555 ? 
42 AC4 13 HOH H .  ? HOH B 217 . ? 1_555 ? 
# 
loop_
_space_group_symop.id 
_space_group_symop.operation_xyz 
1 x,y,z       
2 -y,x,z+3/4  
3 y,-x,z+1/4  
4 -x,-y,z+1/2 
# 
loop_
_pdbx_refine_tls.pdbx_refine_id 
_pdbx_refine_tls.id 
_pdbx_refine_tls.details 
_pdbx_refine_tls.method 
_pdbx_refine_tls.origin_x 
_pdbx_refine_tls.origin_y 
_pdbx_refine_tls.origin_z 
_pdbx_refine_tls.T[1][1] 
_pdbx_refine_tls.T[2][2] 
_pdbx_refine_tls.T[3][3] 
_pdbx_refine_tls.T[1][2] 
_pdbx_refine_tls.T[1][3] 
_pdbx_refine_tls.T[2][3] 
_pdbx_refine_tls.L[1][1] 
_pdbx_refine_tls.L[2][2] 
_pdbx_refine_tls.L[3][3] 
_pdbx_refine_tls.L[1][2] 
_pdbx_refine_tls.L[1][3] 
_pdbx_refine_tls.L[2][3] 
_pdbx_refine_tls.S[1][1] 
_pdbx_refine_tls.S[1][2] 
_pdbx_refine_tls.S[1][3] 
_pdbx_refine_tls.S[2][1] 
_pdbx_refine_tls.S[2][2] 
_pdbx_refine_tls.S[2][3] 
_pdbx_refine_tls.S[3][1] 
_pdbx_refine_tls.S[3][2] 
_pdbx_refine_tls.S[3][3] 
'X-RAY DIFFRACTION' 1 ? refined 3.4861  0.5059  -3.4359 0.4368 0.4522 0.4366 -0.0725 0.0567 -0.0509 0.0864 0.3867 1.0589 -0.1331 0.1922 -0.6466 0.0120 -0.1708 -0.2113 -0.1272 -0.4266 -0.2250 0.2929 0.4049  0.6000  
'X-RAY DIFFRACTION' 2 ? refined -4.1554 -2.1867 1.8717  0.4279 0.4199 0.3945 -0.0772 0.0788 -0.0700 0.3577 0.6211 0.2143 -0.4675 0.2749 -0.3764 0.0504 0.2679  0.0469  -0.1256 0.3631  -0.1092 0.1022 -0.3703 -0.2630 
# 
loop_
_pdbx_refine_tls_group.pdbx_refine_id 
_pdbx_refine_tls_group.id 
_pdbx_refine_tls_group.refine_tls_id 
_pdbx_refine_tls_group.beg_auth_asym_id 
_pdbx_refine_tls_group.beg_auth_seq_id 
_pdbx_refine_tls_group.beg_label_asym_id 
_pdbx_refine_tls_group.beg_label_seq_id 
_pdbx_refine_tls_group.end_auth_asym_id 
_pdbx_refine_tls_group.end_auth_seq_id 
_pdbx_refine_tls_group.end_label_asym_id 
_pdbx_refine_tls_group.end_label_seq_id 
_pdbx_refine_tls_group.selection 
_pdbx_refine_tls_group.selection_details 
'X-RAY DIFFRACTION' 1 1 ? ? ? ? ? ? ? ? ? 
;chain 'A' and (resid 1 through 10 )
;
'X-RAY DIFFRACTION' 2 2 ? ? ? ? ? ? ? ? ? 
;chain 'B' and (resid 1 through 10 )
;
# 
loop_
_chem_comp_atom.comp_id 
_chem_comp_atom.atom_id 
_chem_comp_atom.type_symbol 
_chem_comp_atom.pdbx_aromatic_flag 
_chem_comp_atom.pdbx_stereo_config 
_chem_comp_atom.pdbx_ordinal 
BA  BA     BA N N 1   
DA  OP3    O  N N 2   
DA  P      P  N N 3   
DA  OP1    O  N N 4   
DA  OP2    O  N N 5   
DA  "O5'"  O  N N 6   
DA  "C5'"  C  N N 7   
DA  "C4'"  C  N R 8   
DA  "O4'"  O  N N 9   
DA  "C3'"  C  N S 10  
DA  "O3'"  O  N N 11  
DA  "C2'"  C  N N 12  
DA  "C1'"  C  N R 13  
DA  N9     N  Y N 14  
DA  C8     C  Y N 15  
DA  N7     N  Y N 16  
DA  C5     C  Y N 17  
DA  C6     C  Y N 18  
DA  N6     N  N N 19  
DA  N1     N  Y N 20  
DA  C2     C  Y N 21  
DA  N3     N  Y N 22  
DA  C4     C  Y N 23  
DA  HOP3   H  N N 24  
DA  HOP2   H  N N 25  
DA  "H5'"  H  N N 26  
DA  "H5''" H  N N 27  
DA  "H4'"  H  N N 28  
DA  "H3'"  H  N N 29  
DA  "HO3'" H  N N 30  
DA  "H2'"  H  N N 31  
DA  "H2''" H  N N 32  
DA  "H1'"  H  N N 33  
DA  H8     H  N N 34  
DA  H61    H  N N 35  
DA  H62    H  N N 36  
DA  H2     H  N N 37  
DC  OP3    O  N N 38  
DC  P      P  N N 39  
DC  OP1    O  N N 40  
DC  OP2    O  N N 41  
DC  "O5'"  O  N N 42  
DC  "C5'"  C  N N 43  
DC  "C4'"  C  N R 44  
DC  "O4'"  O  N N 45  
DC  "C3'"  C  N S 46  
DC  "O3'"  O  N N 47  
DC  "C2'"  C  N N 48  
DC  "C1'"  C  N R 49  
DC  N1     N  N N 50  
DC  C2     C  N N 51  
DC  O2     O  N N 52  
DC  N3     N  N N 53  
DC  C4     C  N N 54  
DC  N4     N  N N 55  
DC  C5     C  N N 56  
DC  C6     C  N N 57  
DC  HOP3   H  N N 58  
DC  HOP2   H  N N 59  
DC  "H5'"  H  N N 60  
DC  "H5''" H  N N 61  
DC  "H4'"  H  N N 62  
DC  "H3'"  H  N N 63  
DC  "HO3'" H  N N 64  
DC  "H2'"  H  N N 65  
DC  "H2''" H  N N 66  
DC  "H1'"  H  N N 67  
DC  H41    H  N N 68  
DC  H42    H  N N 69  
DC  H5     H  N N 70  
DC  H6     H  N N 71  
DG  OP3    O  N N 72  
DG  P      P  N N 73  
DG  OP1    O  N N 74  
DG  OP2    O  N N 75  
DG  "O5'"  O  N N 76  
DG  "C5'"  C  N N 77  
DG  "C4'"  C  N R 78  
DG  "O4'"  O  N N 79  
DG  "C3'"  C  N S 80  
DG  "O3'"  O  N N 81  
DG  "C2'"  C  N N 82  
DG  "C1'"  C  N R 83  
DG  N9     N  Y N 84  
DG  C8     C  Y N 85  
DG  N7     N  Y N 86  
DG  C5     C  Y N 87  
DG  C6     C  N N 88  
DG  O6     O  N N 89  
DG  N1     N  N N 90  
DG  C2     C  N N 91  
DG  N2     N  N N 92  
DG  N3     N  N N 93  
DG  C4     C  Y N 94  
DG  HOP3   H  N N 95  
DG  HOP2   H  N N 96  
DG  "H5'"  H  N N 97  
DG  "H5''" H  N N 98  
DG  "H4'"  H  N N 99  
DG  "H3'"  H  N N 100 
DG  "HO3'" H  N N 101 
DG  "H2'"  H  N N 102 
DG  "H2''" H  N N 103 
DG  "H1'"  H  N N 104 
DG  H8     H  N N 105 
DG  H1     H  N N 106 
DG  H21    H  N N 107 
DG  H22    H  N N 108 
DT  OP3    O  N N 109 
DT  P      P  N N 110 
DT  OP1    O  N N 111 
DT  OP2    O  N N 112 
DT  "O5'"  O  N N 113 
DT  "C5'"  C  N N 114 
DT  "C4'"  C  N R 115 
DT  "O4'"  O  N N 116 
DT  "C3'"  C  N S 117 
DT  "O3'"  O  N N 118 
DT  "C2'"  C  N N 119 
DT  "C1'"  C  N R 120 
DT  N1     N  N N 121 
DT  C2     C  N N 122 
DT  O2     O  N N 123 
DT  N3     N  N N 124 
DT  C4     C  N N 125 
DT  O4     O  N N 126 
DT  C5     C  N N 127 
DT  C7     C  N N 128 
DT  C6     C  N N 129 
DT  HOP3   H  N N 130 
DT  HOP2   H  N N 131 
DT  "H5'"  H  N N 132 
DT  "H5''" H  N N 133 
DT  "H4'"  H  N N 134 
DT  "H3'"  H  N N 135 
DT  "HO3'" H  N N 136 
DT  "H2'"  H  N N 137 
DT  "H2''" H  N N 138 
DT  "H1'"  H  N N 139 
DT  H3     H  N N 140 
DT  H71    H  N N 141 
DT  H72    H  N N 142 
DT  H73    H  N N 143 
DT  H6     H  N N 144 
EQQ N01    N  N N 145 
EQQ C02    C  N N 146 
EQQ C03    C  Y N 147 
EQQ C04    C  Y N 148 
EQQ C05    C  Y N 149 
EQQ C06    C  Y N 150 
EQQ C07    C  Y N 151 
EQQ C08    C  Y N 152 
EQQ C10    C  Y N 153 
EQQ C11    C  Y N 154 
EQQ C13    C  Y N 155 
EQQ C14    C  Y N 156 
EQQ C15    C  Y N 157 
EQQ C16    C  Y N 158 
EQQ C18    C  Y N 159 
EQQ C19    C  Y N 160 
EQQ C20    C  Y N 161 
EQQ C23    C  Y N 162 
EQQ C24    C  Y N 163 
EQQ C25    C  Y N 164 
EQQ C27    C  Y N 165 
EQQ C28    C  Y N 166 
EQQ C30    C  Y N 167 
EQQ C31    C  Y N 168 
EQQ C32    C  Y N 169 
EQQ C33    C  Y N 170 
EQQ C34    C  Y N 171 
EQQ C36    C  Y N 172 
EQQ C37    C  Y N 173 
EQQ C38    C  Y N 174 
EQQ C41    C  Y N 175 
EQQ C42    C  Y N 176 
EQQ C44    C  Y N 177 
EQQ C45    C  Y N 178 
EQQ C46    C  Y N 179 
EQQ C47    C  Y N 180 
EQQ C48    C  Y N 181 
EQQ C49    C  Y N 182 
EQQ C52    C  Y N 183 
EQQ C53    C  Y N 184 
EQQ C54    C  N N 185 
EQQ N09    N  Y N 186 
EQQ N12    N  Y N 187 
EQQ N17    N  Y N 188 
EQQ N22    N  Y N 189 
EQQ N26    N  Y N 190 
EQQ N29    N  Y N 191 
EQQ N35    N  Y N 192 
EQQ N39    N  Y N 193 
EQQ N40    N  Y N 194 
EQQ N43    N  Y N 195 
EQQ N50    N  Y N 196 
EQQ N51    N  Y N 197 
EQQ N55    N  N N 198 
EQQ RU     RU N N 199 
EQQ H1     H  N N 200 
EQQ H2     H  N N 201 
EQQ H3     H  N N 202 
EQQ H4     H  N N 203 
EQQ H5     H  N N 204 
EQQ H6     H  N N 205 
EQQ H7     H  N N 206 
EQQ H8     H  N N 207 
EQQ H9     H  N N 208 
EQQ H10    H  N N 209 
EQQ H11    H  N N 210 
EQQ H12    H  N N 211 
EQQ H13    H  N N 212 
EQQ H14    H  N N 213 
EQQ H15    H  N N 214 
EQQ H16    H  N N 215 
EQQ H17    H  N N 216 
EQQ H18    H  N N 217 
EQQ H19    H  N N 218 
EQQ H20    H  N N 219 
HOH O      O  N N 220 
HOH H1     H  N N 221 
HOH H2     H  N N 222 
# 
loop_
_chem_comp_bond.comp_id 
_chem_comp_bond.atom_id_1 
_chem_comp_bond.atom_id_2 
_chem_comp_bond.value_order 
_chem_comp_bond.pdbx_aromatic_flag 
_chem_comp_bond.pdbx_stereo_config 
_chem_comp_bond.pdbx_ordinal 
DA  OP3   P      sing N N 1   
DA  OP3   HOP3   sing N N 2   
DA  P     OP1    doub N N 3   
DA  P     OP2    sing N N 4   
DA  P     "O5'"  sing N N 5   
DA  OP2   HOP2   sing N N 6   
DA  "O5'" "C5'"  sing N N 7   
DA  "C5'" "C4'"  sing N N 8   
DA  "C5'" "H5'"  sing N N 9   
DA  "C5'" "H5''" sing N N 10  
DA  "C4'" "O4'"  sing N N 11  
DA  "C4'" "C3'"  sing N N 12  
DA  "C4'" "H4'"  sing N N 13  
DA  "O4'" "C1'"  sing N N 14  
DA  "C3'" "O3'"  sing N N 15  
DA  "C3'" "C2'"  sing N N 16  
DA  "C3'" "H3'"  sing N N 17  
DA  "O3'" "HO3'" sing N N 18  
DA  "C2'" "C1'"  sing N N 19  
DA  "C2'" "H2'"  sing N N 20  
DA  "C2'" "H2''" sing N N 21  
DA  "C1'" N9     sing N N 22  
DA  "C1'" "H1'"  sing N N 23  
DA  N9    C8     sing Y N 24  
DA  N9    C4     sing Y N 25  
DA  C8    N7     doub Y N 26  
DA  C8    H8     sing N N 27  
DA  N7    C5     sing Y N 28  
DA  C5    C6     sing Y N 29  
DA  C5    C4     doub Y N 30  
DA  C6    N6     sing N N 31  
DA  C6    N1     doub Y N 32  
DA  N6    H61    sing N N 33  
DA  N6    H62    sing N N 34  
DA  N1    C2     sing Y N 35  
DA  C2    N3     doub Y N 36  
DA  C2    H2     sing N N 37  
DA  N3    C4     sing Y N 38  
DC  OP3   P      sing N N 39  
DC  OP3   HOP3   sing N N 40  
DC  P     OP1    doub N N 41  
DC  P     OP2    sing N N 42  
DC  P     "O5'"  sing N N 43  
DC  OP2   HOP2   sing N N 44  
DC  "O5'" "C5'"  sing N N 45  
DC  "C5'" "C4'"  sing N N 46  
DC  "C5'" "H5'"  sing N N 47  
DC  "C5'" "H5''" sing N N 48  
DC  "C4'" "O4'"  sing N N 49  
DC  "C4'" "C3'"  sing N N 50  
DC  "C4'" "H4'"  sing N N 51  
DC  "O4'" "C1'"  sing N N 52  
DC  "C3'" "O3'"  sing N N 53  
DC  "C3'" "C2'"  sing N N 54  
DC  "C3'" "H3'"  sing N N 55  
DC  "O3'" "HO3'" sing N N 56  
DC  "C2'" "C1'"  sing N N 57  
DC  "C2'" "H2'"  sing N N 58  
DC  "C2'" "H2''" sing N N 59  
DC  "C1'" N1     sing N N 60  
DC  "C1'" "H1'"  sing N N 61  
DC  N1    C2     sing N N 62  
DC  N1    C6     sing N N 63  
DC  C2    O2     doub N N 64  
DC  C2    N3     sing N N 65  
DC  N3    C4     doub N N 66  
DC  C4    N4     sing N N 67  
DC  C4    C5     sing N N 68  
DC  N4    H41    sing N N 69  
DC  N4    H42    sing N N 70  
DC  C5    C6     doub N N 71  
DC  C5    H5     sing N N 72  
DC  C6    H6     sing N N 73  
DG  OP3   P      sing N N 74  
DG  OP3   HOP3   sing N N 75  
DG  P     OP1    doub N N 76  
DG  P     OP2    sing N N 77  
DG  P     "O5'"  sing N N 78  
DG  OP2   HOP2   sing N N 79  
DG  "O5'" "C5'"  sing N N 80  
DG  "C5'" "C4'"  sing N N 81  
DG  "C5'" "H5'"  sing N N 82  
DG  "C5'" "H5''" sing N N 83  
DG  "C4'" "O4'"  sing N N 84  
DG  "C4'" "C3'"  sing N N 85  
DG  "C4'" "H4'"  sing N N 86  
DG  "O4'" "C1'"  sing N N 87  
DG  "C3'" "O3'"  sing N N 88  
DG  "C3'" "C2'"  sing N N 89  
DG  "C3'" "H3'"  sing N N 90  
DG  "O3'" "HO3'" sing N N 91  
DG  "C2'" "C1'"  sing N N 92  
DG  "C2'" "H2'"  sing N N 93  
DG  "C2'" "H2''" sing N N 94  
DG  "C1'" N9     sing N N 95  
DG  "C1'" "H1'"  sing N N 96  
DG  N9    C8     sing Y N 97  
DG  N9    C4     sing Y N 98  
DG  C8    N7     doub Y N 99  
DG  C8    H8     sing N N 100 
DG  N7    C5     sing Y N 101 
DG  C5    C6     sing N N 102 
DG  C5    C4     doub Y N 103 
DG  C6    O6     doub N N 104 
DG  C6    N1     sing N N 105 
DG  N1    C2     sing N N 106 
DG  N1    H1     sing N N 107 
DG  C2    N2     sing N N 108 
DG  C2    N3     doub N N 109 
DG  N2    H21    sing N N 110 
DG  N2    H22    sing N N 111 
DG  N3    C4     sing N N 112 
DT  OP3   P      sing N N 113 
DT  OP3   HOP3   sing N N 114 
DT  P     OP1    doub N N 115 
DT  P     OP2    sing N N 116 
DT  P     "O5'"  sing N N 117 
DT  OP2   HOP2   sing N N 118 
DT  "O5'" "C5'"  sing N N 119 
DT  "C5'" "C4'"  sing N N 120 
DT  "C5'" "H5'"  sing N N 121 
DT  "C5'" "H5''" sing N N 122 
DT  "C4'" "O4'"  sing N N 123 
DT  "C4'" "C3'"  sing N N 124 
DT  "C4'" "H4'"  sing N N 125 
DT  "O4'" "C1'"  sing N N 126 
DT  "C3'" "O3'"  sing N N 127 
DT  "C3'" "C2'"  sing N N 128 
DT  "C3'" "H3'"  sing N N 129 
DT  "O3'" "HO3'" sing N N 130 
DT  "C2'" "C1'"  sing N N 131 
DT  "C2'" "H2'"  sing N N 132 
DT  "C2'" "H2''" sing N N 133 
DT  "C1'" N1     sing N N 134 
DT  "C1'" "H1'"  sing N N 135 
DT  N1    C2     sing N N 136 
DT  N1    C6     sing N N 137 
DT  C2    O2     doub N N 138 
DT  C2    N3     sing N N 139 
DT  N3    C4     sing N N 140 
DT  N3    H3     sing N N 141 
DT  C4    O4     doub N N 142 
DT  C4    C5     sing N N 143 
DT  C5    C7     sing N N 144 
DT  C5    C6     doub N N 145 
DT  C7    H71    sing N N 146 
DT  C7    H72    sing N N 147 
DT  C7    H73    sing N N 148 
DT  C6    H6     sing N N 149 
EQQ C33   C32    doub Y N 150 
EQQ C33   C34    sing Y N 151 
EQQ C32   C31    sing Y N 152 
EQQ N35   C34    doub Y N 153 
EQQ N35   C36    sing Y N 154 
EQQ C34   C38    sing Y N 155 
EQQ C36   C37    doub Y N 156 
EQQ C31   N29    doub Y N 157 
EQQ C31   C30    sing Y N 158 
EQQ N29   C28    sing Y N 159 
EQQ C38   C30    sing Y N 160 
EQQ C38   N39    doub Y N 161 
EQQ C30   N26    doub Y N 162 
EQQ C37   N39    sing Y N 163 
EQQ N39   RU     sing N N 164 
EQQ C28   C27    doub Y N 165 
EQQ C53   C52    doub Y N 166 
EQQ C53   N50    sing Y N 167 
EQQ C52   N51    sing Y N 168 
EQQ N26   C27    sing Y N 169 
EQQ N26   RU     sing N N 170 
EQQ N50   RU     sing N N 171 
EQQ N50   C49    doub Y N 172 
EQQ N51   C48    doub Y N 173 
EQQ RU    N22    sing N N 174 
EQQ RU    N17    sing N N 175 
EQQ RU    N40    sing N N 176 
EQQ C23   N22    doub Y N 177 
EQQ C23   C24    sing Y N 178 
EQQ N22   C19    sing Y N 179 
EQQ C49   C48    sing Y N 180 
EQQ C49   C45    sing Y N 181 
EQQ C48   C47    sing Y N 182 
EQQ C24   C25    doub Y N 183 
EQQ N17   C16    doub Y N 184 
EQQ N17   C18    sing Y N 185 
EQQ C16   C15    sing Y N 186 
EQQ C19   C18    doub Y N 187 
EQQ C19   C20    sing Y N 188 
EQQ C18   C13    sing Y N 189 
EQQ N40   C45    doub Y N 190 
EQQ N40   C41    sing Y N 191 
EQQ C25   C20    sing Y N 192 
EQQ C45   C44    sing Y N 193 
EQQ C47   C46    doub Y N 194 
EQQ C20   C11    doub Y N 195 
EQQ C15   C14    doub Y N 196 
EQQ C13   C14    sing Y N 197 
EQQ C13   C10    doub Y N 198 
EQQ C41   C42    doub Y N 199 
EQQ C11   C10    sing Y N 200 
EQQ C11   N12    sing Y N 201 
EQQ C44   C46    sing Y N 202 
EQQ C44   N43    doub Y N 203 
EQQ C10   N09    sing Y N 204 
EQQ N12   C08    doub Y N 205 
EQQ C42   N43    sing Y N 206 
EQQ N09   C07    doub Y N 207 
EQQ C08   C07    sing Y N 208 
EQQ C08   C05    sing Y N 209 
EQQ C07   C06    sing Y N 210 
EQQ C05   C04    doub Y N 211 
EQQ C06   C03    doub Y N 212 
EQQ C04   C03    sing Y N 213 
EQQ C04   C54    sing N N 214 
EQQ C03   C02    sing N N 215 
EQQ C54   N55    trip N N 216 
EQQ C02   N01    trip N N 217 
EQQ C05   H1     sing N N 218 
EQQ C06   H2     sing N N 219 
EQQ C14   H3     sing N N 220 
EQQ C15   H4     sing N N 221 
EQQ C16   H5     sing N N 222 
EQQ C23   H6     sing N N 223 
EQQ C24   H7     sing N N 224 
EQQ C25   H8     sing N N 225 
EQQ C27   H9     sing N N 226 
EQQ C28   H10    sing N N 227 
EQQ C32   H11    sing N N 228 
EQQ C33   H12    sing N N 229 
EQQ C36   H13    sing N N 230 
EQQ C37   H14    sing N N 231 
EQQ C41   H15    sing N N 232 
EQQ C42   H16    sing N N 233 
EQQ C46   H17    sing N N 234 
EQQ C47   H18    sing N N 235 
EQQ C52   H19    sing N N 236 
EQQ C53   H20    sing N N 237 
HOH O     H1     sing N N 238 
HOH O     H2     sing N N 239 
# 
loop_
_ndb_struct_conf_na.entry_id 
_ndb_struct_conf_na.feature 
6G8S 'double helix'        
6G8S 'b-form double helix' 
# 
loop_
_ndb_struct_na_base_pair.model_number 
_ndb_struct_na_base_pair.i_label_asym_id 
_ndb_struct_na_base_pair.i_label_comp_id 
_ndb_struct_na_base_pair.i_label_seq_id 
_ndb_struct_na_base_pair.i_symmetry 
_ndb_struct_na_base_pair.j_label_asym_id 
_ndb_struct_na_base_pair.j_label_comp_id 
_ndb_struct_na_base_pair.j_label_seq_id 
_ndb_struct_na_base_pair.j_symmetry 
_ndb_struct_na_base_pair.shear 
_ndb_struct_na_base_pair.stretch 
_ndb_struct_na_base_pair.stagger 
_ndb_struct_na_base_pair.buckle 
_ndb_struct_na_base_pair.propeller 
_ndb_struct_na_base_pair.opening 
_ndb_struct_na_base_pair.pair_number 
_ndb_struct_na_base_pair.pair_name 
_ndb_struct_na_base_pair.i_auth_asym_id 
_ndb_struct_na_base_pair.i_auth_seq_id 
_ndb_struct_na_base_pair.i_PDB_ins_code 
_ndb_struct_na_base_pair.j_auth_asym_id 
_ndb_struct_na_base_pair.j_auth_seq_id 
_ndb_struct_na_base_pair.j_PDB_ins_code 
_ndb_struct_na_base_pair.hbond_type_28 
_ndb_struct_na_base_pair.hbond_type_12 
1 A DC 1  1_555 B DG 10 1_555 0.013  2.289  -0.410 7.270   4.348   -85.100 1  A_DC1:DG10_B A 1  ? B 10 ? ?  ? 
1 A DC 2  1_555 B DG 9  1_555 0.222  -0.177 -0.163 -4.885  5.915   -0.692  2  A_DC2:DG9_B  A 2  ? B 9  ? 19 1 
1 A DG 3  1_555 B DC 8  1_555 -0.188 -0.036 0.381  27.227  -6.749  0.730   3  A_DG3:DC8_B  A 3  ? B 8  ? 19 1 
1 A DG 4  1_555 B DC 7  1_555 -0.256 -0.164 -0.142 -13.132 0.871   0.118   4  A_DG4:DC7_B  A 4  ? B 7  ? 19 1 
1 A DG 5  1_555 B DC 6  1_555 -0.326 -0.297 0.272  -3.865  -4.579  2.560   5  A_DG5:DC6_B  A 5  ? B 6  ? 19 1 
1 A DT 6  1_555 B DA 5  1_555 0.112  -0.348 0.242  2.287   -5.051  0.183   6  A_DT6:DA5_B  A 6  ? B 5  ? 20 1 
1 A DC 7  1_555 B DG 4  1_555 0.278  -0.108 -0.217 14.295  -0.342  0.885   7  A_DC7:DG4_B  A 7  ? B 4  ? 19 1 
1 A DC 8  1_555 B DG 3  1_555 0.261  -0.081 0.407  -27.709 -5.961  -0.577  8  A_DC8:DG3_B  A 8  ? B 3  ? 19 1 
1 A DG 9  1_555 B DC 2  1_555 -0.364 -0.186 -0.228 3.766   5.693   -0.786  9  A_DG9:DC2_B  A 9  ? B 2  ? 19 1 
1 A DG 10 1_555 B DC 1  1_555 0.062  -2.161 1.249  -15.691 -12.123 84.513  10 A_DG10:DC1_B A 10 ? B 1  ? ?  ? 
# 
loop_
_ndb_struct_na_base_pair_step.model_number 
_ndb_struct_na_base_pair_step.i_label_asym_id_1 
_ndb_struct_na_base_pair_step.i_label_comp_id_1 
_ndb_struct_na_base_pair_step.i_label_seq_id_1 
_ndb_struct_na_base_pair_step.i_symmetry_1 
_ndb_struct_na_base_pair_step.j_label_asym_id_1 
_ndb_struct_na_base_pair_step.j_label_comp_id_1 
_ndb_struct_na_base_pair_step.j_label_seq_id_1 
_ndb_struct_na_base_pair_step.j_symmetry_1 
_ndb_struct_na_base_pair_step.i_label_asym_id_2 
_ndb_struct_na_base_pair_step.i_label_comp_id_2 
_ndb_struct_na_base_pair_step.i_label_seq_id_2 
_ndb_struct_na_base_pair_step.i_symmetry_2 
_ndb_struct_na_base_pair_step.j_label_asym_id_2 
_ndb_struct_na_base_pair_step.j_label_comp_id_2 
_ndb_struct_na_base_pair_step.j_label_seq_id_2 
_ndb_struct_na_base_pair_step.j_symmetry_2 
_ndb_struct_na_base_pair_step.shift 
_ndb_struct_na_base_pair_step.slide 
_ndb_struct_na_base_pair_step.rise 
_ndb_struct_na_base_pair_step.tilt 
_ndb_struct_na_base_pair_step.roll 
_ndb_struct_na_base_pair_step.twist 
_ndb_struct_na_base_pair_step.x_displacement 
_ndb_struct_na_base_pair_step.y_displacement 
_ndb_struct_na_base_pair_step.helical_rise 
_ndb_struct_na_base_pair_step.inclination 
_ndb_struct_na_base_pair_step.tip 
_ndb_struct_na_base_pair_step.helical_twist 
_ndb_struct_na_base_pair_step.step_number 
_ndb_struct_na_base_pair_step.step_name 
_ndb_struct_na_base_pair_step.i_auth_asym_id_1 
_ndb_struct_na_base_pair_step.i_auth_seq_id_1 
_ndb_struct_na_base_pair_step.i_PDB_ins_code_1 
_ndb_struct_na_base_pair_step.j_auth_asym_id_1 
_ndb_struct_na_base_pair_step.j_auth_seq_id_1 
_ndb_struct_na_base_pair_step.j_PDB_ins_code_1 
_ndb_struct_na_base_pair_step.i_auth_asym_id_2 
_ndb_struct_na_base_pair_step.i_auth_seq_id_2 
_ndb_struct_na_base_pair_step.i_PDB_ins_code_2 
_ndb_struct_na_base_pair_step.j_auth_asym_id_2 
_ndb_struct_na_base_pair_step.j_auth_seq_id_2 
_ndb_struct_na_base_pair_step.j_PDB_ins_code_2 
1 A DC 2 1_555 B DG 9 1_555 A DG 3 1_555 B DC 8 1_555 0.047  1.685  2.699 -2.197 6.782  20.325 2.036  -0.928 3.070 18.498 5.994   
21.527 1 AA_DC2DG3:DC8DG9_BB A 2 ? B 9 ? A 3 ? B 8 ? 
1 A DG 3 1_555 B DC 8 1_555 A DG 4 1_555 B DC 7 1_555 -0.043 0.969  5.327 0.342  52.645 13.834 -5.349 0.089  2.340 76.317 -0.496  
54.308 2 AA_DG3DG4:DC7DC8_BB A 3 ? B 8 ? A 4 ? B 7 ? 
1 A DG 4 1_555 B DC 7 1_555 A DG 5 1_555 B DC 6 1_555 -0.982 0.390  3.181 -9.886 8.720  31.367 -0.779 0.040  3.321 15.310 17.357  
33.960 3 AA_DG4DG5:DC6DC7_BB A 4 ? B 7 ? A 5 ? B 6 ? 
1 A DG 5 1_555 B DC 6 1_555 A DT 6 1_555 B DA 5 1_555 -0.207 -0.524 3.165 0.028  8.583  29.817 -2.546 0.392  2.905 16.260 -0.052  
31.001 4 AA_DG5DT6:DA5DC6_BB A 5 ? B 6 ? A 6 ? B 5 ? 
1 A DT 6 1_555 B DA 5 1_555 A DC 7 1_555 B DG 4 1_555 1.120  0.430  3.157 9.734  8.658  32.915 -0.613 -0.360 3.350 14.589 -16.401 
35.333 5 AA_DT6DC7:DG4DA5_BB A 6 ? B 5 ? A 7 ? B 4 ? 
1 A DC 7 1_555 B DG 4 1_555 A DC 8 1_555 B DG 3 1_555 0.049  0.981  5.355 -1.194 52.162 13.907 -5.403 -0.203 2.375 76.092 1.742   
53.871 6 AA_DC7DC8:DG3DG4_BB A 7 ? B 4 ? A 8 ? B 3 ? 
1 A DC 8 1_555 B DG 3 1_555 A DG 9 1_555 B DC 2 1_555 -0.011 1.692  2.714 2.994  5.747  19.269 2.447  1.253  3.047 16.574 -8.635  
20.320 7 AA_DC8DG9:DC2DG3_BB A 8 ? B 3 ? A 9 ? B 2 ? 
# 
loop_
_pdbx_audit_support.funding_organization 
_pdbx_audit_support.country 
_pdbx_audit_support.grant_number 
_pdbx_audit_support.ordinal 
'Biotechnology and Biological Sciences Research Council' 'United Kingdom' BB/K019279/1 1 
'Biotechnology and Biological Sciences Research Council' 'United Kingdom' BB/M004635/1 2 
'Biotechnology and Biological Sciences Research Council' 'United Kingdom' BB/P021328/1 3 
# 
_space_group.crystal_system   tetragonal 
_space_group.name_H-M_alt     'P 43' 
_space_group.IT_number        78 
_space_group.name_Hall        'P 4cw' 
_space_group.id               1 
# 
_atom_sites.entry_id                    6G8S 
_atom_sites.fract_transf_matrix[1][1]   -0.00623718 
_atom_sites.fract_transf_matrix[1][2]   -0.00242169 
_atom_sites.fract_transf_matrix[1][3]   -0.02007960 
_atom_sites.fract_transf_matrix[2][1]   -0.00217333 
_atom_sites.fract_transf_matrix[2][2]   0.02097131 
_atom_sites.fract_transf_matrix[2][3]   -0.00185415 
_atom_sites.fract_transf_matrix[3][1]   0.02795833 
_atom_sites.fract_transf_matrix[3][2]   0.00210713 
_atom_sites.fract_transf_matrix[3][3]   -0.00893863 
_atom_sites.fract_transf_vector[1]      0.255673 
_atom_sites.fract_transf_vector[2]      0.269917 
_atom_sites.fract_transf_vector[3]      0.034712 
# 
loop_
_atom_type.symbol 
BA 
C  
N  
O  
P  
RU 
# 
loop_
_atom_site.group_PDB 
_atom_site.id 
_atom_site.type_symbol 
_atom_site.label_atom_id 
_atom_site.label_alt_id 
_atom_site.label_comp_id 
_atom_site.label_asym_id 
_atom_site.label_entity_id 
_atom_site.label_seq_id 
_atom_site.pdbx_PDB_ins_code 
_atom_site.Cartn_x 
_atom_site.Cartn_y 
_atom_site.Cartn_z 
_atom_site.occupancy 
_atom_site.B_iso_or_equiv 
_atom_site.pdbx_formal_charge 
_atom_site.auth_seq_id 
_atom_site.auth_comp_id 
_atom_site.auth_asym_id 
_atom_site.auth_atom_id 
_atom_site.pdbx_PDB_model_num 
ATOM   1   O  "O5'" . DC  A 1 1  ? -10.977 4.154   13.838  1.00 92.30  ? 1   DC  A "O5'" 1 
ATOM   2   C  "C5'" . DC  A 1 1  ? -11.251 2.855   14.347  1.00 87.92  ? 1   DC  A "C5'" 1 
ATOM   3   C  "C4'" . DC  A 1 1  ? -9.967  2.153   14.740  1.00 86.87  ? 1   DC  A "C4'" 1 
ATOM   4   O  "O4'" . DC  A 1 1  ? -10.244 0.759   14.995  1.00 86.74  ? 1   DC  A "O4'" 1 
ATOM   5   C  "C3'" . DC  A 1 1  ? -8.902  2.130   13.667  1.00 85.55  ? 1   DC  A "C3'" 1 
ATOM   6   O  "O3'" . DC  A 1 1  ? -7.647  1.856   14.255  1.00 94.14  ? 1   DC  A "O3'" 1 
ATOM   7   C  "C2'" . DC  A 1 1  ? -9.370  0.969   12.802  1.00 81.88  ? 1   DC  A "C2'" 1 
ATOM   8   C  "C1'" . DC  A 1 1  ? -9.892  -0.008  13.857  1.00 84.08  ? 1   DC  A "C1'" 1 
ATOM   9   N  N1    . DC  A 1 1  ? -11.087 -0.750  13.425  1.00 87.90  ? 1   DC  A N1    1 
ATOM   10  C  C2    . DC  A 1 1  ? -11.307 -2.037  13.914  1.00 80.21  ? 1   DC  A C2    1 
ATOM   11  O  O2    . DC  A 1 1  ? -10.491 -2.536  14.693  1.00 65.14  ? 1   DC  A O2    1 
ATOM   12  N  N3    . DC  A 1 1  ? -12.412 -2.703  13.517  1.00 92.83  ? 1   DC  A N3    1 
ATOM   13  C  C4    . DC  A 1 1  ? -13.271 -2.132  12.673  1.00 102.22 ? 1   DC  A C4    1 
ATOM   14  N  N4    . DC  A 1 1  ? -14.349 -2.835  12.311  1.00 102.71 ? 1   DC  A N4    1 
ATOM   15  C  C5    . DC  A 1 1  ? -13.065 -0.818  12.166  1.00 105.97 ? 1   DC  A C5    1 
ATOM   16  C  C6    . DC  A 1 1  ? -11.969 -0.169  12.566  1.00 100.41 ? 1   DC  A C6    1 
ATOM   17  P  P     . DC  A 1 2  ? -6.311  2.460   13.610  1.00 101.64 ? 2   DC  A P     1 
ATOM   18  O  OP1   . DC  A 1 2  ? -5.590  3.208   14.664  1.00 126.00 ? 2   DC  A OP1   1 
ATOM   19  O  OP2   . DC  A 1 2  ? -6.688  3.127   12.344  1.00 100.43 ? 2   DC  A OP2   1 
ATOM   20  O  "O5'" . DC  A 1 2  ? -5.463  1.168   13.228  1.00 84.76  ? 2   DC  A "O5'" 1 
ATOM   21  C  "C5'" . DC  A 1 2  ? -4.856  1.078   11.960  1.00 62.98  ? 2   DC  A "C5'" 1 
ATOM   22  C  "C4'" . DC  A 1 2  ? -3.665  0.149   12.012  1.00 49.10  ? 2   DC  A "C4'" 1 
ATOM   23  O  "O4'" . DC  A 1 2  ? -4.124  -1.208  12.199  1.00 49.42  ? 2   DC  A "O4'" 1 
ATOM   24  C  "C3'" . DC  A 1 2  ? -2.784  0.175   10.770  1.00 45.69  ? 2   DC  A "C3'" 1 
ATOM   25  O  "O3'" . DC  A 1 2  ? -1.555  0.817   11.094  1.00 47.32  ? 2   DC  A "O3'" 1 
ATOM   26  C  "C2'" . DC  A 1 2  ? -2.576  -1.298  10.399  1.00 42.73  ? 2   DC  A "C2'" 1 
ATOM   27  C  "C1'" . DC  A 1 2  ? -3.661  -2.048  11.172  1.00 47.66  ? 2   DC  A "C1'" 1 
ATOM   28  N  N1    . DC  A 1 2  ? -4.836  -2.485  10.343  1.00 45.31  ? 2   DC  A N1    1 
ATOM   29  C  C2    . DC  A 1 2  ? -5.367  -3.767  10.528  1.00 46.29  ? 2   DC  A C2    1 
ATOM   30  O  O2    . DC  A 1 2  ? -4.853  -4.517  11.367  1.00 42.42  ? 2   DC  A O2    1 
ATOM   31  N  N3    . DC  A 1 2  ? -6.430  -4.154  9.779   1.00 45.13  ? 2   DC  A N3    1 
ATOM   32  C  C4    . DC  A 1 2  ? -6.956  -3.316  8.885   1.00 43.07  ? 2   DC  A C4    1 
ATOM   33  N  N4    . DC  A 1 2  ? -8.002  -3.743  8.172   1.00 45.46  ? 2   DC  A N4    1 
ATOM   34  C  C5    . DC  A 1 2  ? -6.432  -2.004  8.683   1.00 42.33  ? 2   DC  A C5    1 
ATOM   35  C  C6    . DC  A 1 2  ? -5.383  -1.635  9.427   1.00 45.06  ? 2   DC  A C6    1 
ATOM   36  P  P     . DG  A 1 3  ? -0.473  1.150   9.955   1.00 47.06  ? 3   DG  A P     1 
ATOM   37  O  OP1   . DG  A 1 3  ? 0.442   2.170   10.517  1.00 50.66  ? 3   DG  A OP1   1 
ATOM   38  O  OP2   . DG  A 1 3  ? -1.194  1.436   8.694   1.00 46.98  ? 3   DG  A OP2   1 
ATOM   39  O  "O5'" . DG  A 1 3  ? 0.350   -0.216  9.806   1.00 43.90  ? 3   DG  A "O5'" 1 
ATOM   40  C  "C5'" . DG  A 1 3  ? 1.052   -0.739  10.935  1.00 45.19  ? 3   DG  A "C5'" 1 
ATOM   41  C  "C4'" . DG  A 1 3  ? 1.525   -2.160  10.683  1.00 47.78  ? 3   DG  A "C4'" 1 
ATOM   42  O  "O4'" . DG  A 1 3  ? 0.394   -3.059  10.729  1.00 50.99  ? 3   DG  A "O4'" 1 
ATOM   43  C  "C3'" . DG  A 1 3  ? 2.201   -2.384  9.338   1.00 47.62  ? 3   DG  A "C3'" 1 
ATOM   44  O  "O3'" . DG  A 1 3  ? 3.615   -2.286  9.503   1.00 46.15  ? 3   DG  A "O3'" 1 
ATOM   45  C  "C2'" . DG  A 1 3  ? 1.792   -3.809  8.959   1.00 39.51  ? 3   DG  A "C2'" 1 
ATOM   46  C  "C1'" . DG  A 1 3  ? 0.458   -4.002  9.680   1.00 43.67  ? 3   DG  A "C1'" 1 
ATOM   47  N  N9    . DG  A 1 3  ? -0.711  -3.821  8.828   1.00 43.24  ? 3   DG  A N9    1 
ATOM   48  C  C8    . DG  A 1 3  ? -0.949  -2.787  7.956   1.00 42.60  ? 3   DG  A C8    1 
ATOM   49  N  N7    . DG  A 1 3  ? -2.091  -2.884  7.336   1.00 42.98  ? 3   DG  A N7    1 
ATOM   50  C  C5    . DG  A 1 3  ? -2.647  -4.059  7.829   1.00 43.20  ? 3   DG  A C5    1 
ATOM   51  C  C6    . DG  A 1 3  ? -3.878  -4.683  7.522   1.00 46.80  ? 3   DG  A C6    1 
ATOM   52  O  O6    . DG  A 1 3  ? -4.751  -4.310  6.728   1.00 39.07  ? 3   DG  A O6    1 
ATOM   53  N  N1    . DG  A 1 3  ? -4.054  -5.858  8.246   1.00 42.51  ? 3   DG  A N1    1 
ATOM   54  C  C2    . DG  A 1 3  ? -3.155  -6.367  9.153   1.00 42.77  ? 3   DG  A C2    1 
ATOM   55  N  N2    . DG  A 1 3  ? -3.503  -7.515  9.753   1.00 41.74  ? 3   DG  A N2    1 
ATOM   56  N  N3    . DG  A 1 3  ? -1.997  -5.792  9.450   1.00 41.41  ? 3   DG  A N3    1 
ATOM   57  C  C4    . DG  A 1 3  ? -1.811  -4.645  8.752   1.00 39.15  ? 3   DG  A C4    1 
ATOM   58  P  P     . DG  A 1 4  ? 4.517   -1.494  8.438   1.00 47.26  ? 4   DG  A P     1 
ATOM   59  O  OP1   . DG  A 1 4  ? 5.874   -1.364  9.012   1.00 52.04  ? 4   DG  A OP1   1 
ATOM   60  O  OP2   . DG  A 1 4  ? 3.769   -0.290  8.007   1.00 52.75  ? 4   DG  A OP2   1 
ATOM   61  O  "O5'" . DG  A 1 4  ? 4.607   -2.490  7.192   1.00 47.55  ? 4   DG  A "O5'" 1 
ATOM   62  C  "C5'" . DG  A 1 4  ? 5.132   -3.798  7.368   1.00 47.12  ? 4   DG  A "C5'" 1 
ATOM   63  C  "C4'" . DG  A 1 4  ? 5.048   -4.594  6.078   1.00 46.51  ? 4   DG  A "C4'" 1 
ATOM   64  O  "O4'" . DG  A 1 4  ? 3.657   -4.858  5.757   1.00 48.40  ? 4   DG  A "O4'" 1 
ATOM   65  C  "C3'" . DG  A 1 4  ? 5.626   -3.903  4.842   1.00 46.70  ? 4   DG  A "C3'" 1 
ATOM   66  O  "O3'" . DG  A 1 4  ? 6.149   -4.883  3.967   1.00 51.69  ? 4   DG  A "O3'" 1 
ATOM   67  C  "C2'" . DG  A 1 4  ? 4.393   -3.242  4.241   1.00 45.47  ? 4   DG  A "C2'" 1 
ATOM   68  C  "C1'" . DG  A 1 4  ? 3.367   -4.335  4.478   1.00 46.88  ? 4   DG  A "C1'" 1 
ATOM   69  N  N9    . DG  A 1 4  ? 1.995   -3.862  4.478   1.00 44.23  ? 4   DG  A N9    1 
ATOM   70  C  C8    . DG  A 1 4  ? 1.523   -2.669  4.972   1.00 41.10  ? 4   DG  A C8    1 
ATOM   71  N  N7    . DG  A 1 4  ? 0.234   -2.528  4.834   1.00 46.28  ? 4   DG  A N7    1 
ATOM   72  C  C5    . DG  A 1 4  ? -0.171  -3.703  4.211   1.00 40.32  ? 4   DG  A C5    1 
ATOM   73  C  C6    . DG  A 1 4  ? -1.458  -4.123  3.808   1.00 42.75  ? 4   DG  A C6    1 
ATOM   74  O  O6    . DG  A 1 4  ? -2.532  -3.519  3.922   1.00 44.08  ? 4   DG  A O6    1 
ATOM   75  N  N1    . DG  A 1 4  ? -1.425  -5.384  3.214   1.00 45.51  ? 4   DG  A N1    1 
ATOM   76  C  C2    . DG  A 1 4  ? -0.291  -6.140  3.036   1.00 44.61  ? 4   DG  A C2    1 
ATOM   77  N  N2    . DG  A 1 4  ? -0.455  -7.333  2.444   1.00 45.07  ? 4   DG  A N2    1 
ATOM   78  N  N3    . DG  A 1 4  ? 0.921   -5.757  3.410   1.00 43.33  ? 4   DG  A N3    1 
ATOM   79  C  C4    . DG  A 1 4  ? 0.904   -4.533  3.989   1.00 44.39  ? 4   DG  A C4    1 
ATOM   80  P  P     . DG  A 1 5  ? 7.317   -4.520  2.929   1.00 61.58  ? 5   DG  A P     1 
ATOM   81  O  OP1   . DG  A 1 5  ? 8.609   -4.902  3.540   1.00 73.31  ? 5   DG  A OP1   1 
ATOM   82  O  OP2   . DG  A 1 5  ? 7.101   -3.135  2.459   1.00 53.62  ? 5   DG  A OP2   1 
ATOM   83  O  "O5'" . DG  A 1 5  ? 7.037   -5.503  1.703   1.00 57.45  ? 5   DG  A "O5'" 1 
ATOM   84  C  "C5'" . DG  A 1 5  ? 6.802   -6.882  1.947   1.00 55.12  ? 5   DG  A "C5'" 1 
ATOM   85  C  "C4'" . DG  A 1 5  ? 6.033   -7.503  0.799   1.00 51.44  ? 5   DG  A "C4'" 1 
ATOM   86  O  "O4'" . DG  A 1 5  ? 4.621   -7.207  0.946   1.00 54.99  ? 5   DG  A "O4'" 1 
ATOM   87  C  "C3'" . DG  A 1 5  ? 6.441   -7.007  -0.584  1.00 53.90  ? 5   DG  A "C3'" 1 
ATOM   88  O  "O3'" . DG  A 1 5  ? 6.523   -8.095  -1.494  1.00 61.69  ? 5   DG  A "O3'" 1 
ATOM   89  C  "C2'" . DG  A 1 5  ? 5.331   -6.027  -0.963  1.00 53.99  ? 5   DG  A "C2'" 1 
ATOM   90  C  "C1'" . DG  A 1 5  ? 4.126   -6.590  -0.221  1.00 54.55  ? 5   DG  A "C1'" 1 
ATOM   91  N  N9    . DG  A 1 5  ? 3.174   -5.559  0.178   1.00 51.72  ? 5   DG  A N9    1 
ATOM   92  C  C8    . DG  A 1 5  ? 3.442   -4.431  0.916   1.00 51.73  ? 5   DG  A C8    1 
ATOM   93  N  N7    . DG  A 1 5  ? 2.396   -3.682  1.116   1.00 50.87  ? 5   DG  A N7    1 
ATOM   94  C  C5    . DG  A 1 5  ? 1.365   -4.357  0.476   1.00 50.51  ? 5   DG  A C5    1 
ATOM   95  C  C6    . DG  A 1 5  ? -0.001  -4.024  0.356   1.00 46.44  ? 5   DG  A C6    1 
ATOM   96  O  O6    . DG  A 1 5  ? -0.592  -3.034  0.809   1.00 44.72  ? 5   DG  A O6    1 
ATOM   97  N  N1    . DG  A 1 5  ? -0.703  -4.979  -0.377  1.00 49.92  ? 5   DG  A N1    1 
ATOM   98  C  C2    . DG  A 1 5  ? -0.149  -6.112  -0.925  1.00 55.79  ? 5   DG  A C2    1 
ATOM   99  N  N2    . DG  A 1 5  ? -0.986  -6.917  -1.599  1.00 70.70  ? 5   DG  A N2    1 
ATOM   100 N  N3    . DG  A 1 5  ? 1.134   -6.436  -0.820  1.00 52.75  ? 5   DG  A N3    1 
ATOM   101 C  C4    . DG  A 1 5  ? 1.829   -5.515  -0.108  1.00 52.24  ? 5   DG  A C4    1 
ATOM   102 P  P     . DT  A 1 6  ? 7.322   -7.920  -2.878  1.00 71.41  ? 6   DT  A P     1 
ATOM   103 O  OP1   . DT  A 1 6  ? 7.903   -9.229  -3.253  1.00 88.41  ? 6   DT  A OP1   1 
ATOM   104 O  OP2   . DT  A 1 6  ? 8.190   -6.731  -2.737  1.00 69.90  ? 6   DT  A OP2   1 
ATOM   105 O  "O5'" . DT  A 1 6  ? 6.179   -7.551  -3.926  1.00 56.30  ? 6   DT  A "O5'" 1 
ATOM   106 C  "C5'" . DT  A 1 6  ? 5.112   -8.456  -4.155  1.00 55.94  ? 6   DT  A "C5'" 1 
ATOM   107 C  "C4'" . DT  A 1 6  ? 4.019   -7.793  -4.966  1.00 57.87  ? 6   DT  A "C4'" 1 
ATOM   108 O  "O4'" . DT  A 1 6  ? 3.225   -6.952  -4.112  1.00 59.35  ? 6   DT  A "O4'" 1 
ATOM   109 C  "C3'" . DT  A 1 6  ? 4.520   -6.882  -6.088  1.00 60.79  ? 6   DT  A "C3'" 1 
ATOM   110 O  "O3'" . DT  A 1 6  ? 4.327   -7.514  -7.343  1.00 66.50  ? 6   DT  A "O3'" 1 
ATOM   111 C  "C2'" . DT  A 1 6  ? 3.678   -5.597  -5.959  1.00 60.05  ? 6   DT  A "C2'" 1 
ATOM   112 C  "C1'" . DT  A 1 6  ? 2.636   -5.959  -4.904  1.00 60.47  ? 6   DT  A "C1'" 1 
ATOM   113 N  N1    . DT  A 1 6  ? 2.254   -4.819  -4.030  1.00 55.39  ? 6   DT  A N1    1 
ATOM   114 C  C2    . DT  A 1 6  ? 0.936   -4.436  -3.960  1.00 56.15  ? 6   DT  A C2    1 
ATOM   115 O  O2    . DT  A 1 6  ? 0.047   -4.989  -4.581  1.00 58.38  ? 6   DT  A O2    1 
ATOM   116 N  N3    . DT  A 1 6  ? 0.691   -3.378  -3.130  1.00 49.16  ? 6   DT  A N3    1 
ATOM   117 C  C4    . DT  A 1 6  ? 1.613   -2.674  -2.377  1.00 47.18  ? 6   DT  A C4    1 
ATOM   118 O  O4    . DT  A 1 6  ? 1.294   -1.733  -1.657  1.00 50.20  ? 6   DT  A O4    1 
ATOM   119 C  C5    . DT  A 1 6  ? 2.980   -3.126  -2.496  1.00 49.63  ? 6   DT  A C5    1 
ATOM   120 C  C7    . DT  A 1 6  ? 4.071   -2.440  -1.730  1.00 52.24  ? 6   DT  A C7    1 
ATOM   121 C  C6    . DT  A 1 6  ? 3.231   -4.163  -3.308  1.00 48.41  ? 6   DT  A C6    1 
ATOM   122 P  P     . DC  A 1 7  ? 5.206   -7.070  -8.611  1.00 69.03  ? 7   DC  A P     1 
ATOM   123 O  OP1   . DC  A 1 7  ? 5.244   -8.201  -9.563  1.00 82.22  ? 7   DC  A OP1   1 
ATOM   124 O  OP2   . DC  A 1 7  ? 6.468   -6.489  -8.103  1.00 56.18  ? 7   DC  A OP2   1 
ATOM   125 O  "O5'" . DC  A 1 7  ? 4.355   -5.888  -9.259  1.00 59.37  ? 7   DC  A "O5'" 1 
ATOM   126 C  "C5'" . DC  A 1 7  ? 3.005   -6.111  -9.628  1.00 48.30  ? 7   DC  A "C5'" 1 
ATOM   127 C  "C4'" . DC  A 1 7  ? 2.322   -4.796  -9.940  1.00 49.25  ? 7   DC  A "C4'" 1 
ATOM   128 O  "O4'" . DC  A 1 7  ? 1.807   -4.219  -8.731  1.00 50.06  ? 7   DC  A "O4'" 1 
ATOM   129 C  "C3'" . DC  A 1 7  ? 3.239   -3.730  -10.499 1.00 46.74  ? 7   DC  A "C3'" 1 
ATOM   130 O  "O3'" . DC  A 1 7  ? 3.376   -3.899  -11.905 1.00 48.22  ? 7   DC  A "O3'" 1 
ATOM   131 C  "C2'" . DC  A 1 7  ? 2.501   -2.432  -10.146 1.00 51.12  ? 7   DC  A "C2'" 1 
ATOM   132 C  "C1'" . DC  A 1 7  ? 1.648   -2.828  -8.925  1.00 49.64  ? 7   DC  A "C1'" 1 
ATOM   133 N  N1    . DC  A 1 7  ? 2.030   -2.123  -7.660  1.00 45.01  ? 7   DC  A N1    1 
ATOM   134 C  C2    . DC  A 1 7  ? 1.029   -1.589  -6.840  1.00 47.84  ? 7   DC  A C2    1 
ATOM   135 O  O2    . DC  A 1 7  ? -0.154  -1.713  -7.176  1.00 46.54  ? 7   DC  A O2    1 
ATOM   136 N  N3    . DC  A 1 7  ? 1.384   -0.951  -5.698  1.00 45.25  ? 7   DC  A N3    1 
ATOM   137 C  C4    . DC  A 1 7  ? 2.670   -0.838  -5.370  1.00 43.03  ? 7   DC  A C4    1 
ATOM   138 N  N4    . DC  A 1 7  ? 2.968   -0.200  -4.233  1.00 41.94  ? 7   DC  A N4    1 
ATOM   139 C  C5    . DC  A 1 7  ? 3.706   -1.373  -6.192  1.00 43.66  ? 7   DC  A C5    1 
ATOM   140 C  C6    . DC  A 1 7  ? 3.344   -2.002  -7.317  1.00 45.32  ? 7   DC  A C6    1 
ATOM   141 P  P     . DC  A 1 8  ? 4.734   -3.470  -12.643 1.00 50.47  ? 8   DC  A P     1 
ATOM   142 O  OP1   . DC  A 1 8  ? 4.723   -4.065  -13.999 1.00 53.35  ? 8   DC  A OP1   1 
ATOM   143 O  OP2   . DC  A 1 8  ? 5.868   -3.734  -11.729 1.00 50.53  ? 8   DC  A OP2   1 
ATOM   144 O  "O5'" . DC  A 1 8  ? 4.592   -1.892  -12.794 1.00 47.38  ? 8   DC  A "O5'" 1 
ATOM   145 C  "C5'" . DC  A 1 8  ? 3.501   -1.358  -13.517 1.00 42.01  ? 8   DC  A "C5'" 1 
ATOM   146 C  "C4'" . DC  A 1 8  ? 3.517   0.149   -13.446 1.00 39.44  ? 8   DC  A "C4'" 1 
ATOM   147 O  "O4'" . DC  A 1 8  ? 3.101   0.560   -12.135 1.00 40.90  ? 8   DC  A "O4'" 1 
ATOM   148 C  "C3'" . DC  A 1 8  ? 4.891   0.759   -13.652 1.00 36.98  ? 8   DC  A "C3'" 1 
ATOM   149 O  "O3'" . DC  A 1 8  ? 5.049   1.087   -15.028 1.00 40.61  ? 8   DC  A "O3'" 1 
ATOM   150 C  "C2'" . DC  A 1 8  ? 4.882   2.011   -12.762 1.00 38.83  ? 8   DC  A "C2'" 1 
ATOM   151 C  "C1'" . DC  A 1 8  ? 3.701   1.790   -11.806 1.00 38.48  ? 8   DC  A "C1'" 1 
ATOM   152 N  N1    . DC  A 1 8  ? 4.084   1.751   -10.359 1.00 40.65  ? 8   DC  A N1    1 
ATOM   153 C  C2    . DC  A 1 8  ? 3.629   2.754   -9.497  1.00 38.83  ? 8   DC  A C2    1 
ATOM   154 O  O2    . DC  A 1 8  ? 2.922   3.664   -9.949  1.00 41.77  ? 8   DC  A O2    1 
ATOM   155 N  N3    . DC  A 1 8  ? 3.977   2.703   -8.187  1.00 37.22  ? 8   DC  A N3    1 
ATOM   156 C  C4    . DC  A 1 8  ? 4.739   1.707   -7.737  1.00 41.70  ? 8   DC  A C4    1 
ATOM   157 N  N4    . DC  A 1 8  ? 5.057   1.703   -6.438  1.00 41.06  ? 8   DC  A N4    1 
ATOM   158 C  C5    . DC  A 1 8  ? 5.210   0.673   -8.598  1.00 43.37  ? 8   DC  A C5    1 
ATOM   159 C  C6    . DC  A 1 8  ? 4.859   0.731   -9.889  1.00 43.35  ? 8   DC  A C6    1 
ATOM   160 P  P     A DG  A 1 9  ? 6.507   1.352   -15.646 0.50 45.40  ? 9   DG  A P     1 
ATOM   161 P  P     B DG  A 1 9  ? 6.494   1.367   -15.630 0.50 45.23  ? 9   DG  A P     1 
ATOM   162 O  OP1   A DG  A 1 9  ? 6.464   0.995   -17.082 0.50 49.15  ? 9   DG  A OP1   1 
ATOM   163 O  OP1   B DG  A 1 9  ? 6.434   1.141   -17.085 0.50 49.62  ? 9   DG  A OP1   1 
ATOM   164 O  OP2   A DG  A 1 9  ? 7.504   0.729   -14.747 0.50 45.97  ? 9   DG  A OP2   1 
ATOM   165 O  OP2   B DG  A 1 9  ? 7.480   0.635   -14.817 0.50 45.42  ? 9   DG  A OP2   1 
ATOM   166 O  "O5'" A DG  A 1 9  ? 6.665   2.932   -15.548 0.50 44.43  ? 9   DG  A "O5'" 1 
ATOM   167 O  "O5'" B DG  A 1 9  ? 6.701   2.920   -15.363 0.50 44.53  ? 9   DG  A "O5'" 1 
ATOM   168 C  "C5'" A DG  A 1 9  ? 5.693   3.768   -16.156 0.50 44.04  ? 9   DG  A "C5'" 1 
ATOM   169 C  "C5'" B DG  A 1 9  ? 6.277   3.914   -16.310 0.50 45.40  ? 9   DG  A "C5'" 1 
ATOM   170 C  "C4'" A DG  A 1 9  ? 5.791   5.176   -15.610 0.50 45.93  ? 9   DG  A "C4'" 1 
ATOM   171 C  "C4'" B DG  A 1 9  ? 6.402   5.287   -15.694 0.50 47.12  ? 9   DG  A "C4'" 1 
ATOM   172 O  "O4'" A DG  A 1 9  ? 5.563   5.143   -14.177 0.50 46.82  ? 9   DG  A "O4'" 1 
ATOM   173 O  "O4'" B DG  A 1 9  ? 5.767   5.257   -14.397 0.50 47.95  ? 9   DG  A "O4'" 1 
ATOM   174 C  "C3'" A DG  A 1 9  ? 7.150   5.840   -15.820 0.50 48.93  ? 9   DG  A "C3'" 1 
ATOM   175 C  "C3'" B DG  A 1 9  ? 7.836   5.747   -15.436 0.50 49.76  ? 9   DG  A "C3'" 1 
ATOM   176 O  "O3'" A DG  A 1 9  ? 6.990   7.193   -16.235 0.50 51.61  ? 9   DG  A "O3'" 1 
ATOM   177 O  "O3'" B DG  A 1 9  ? 8.340   6.557   -16.509 0.50 56.05  ? 9   DG  A "O3'" 1 
ATOM   178 C  "C2'" A DG  A 1 9  ? 7.815   5.741   -14.449 0.50 47.89  ? 9   DG  A "C2'" 1 
ATOM   179 C  "C2'" B DG  A 1 9  ? 7.704   6.612   -14.199 0.50 47.86  ? 9   DG  A "C2'" 1 
ATOM   180 C  "C1'" A DG  A 1 9  ? 6.625   5.774   -13.501 0.50 47.64  ? 9   DG  A "C1'" 1 
ATOM   181 C  "C1'" B DG  A 1 9  ? 6.485   6.058   -13.474 0.50 47.43  ? 9   DG  A "C1'" 1 
ATOM   182 N  N9    A DG  A 1 9  ? 6.877   5.048   -12.261 0.50 46.16  ? 9   DG  A N9    1 
ATOM   183 N  N9    B DG  A 1 9  ? 6.796   5.240   -12.308 0.50 46.09  ? 9   DG  A N9    1 
ATOM   184 C  C8    A DG  A 1 9  ? 7.643   3.920   -12.116 0.50 47.49  ? 9   DG  A C8    1 
ATOM   185 C  C8    B DG  A 1 9  ? 7.592   4.120   -12.259 0.50 47.40  ? 9   DG  A C8    1 
ATOM   186 N  N7    A DG  A 1 9  ? 7.707   3.486   -10.891 0.50 48.46  ? 9   DG  A N7    1 
ATOM   187 N  N7    B DG  A 1 9  ? 7.691   3.614   -11.060 0.50 48.25  ? 9   DG  A N7    1 
ATOM   188 C  C5    A DG  A 1 9  ? 6.928   4.381   -10.172 0.50 46.03  ? 9   DG  A C5    1 
ATOM   189 C  C5    B DG  A 1 9  ? 6.923   4.454   -10.267 0.50 46.15  ? 9   DG  A C5    1 
ATOM   190 C  C6    A DG  A 1 9  ? 6.624   4.414   -8.793  0.50 45.07  ? 9   DG  A C6    1 
ATOM   191 C  C6    B DG  A 1 9  ? 6.651   4.411   -8.865  0.50 45.16  ? 9   DG  A C6    1 
ATOM   192 O  O6    A DG  A 1 9  ? 6.999   3.632   -7.908  0.50 45.31  ? 9   DG  A O6    1 
ATOM   193 O  O6    B DG  A 1 9  ? 7.053   3.597   -8.028  0.50 45.19  ? 9   DG  A O6    1 
ATOM   194 N  N1    A DG  A 1 9  ? 5.800   5.490   -8.472  0.50 42.39  ? 9   DG  A N1    1 
ATOM   195 N  N1    B DG  A 1 9  ? 5.820   5.456   -8.469  0.50 42.43  ? 9   DG  A N1    1 
ATOM   196 C  C2    A DG  A 1 9  ? 5.328   6.414   -9.373  0.50 43.79  ? 9   DG  A C2    1 
ATOM   197 C  C2    B DG  A 1 9  ? 5.317   6.419   -9.313  0.50 43.56  ? 9   DG  A C2    1 
ATOM   198 N  N2    A DG  A 1 9  ? 4.543   7.379   -8.875  0.50 40.92  ? 9   DG  A N2    1 
ATOM   199 N  N2    B DG  A 1 9  ? 4.535   7.347   -8.747  0.50 41.23  ? 9   DG  A N2    1 
ATOM   200 N  N3    A DG  A 1 9  ? 5.604   6.394   -10.671 0.50 44.38  ? 9   DG  A N3    1 
ATOM   201 N  N3    B DG  A 1 9  ? 5.563   6.471   -10.617 0.50 44.36  ? 9   DG  A N3    1 
ATOM   202 C  C4    A DG  A 1 9  ? 6.408   5.352   -10.999 0.50 46.63  ? 9   DG  A C4    1 
ATOM   203 C  C4    B DG  A 1 9  ? 6.368   5.465   -11.024 0.50 46.35  ? 9   DG  A C4    1 
ATOM   204 P  P     A DG  A 1 10 ? 8.269   8.036   -16.725 0.50 59.36  ? 10  DG  A P     1 
ATOM   205 P  P     B DG  A 1 10 ? 9.914   6.919   -16.604 0.50 59.06  ? 10  DG  A P     1 
ATOM   206 O  OP1   A DG  A 1 10 ? 7.790   9.248   -17.423 0.50 55.35  ? 10  DG  A OP1   1 
ATOM   207 O  OP1   B DG  A 1 10 ? 10.263  6.995   -18.037 0.50 66.27  ? 10  DG  A OP1   1 
ATOM   208 O  OP2   A DG  A 1 10 ? 9.173   7.098   -17.423 0.50 59.90  ? 10  DG  A OP2   1 
ATOM   209 O  OP2   B DG  A 1 10 ? 10.663  5.996   -15.722 0.50 47.60  ? 10  DG  A OP2   1 
ATOM   210 O  "O5'" A DG  A 1 10 ? 8.979   8.489   -15.363 0.50 61.44  ? 10  DG  A "O5'" 1 
ATOM   211 O  "O5'" B DG  A 1 10 ? 9.966   8.406   -16.036 0.50 61.31  ? 10  DG  A "O5'" 1 
ATOM   212 C  "C5'" A DG  A 1 10 ? 10.265  9.103   -15.395 0.50 60.15  ? 10  DG  A "C5'" 1 
ATOM   213 C  "C5'" B DG  A 1 10 ? 10.366  8.668   -14.681 0.50 60.41  ? 10  DG  A "C5'" 1 
ATOM   214 C  "C4'" A DG  A 1 10 ? 10.243  10.438  -14.673 0.50 57.37  ? 10  DG  A "C4'" 1 
ATOM   215 C  "C4'" B DG  A 1 10 ? 10.238  10.139  -14.368 0.50 57.56  ? 10  DG  A "C4'" 1 
ATOM   216 O  "O4'" A DG  A 1 10 ? 9.659   10.257  -13.364 0.50 58.40  ? 10  DG  A "O4'" 1 
ATOM   217 O  "O4'" B DG  A 1 10 ? 9.511   10.296  -13.130 0.50 57.72  ? 10  DG  A "O4'" 1 
ATOM   218 C  "C3'" A DG  A 1 10 ? 11.609  11.054  -14.417 0.50 57.00  ? 10  DG  A "C3'" 1 
ATOM   219 C  "C3'" B DG  A 1 10 ? 11.571  10.855  -14.161 0.50 57.30  ? 10  DG  A "C3'" 1 
ATOM   220 O  "O3'" A DG  A 1 10 ? 12.007  11.846  -15.530 0.50 57.24  ? 10  DG  A "O3'" 1 
ATOM   221 O  "O3'" B DG  A 1 10 ? 11.970  11.493  -15.375 0.50 57.02  ? 10  DG  A "O3'" 1 
ATOM   222 C  "C2'" A DG  A 1 10 ? 11.357  11.915  -13.179 0.50 56.33  ? 10  DG  A "C2'" 1 
ATOM   223 C  "C2'" B DG  A 1 10 ? 11.251  11.890  -13.101 0.50 55.95  ? 10  DG  A "C2'" 1 
ATOM   224 C  "C1'" A DG  A 1 10 ? 10.271  11.131  -12.434 0.50 56.47  ? 10  DG  A "C1'" 1 
ATOM   225 C  "C1'" B DG  A 1 10 ? 10.167  11.218  -12.272 0.50 55.97  ? 10  DG  A "C1'" 1 
ATOM   226 N  N9    A DG  A 1 10 ? 10.768  10.343  -11.303 0.50 53.69  ? 10  DG  A N9    1 
ATOM   227 N  N9    B DG  A 1 10 ? 10.653  10.482  -11.110 0.50 53.78  ? 10  DG  A N9    1 
ATOM   228 C  C8    A DG  A 1 10 ? 10.497  10.551  -9.972  0.50 53.70  ? 10  DG  A C8    1 
ATOM   229 C  C8    B DG  A 1 10 ? 10.360  10.735  -9.792  0.50 53.09  ? 10  DG  A C8    1 
ATOM   230 N  N7    A DG  A 1 10 ? 11.074  9.688   -9.182  0.50 54.37  ? 10  DG  A N7    1 
ATOM   231 N  N7    B DG  A 1 10 ? 10.940  9.906   -8.968  0.50 53.42  ? 10  DG  A N7    1 
ATOM   232 C  C5    A DG  A 1 10 ? 11.776  8.852   -10.043 0.50 55.90  ? 10  DG  A C5    1 
ATOM   233 C  C5    B DG  A 1 10 ? 11.665  9.056   -9.791  0.50 55.39  ? 10  DG  A C5    1 
ATOM   234 C  C6    A DG  A 1 10 ? 12.594  7.729   -9.765  0.50 59.00  ? 10  DG  A C6    1 
ATOM   235 C  C6    B DG  A 1 10 ? 12.504  7.948   -9.464  0.50 59.02  ? 10  DG  A C6    1 
ATOM   236 O  O6    A DG  A 1 10 ? 12.870  7.232   -8.670  0.50 61.75  ? 10  DG  A O6    1 
ATOM   237 O  O6    B DG  A 1 10 ? 12.779  7.494   -8.346  0.50 62.69  ? 10  DG  A O6    1 
ATOM   238 N  N1    A DG  A 1 10 ? 13.114  7.171   -10.926 0.50 58.70  ? 10  DG  A N1    1 
ATOM   239 N  N1    B DG  A 1 10 ? 13.045  7.358   -10.603 0.50 58.34  ? 10  DG  A N1    1 
ATOM   240 C  C2    A DG  A 1 10 ? 12.877  7.634   -12.195 0.50 59.24  ? 10  DG  A C2    1 
ATOM   241 C  C2    B DG  A 1 10 ? 12.809  7.780   -11.892 0.50 58.69  ? 10  DG  A C2    1 
ATOM   242 N  N2    A DG  A 1 10 ? 13.468  6.960   -13.191 0.50 62.69  ? 10  DG  A N2    1 
ATOM   243 N  N2    B DG  A 1 10 ? 13.422  7.087   -12.860 0.50 60.36  ? 10  DG  A N2    1 
ATOM   244 N  N3    A DG  A 1 10 ? 12.113  8.679   -12.471 0.50 56.39  ? 10  DG  A N3    1 
ATOM   245 N  N3    B DG  A 1 10 ? 12.033  8.812   -12.209 0.50 55.84  ? 10  DG  A N3    1 
ATOM   246 C  C4    A DG  A 1 10 ? 11.598  9.241   -11.352 0.50 55.61  ? 10  DG  A C4    1 
ATOM   247 C  C4    B DG  A 1 10 ? 11.496  9.398   -11.117 0.50 55.01  ? 10  DG  A C4    1 
ATOM   248 O  "O5'" . DC  B 2 1  ? 12.058  11.084  0.348   1.00 81.00  ? 1   DC  B "O5'" 1 
ATOM   249 C  "C5'" . DC  B 2 1  ? 12.112  10.911  -1.062  1.00 78.92  ? 1   DC  B "C5'" 1 
ATOM   250 C  "C4'" . DC  B 2 1  ? 10.727  11.030  -1.669  1.00 82.75  ? 1   DC  B "C4'" 1 
ATOM   251 O  "O4'" . DC  B 2 1  ? 10.822  10.881  -3.103  1.00 85.98  ? 1   DC  B "O4'" 1 
ATOM   252 C  "C3'" . DC  B 2 1  ? 9.752   9.954   -1.237  1.00 81.31  ? 1   DC  B "C3'" 1 
ATOM   253 O  "O3'" . DC  B 2 1  ? 8.425   10.398  -1.452  1.00 85.37  ? 1   DC  B "O3'" 1 
ATOM   254 C  "C2'" . DC  B 2 1  ? 10.113  8.818   -2.182  1.00 81.16  ? 1   DC  B "C2'" 1 
ATOM   255 C  "C1'" . DC  B 2 1  ? 10.410  9.578   -3.475  1.00 87.30  ? 1   DC  B "C1'" 1 
ATOM   256 N  N1    . DC  B 2 1  ? 11.482  8.971   -4.279  1.00 95.63  ? 1   DC  B N1    1 
ATOM   257 C  C2    . DC  B 2 1  ? 11.488  9.149   -5.662  1.00 81.33  ? 1   DC  B C2    1 
ATOM   258 O  O2    . DC  B 2 1  ? 10.588  9.815   -6.190  1.00 60.27  ? 1   DC  B O2    1 
ATOM   259 N  N3    . DC  B 2 1  ? 12.483  8.592   -6.385  1.00 87.50  ? 1   DC  B N3    1 
ATOM   260 C  C4    . DC  B 2 1  ? 13.435  7.883   -5.780  1.00 91.66  ? 1   DC  B C4    1 
ATOM   261 N  N4    . DC  B 2 1  ? 14.395  7.350   -6.542  1.00 88.65  ? 1   DC  B N4    1 
ATOM   262 C  C5    . DC  B 2 1  ? 13.446  7.689   -4.369  1.00 99.75  ? 1   DC  B C5    1 
ATOM   263 C  C6    . DC  B 2 1  ? 12.459  8.247   -3.664  1.00 104.36 ? 1   DC  B C6    1 
ATOM   264 P  P     . DC  B 2 2  ? 7.448   10.651  -0.204  1.00 97.30  ? 2   DC  B P     1 
ATOM   265 O  OP1   . DC  B 2 2  ? 7.682   12.022  0.300   1.00 117.52 ? 2   DC  B OP1   1 
ATOM   266 O  OP2   . DC  B 2 2  ? 7.583   9.491   0.703   1.00 102.78 ? 2   DC  B OP2   1 
ATOM   267 O  "O5'" . DC  B 2 2  ? 5.989   10.572  -0.844  1.00 81.52  ? 2   DC  B "O5'" 1 
ATOM   268 C  "C5'" . DC  B 2 2  ? 5.406   9.306   -1.098  1.00 60.20  ? 2   DC  B "C5'" 1 
ATOM   269 C  "C4'" . DC  B 2 2  ? 4.035   9.461   -1.720  1.00 47.46  ? 2   DC  B "C4'" 1 
ATOM   270 O  "O4'" . DC  B 2 2  ? 4.131   9.258   -3.147  1.00 47.49  ? 2   DC  B "O4'" 1 
ATOM   271 C  "C3'" . DC  B 2 2  ? 2.980   8.499   -1.184  1.00 44.16  ? 2   DC  B "C3'" 1 
ATOM   272 O  "O3'" . DC  B 2 2  ? 1.982   9.237   -0.487  1.00 47.35  ? 2   DC  B "O3'" 1 
ATOM   273 C  "C2'" . DC  B 2 2  ? 2.402   7.801   -2.422  1.00 43.95  ? 2   DC  B "C2'" 1 
ATOM   274 C  "C1'" . DC  B 2 2  ? 3.373   8.144   -3.550  1.00 44.63  ? 2   DC  B "C1'" 1 
ATOM   275 N  N1    . DC  B 2 2  ? 4.309   7.029   -3.931  1.00 45.63  ? 2   DC  B N1    1 
ATOM   276 C  C2    . DC  B 2 2  ? 4.601   6.806   -5.283  1.00 46.54  ? 2   DC  B C2    1 
ATOM   277 O  O2    . DC  B 2 2  ? 4.083   7.532   -6.140  1.00 42.75  ? 2   DC  B O2    1 
ATOM   278 N  N3    . DC  B 2 2  ? 5.447   5.799   -5.616  1.00 44.28  ? 2   DC  B N3    1 
ATOM   279 C  C4    . DC  B 2 2  ? 5.988   5.037   -4.665  1.00 43.95  ? 2   DC  B C4    1 
ATOM   280 N  N4    . DC  B 2 2  ? 6.814   4.057   -5.046  1.00 42.89  ? 2   DC  B N4    1 
ATOM   281 C  C5    . DC  B 2 2  ? 5.704   5.246   -3.282  1.00 41.35  ? 2   DC  B C5    1 
ATOM   282 C  C6    . DC  B 2 2  ? 4.868   6.241   -2.964  1.00 45.52  ? 2   DC  B C6    1 
ATOM   283 P  P     . DG  B 2 3  ? 0.837   8.484   0.344   1.00 47.62  ? 3   DG  B P     1 
ATOM   284 O  OP1   . DG  B 2 3  ? 0.314   9.437   1.347   1.00 53.29  ? 3   DG  B OP1   1 
ATOM   285 O  OP2   . DG  B 2 3  ? 1.384   7.180   0.789   1.00 47.86  ? 3   DG  B OP2   1 
ATOM   286 O  "O5'" . DG  B 2 3  ? -0.310  8.221   -0.741  1.00 46.46  ? 3   DG  B "O5'" 1 
ATOM   287 C  "C5'" . DG  B 2 3  ? -0.857  9.321   -1.470  1.00 48.86  ? 3   DG  B "C5'" 1 
ATOM   288 C  "C4'" . DG  B 2 3  ? -1.668  8.829   -2.655  1.00 48.75  ? 3   DG  B "C4'" 1 
ATOM   289 O  "O4'" . DG  B 2 3  ? -0.767  8.389   -3.696  1.00 51.64  ? 3   DG  B "O4'" 1 
ATOM   290 C  "C3'" . DG  B 2 3  ? -2.583  7.651   -2.353  1.00 47.13  ? 3   DG  B "C3'" 1 
ATOM   291 O  "O3'" . DG  B 2 3  ? -3.895  8.133   -2.074  1.00 49.65  ? 3   DG  B "O3'" 1 
ATOM   292 C  "C2'" . DG  B 2 3  ? -2.564  6.829   -3.643  1.00 36.24  ? 3   DG  B "C2'" 1 
ATOM   293 C  "C1'" . DG  B 2 3  ? -1.219  7.186   -4.278  1.00 43.36  ? 3   DG  B "C1'" 1 
ATOM   294 N  N9    . DG  B 2 3  ? -0.186  6.172   -4.097  1.00 44.64  ? 3   DG  B N9    1 
ATOM   295 C  C8    . DG  B 2 3  ? 0.139   5.512   -2.938  1.00 43.51  ? 3   DG  B C8    1 
ATOM   296 N  N7    . DG  B 2 3  ? 1.123   4.667   -3.083  1.00 41.02  ? 3   DG  B N7    1 
ATOM   297 C  C5    . DG  B 2 3  ? 1.469   4.773   -4.425  1.00 41.91  ? 3   DG  B C5    1 
ATOM   298 C  C6    . DG  B 2 3  ? 2.466   4.098   -5.167  1.00 43.90  ? 3   DG  B C6    1 
ATOM   299 O  O6    . DG  B 2 3  ? 3.269   3.241   -4.775  1.00 39.51  ? 3   DG  B O6    1 
ATOM   300 N  N1    . DG  B 2 3  ? 2.480   4.504   -6.499  1.00 39.52  ? 3   DG  B N1    1 
ATOM   301 C  C2    . DG  B 2 3  ? 1.638   5.443   -7.044  1.00 41.84  ? 3   DG  B C2    1 
ATOM   302 N  N2    . DG  B 2 3  ? 1.803   5.701   -8.350  1.00 37.81  ? 3   DG  B N2    1 
ATOM   303 N  N3    . DG  B 2 3  ? 0.700   6.082   -6.359  1.00 40.17  ? 3   DG  B N3    1 
ATOM   304 C  C4    . DG  B 2 3  ? 0.674   5.698   -5.060  1.00 38.52  ? 3   DG  B C4    1 
ATOM   305 P  P     . DG  B 2 4  ? -4.796  7.452   -0.931  1.00 47.73  ? 4   DG  B P     1 
ATOM   306 O  OP1   . DG  B 2 4  ? -5.986  8.308   -0.732  1.00 51.92  ? 4   DG  B OP1   1 
ATOM   307 O  OP2   . DG  B 2 4  ? -3.913  7.123   0.212   1.00 45.69  ? 4   DG  B OP2   1 
ATOM   308 O  "O5'" . DG  B 2 4  ? -5.282  6.079   -1.587  1.00 46.08  ? 4   DG  B "O5'" 1 
ATOM   309 C  "C5'" . DG  B 2 4  ? -6.062  6.099   -2.775  1.00 47.88  ? 4   DG  B "C5'" 1 
ATOM   310 C  "C4'" . DG  B 2 4  ? -6.384  4.689   -3.236  1.00 48.06  ? 4   DG  B "C4'" 1 
ATOM   311 O  "O4'" . DG  B 2 4  ? -5.164  4.017   -3.648  1.00 48.82  ? 4   DG  B "O4'" 1 
ATOM   312 C  "C3'" . DG  B 2 4  ? -7.014  3.783   -2.180  1.00 47.06  ? 4   DG  B "C3'" 1 
ATOM   313 O  "O3'" . DG  B 2 4  ? -7.896  2.878   -2.813  1.00 52.53  ? 4   DG  B "O3'" 1 
ATOM   314 C  "C2'" . DG  B 2 4  ? -5.799  3.059   -1.614  1.00 45.12  ? 4   DG  B "C2'" 1 
ATOM   315 C  "C1'" . DG  B 2 4  ? -4.995  2.843   -2.882  1.00 46.39  ? 4   DG  B "C1'" 1 
ATOM   316 N  N9    . DG  B 2 4  ? -3.573  2.644   -2.647  1.00 42.45  ? 4   DG  B N9    1 
ATOM   317 C  C8    . DG  B 2 4  ? -2.794  3.259   -1.697  1.00 41.04  ? 4   DG  B C8    1 
ATOM   318 N  N7    . DG  B 2 4  ? -1.546  2.880   -1.728  1.00 47.42  ? 4   DG  B N7    1 
ATOM   319 C  C5    . DG  B 2 4  ? -1.497  1.958   -2.765  1.00 41.13  ? 4   DG  B C5    1 
ATOM   320 C  C6    . DG  B 2 4  ? -0.410  1.210   -3.269  1.00 44.97  ? 4   DG  B C6    1 
ATOM   321 O  O6    . DG  B 2 4  ? 0.768   1.214   -2.886  1.00 45.08  ? 4   DG  B O6    1 
ATOM   322 N  N1    . DG  B 2 4  ? -0.794  0.390   -4.329  1.00 49.10  ? 4   DG  B N1    1 
ATOM   323 C  C2    . DG  B 2 4  ? -2.070  0.307   -4.835  1.00 44.38  ? 4   DG  B C2    1 
ATOM   324 N  N2    . DG  B 2 4  ? -2.251  -0.539  -5.859  1.00 47.05  ? 4   DG  B N2    1 
ATOM   325 N  N3    . DG  B 2 4  ? -3.099  1.002   -4.371  1.00 44.84  ? 4   DG  B N3    1 
ATOM   326 C  C4    . DG  B 2 4  ? -2.739  1.805   -3.340  1.00 44.59  ? 4   DG  B C4    1 
ATOM   327 P  P     . DA  B 2 5  ? -9.023  2.103   -1.972  1.00 61.33  ? 5   DA  B P     1 
ATOM   328 O  OP1   . DA  B 2 5  ? -10.322 2.753   -2.248  1.00 78.25  ? 5   DA  B OP1   1 
ATOM   329 O  OP2   . DA  B 2 5  ? -8.556  1.962   -0.576  1.00 53.92  ? 5   DA  B OP2   1 
ATOM   330 O  "O5'" . DA  B 2 5  ? -9.042  0.654   -2.635  1.00 55.16  ? 5   DA  B "O5'" 1 
ATOM   331 C  "C5'" . DA  B 2 5  ? -9.172  0.525   -4.043  1.00 54.77  ? 5   DA  B "C5'" 1 
ATOM   332 C  "C4'" . DA  B 2 5  ? -8.797  -0.874  -4.483  1.00 55.44  ? 5   DA  B "C4'" 1 
ATOM   333 O  "O4'" . DA  B 2 5  ? -7.355  -0.999  -4.508  1.00 57.22  ? 5   DA  B "O4'" 1 
ATOM   334 C  "C3'" . DA  B 2 5  ? -9.322  -1.982  -3.575  1.00 60.17  ? 5   DA  B "C3'" 1 
ATOM   335 O  "O3'" . DA  B 2 5  ? -9.892  -3.029  -4.345  1.00 70.59  ? 5   DA  B "O3'" 1 
ATOM   336 C  "C2'" . DA  B 2 5  ? -8.092  -2.446  -2.795  1.00 56.39  ? 5   DA  B "C2'" 1 
ATOM   337 C  "C1'" . DA  B 2 5  ? -6.936  -2.093  -3.723  1.00 55.01  ? 5   DA  B "C1'" 1 
ATOM   338 N  N9    . DA  B 2 5  ? -5.738  -1.692  -2.996  1.00 51.78  ? 5   DA  B N9    1 
ATOM   339 C  C8    . DA  B 2 5  ? -5.645  -0.718  -2.042  1.00 50.27  ? 5   DA  B C8    1 
ATOM   340 N  N7    . DA  B 2 5  ? -4.442  -0.573  -1.549  1.00 48.19  ? 5   DA  B N7    1 
ATOM   341 C  C5    . DA  B 2 5  ? -3.690  -1.518  -2.225  1.00 49.21  ? 5   DA  B C5    1 
ATOM   342 C  C6    . DA  B 2 5  ? -2.330  -1.870  -2.156  1.00 45.71  ? 5   DA  B C6    1 
ATOM   343 N  N6    . DA  B 2 5  ? -1.458  -1.275  -1.334  1.00 40.12  ? 5   DA  B N6    1 
ATOM   344 N  N1    . DA  B 2 5  ? -1.898  -2.858  -2.967  1.00 48.56  ? 5   DA  B N1    1 
ATOM   345 C  C2    . DA  B 2 5  ? -2.775  -3.450  -3.788  1.00 47.66  ? 5   DA  B C2    1 
ATOM   346 N  N3    . DA  B 2 5  ? -4.075  -3.205  -3.939  1.00 48.93  ? 5   DA  B N3    1 
ATOM   347 C  C4    . DA  B 2 5  ? -4.473  -2.218  -3.121  1.00 49.70  ? 5   DA  B C4    1 
ATOM   348 P  P     . DC  B 2 6  ? -10.819 -4.128  -3.627  1.00 73.37  ? 6   DC  B P     1 
ATOM   349 O  OP1   . DC  B 2 6  ? -11.761 -4.676  -4.628  1.00 87.10  ? 6   DC  B OP1   1 
ATOM   350 O  OP2   . DC  B 2 6  ? -11.334 -3.525  -2.379  1.00 66.65  ? 6   DC  B OP2   1 
ATOM   351 O  "O5'" . DC  B 2 6  ? -9.788  -5.273  -3.218  1.00 58.20  ? 6   DC  B "O5'" 1 
ATOM   352 C  "C5'" . DC  B 2 6  ? -8.974  -5.876  -4.212  1.00 55.57  ? 6   DC  B "C5'" 1 
ATOM   353 C  "C4'" . DC  B 2 6  ? -7.904  -6.732  -3.570  1.00 56.81  ? 6   DC  B "C4'" 1 
ATOM   354 O  "O4'" . DC  B 2 6  ? -6.827  -5.894  -3.117  1.00 59.02  ? 6   DC  B "O4'" 1 
ATOM   355 C  "C3'" . DC  B 2 6  ? -8.367  -7.507  -2.337  1.00 59.72  ? 6   DC  B "C3'" 1 
ATOM   356 O  "O3'" . DC  B 2 6  ? -8.544  -8.876  -2.667  1.00 68.34  ? 6   DC  B "O3'" 1 
ATOM   357 C  "C2'" . DC  B 2 6  ? -7.243  -7.308  -1.300  1.00 59.95  ? 6   DC  B "C2'" 1 
ATOM   358 C  "C1'" . DC  B 2 6  ? -6.165  -6.554  -2.075  1.00 60.24  ? 6   DC  B "C1'" 1 
ATOM   359 N  N1    . DC  B 2 6  ? -5.451  -5.537  -1.259  1.00 56.38  ? 6   DC  B N1    1 
ATOM   360 C  C2    . DC  B 2 6  ? -4.061  -5.619  -1.110  1.00 54.07  ? 6   DC  B C2    1 
ATOM   361 O  O2    . DC  B 2 6  ? -3.445  -6.539  -1.663  1.00 52.76  ? 6   DC  B O2    1 
ATOM   362 N  N3    . DC  B 2 6  ? -3.428  -4.682  -0.363  1.00 51.94  ? 6   DC  B N3    1 
ATOM   363 C  C4    . DC  B 2 6  ? -4.125  -3.704  0.218   1.00 47.14  ? 6   DC  B C4    1 
ATOM   364 N  N4    . DC  B 2 6  ? -3.456  -2.804  0.946   1.00 49.38  ? 6   DC  B N4    1 
ATOM   365 C  C5    . DC  B 2 6  ? -5.541  -3.605  0.077   1.00 51.41  ? 6   DC  B C5    1 
ATOM   366 C  C6    . DC  B 2 6  ? -6.156  -4.534  -0.661  1.00 50.05  ? 6   DC  B C6    1 
ATOM   367 P  P     . DC  B 2 7  ? -9.515  -9.800  -1.783  1.00 68.16  ? 7   DC  B P     1 
ATOM   368 O  OP1   . DC  B 2 7  ? -9.952  -10.936 -2.623  1.00 83.32  ? 7   DC  B OP1   1 
ATOM   369 O  OP2   . DC  B 2 7  ? -10.520 -8.919  -1.148  1.00 59.62  ? 7   DC  B OP2   1 
ATOM   370 O  "O5'" . DC  B 2 7  ? -8.558  -10.354 -0.633  1.00 58.41  ? 7   DC  B "O5'" 1 
ATOM   371 C  "C5'" . DC  B 2 7  ? -7.363  -11.037 -0.981  1.00 49.41  ? 7   DC  B "C5'" 1 
ATOM   372 C  "C4'" . DC  B 2 7  ? -6.458  -11.176 0.226   1.00 48.90  ? 7   DC  B "C4'" 1 
ATOM   373 O  "O4'" . DC  B 2 7  ? -5.653  -9.993  0.370   1.00 46.78  ? 7   DC  B "O4'" 1 
ATOM   374 C  "C3'" . DC  B 2 7  ? -7.178  -11.294 1.552   1.00 46.82  ? 7   DC  B "C3'" 1 
ATOM   375 O  "O3'" . DC  B 2 7  ? -7.555  -12.646 1.777   1.00 48.58  ? 7   DC  B "O3'" 1 
ATOM   376 C  "C2'" . DC  B 2 7  ? -6.116  -10.824 2.555   1.00 50.96  ? 7   DC  B "C2'" 1 
ATOM   377 C  "C1'" . DC  B 2 7  ? -5.204  -9.916  1.709   1.00 45.08  ? 7   DC  B "C1'" 1 
ATOM   378 N  N1    . DC  B 2 7  ? -5.207  -8.482  2.138   1.00 43.64  ? 7   DC  B N1    1 
ATOM   379 C  C2    . DC  B 2 7  ? -3.989  -7.814  2.300   1.00 48.79  ? 7   DC  B C2    1 
ATOM   380 O  O2    . DC  B 2 7  ? -2.935  -8.424  2.084   1.00 44.92  ? 7   DC  B O2    1 
ATOM   381 N  N3    . DC  B 2 7  ? -3.997  -6.515  2.690   1.00 47.56  ? 7   DC  B N3    1 
ATOM   382 C  C4    . DC  B 2 7  ? -5.153  -5.893  2.913   1.00 45.12  ? 7   DC  B C4    1 
ATOM   383 N  N4    . DC  B 2 7  ? -5.110  -4.612  3.295   1.00 44.21  ? 7   DC  B N4    1 
ATOM   384 C  C5    . DC  B 2 7  ? -6.407  -6.556  2.755   1.00 45.74  ? 7   DC  B C5    1 
ATOM   385 C  C6    . DC  B 2 7  ? -6.388  -7.838  2.370   1.00 46.33  ? 7   DC  B C6    1 
ATOM   386 P  P     . DC  B 2 8  ? -8.882  -12.987 2.612   1.00 51.37  ? 8   DC  B P     1 
ATOM   387 O  OP1   . DC  B 2 8  ? -9.195  -14.415 2.388   1.00 54.67  ? 8   DC  B OP1   1 
ATOM   388 O  OP2   . DC  B 2 8  ? -9.899  -11.954 2.312   1.00 50.93  ? 8   DC  B OP2   1 
ATOM   389 O  "O5'" . DC  B 2 8  ? -8.427  -12.811 4.130   1.00 49.12  ? 8   DC  B "O5'" 1 
ATOM   390 C  "C5'" . DC  B 2 8  ? -7.435  -13.671 4.670   1.00 43.00  ? 8   DC  B "C5'" 1 
ATOM   391 C  "C4'" . DC  B 2 8  ? -7.118  -13.278 6.095   1.00 39.20  ? 8   DC  B "C4'" 1 
ATOM   392 O  "O4'" . DC  B 2 8  ? -6.401  -12.034 6.089   1.00 40.64  ? 8   DC  B "O4'" 1 
ATOM   393 C  "C3'" . DC  B 2 8  ? -8.343  -13.046 6.958   1.00 38.43  ? 8   DC  B "C3'" 1 
ATOM   394 O  "O3'" . DC  B 2 8  ? -8.658  -14.249 7.648   1.00 42.31  ? 8   DC  B "O3'" 1 
ATOM   395 C  "C2'" . DC  B 2 8  ? -7.915  -11.931 7.925   1.00 41.74  ? 8   DC  B "C2'" 1 
ATOM   396 C  "C1'" . DC  B 2 8  ? -6.666  -11.321 7.274   1.00 40.54  ? 8   DC  B "C1'" 1 
ATOM   397 N  N1    . DC  B 2 8  ? -6.804  -9.873  6.924   1.00 42.07  ? 8   DC  B N1    1 
ATOM   398 C  C2    . DC  B 2 8  ? -6.005  -8.926  7.572   1.00 39.77  ? 8   DC  B C2    1 
ATOM   399 O  O2    . DC  B 2 8  ? -5.200  -9.303  8.433   1.00 41.56  ? 8   DC  B O2    1 
ATOM   400 N  N3    . DC  B 2 8  ? -6.137  -7.619  7.239   1.00 39.09  ? 8   DC  B N3    1 
ATOM   401 C  C4    . DC  B 2 8  ? -7.014  -7.251  6.306   1.00 42.01  ? 8   DC  B C4    1 
ATOM   402 N  N4    . DC  B 2 8  ? -7.109  -5.949  6.015   1.00 41.89  ? 8   DC  B N4    1 
ATOM   403 C  C5    . DC  B 2 8  ? -7.836  -8.202  5.634   1.00 42.90  ? 8   DC  B C5    1 
ATOM   404 C  C6    . DC  B 2 8  ? -7.698  -9.489  5.968   1.00 44.43  ? 8   DC  B C6    1 
ATOM   405 P  P     . DG  B 2 9  ? -10.091 -14.443 8.342   1.00 46.02  ? 9   DG  B P     1 
ATOM   406 O  OP1   . DG  B 2 9  ? -10.372 -15.894 8.408   1.00 48.91  ? 9   DG  B OP1   1 
ATOM   407 O  OP2   . DG  B 2 9  ? -11.046 -13.526 7.683   1.00 45.43  ? 9   DG  B OP2   1 
ATOM   408 O  "O5'" . DG  B 2 9  ? -9.857  -13.918 9.825   1.00 42.96  ? 9   DG  B "O5'" 1 
ATOM   409 C  "C5'" . DG  B 2 9  ? -8.840  -14.499 10.622  1.00 45.45  ? 9   DG  B "C5'" 1 
ATOM   410 C  "C4'" . DG  B 2 9  ? -8.598  -13.656 11.852  1.00 46.57  ? 9   DG  B "C4'" 1 
ATOM   411 O  "O4'" . DG  B 2 9  ? -8.145  -12.339 11.438  1.00 48.15  ? 9   DG  B "O4'" 1 
ATOM   412 C  "C3'" . DG  B 2 9  ? -9.839  -13.434 12.714  1.00 53.87  ? 9   DG  B "C3'" 1 
ATOM   413 O  "O3'" . DG  B 2 9  ? -9.529  -13.569 14.097  1.00 68.08  ? 9   DG  B "O3'" 1 
ATOM   414 C  "C2'" . DG  B 2 9  ? -10.277 -12.014 12.366  1.00 46.09  ? 9   DG  B "C2'" 1 
ATOM   415 C  "C1'" . DG  B 2 9  ? -8.965  -11.340 11.995  1.00 49.00  ? 9   DG  B "C1'" 1 
ATOM   416 N  N9    . DG  B 2 9  ? -9.147  -10.285 11.003  1.00 45.23  ? 9   DG  B N9    1 
ATOM   417 C  C8    . DG  B 2 9  ? -10.089 -10.258 10.005  1.00 44.09  ? 9   DG  B C8    1 
ATOM   418 N  N7    . DG  B 2 9  ? -10.035 -9.188  9.267   1.00 47.70  ? 9   DG  B N7    1 
ATOM   419 C  C5    . DG  B 2 9  ? -8.988  -8.455  9.805   1.00 43.40  ? 9   DG  B C5    1 
ATOM   420 C  C6    . DG  B 2 9  ? -8.464  -7.204  9.413   1.00 42.30  ? 9   DG  B C6    1 
ATOM   421 O  O6    . DG  B 2 9  ? -8.837  -6.475  8.483   1.00 44.65  ? 9   DG  B O6    1 
ATOM   422 N  N1    . DG  B 2 9  ? -7.401  -6.814  10.224  1.00 39.45  ? 9   DG  B N1    1 
ATOM   423 C  C2    . DG  B 2 9  ? -6.908  -7.542  11.279  1.00 45.69  ? 9   DG  B C2    1 
ATOM   424 N  N2    . DG  B 2 9  ? -5.878  -7.001  11.944  1.00 42.02  ? 9   DG  B N2    1 
ATOM   425 N  N3    . DG  B 2 9  ? -7.391  -8.720  11.660  1.00 47.10  ? 9   DG  B N3    1 
ATOM   426 C  C4    . DG  B 2 9  ? -8.428  -9.114  10.877  1.00 46.93  ? 9   DG  B C4    1 
ATOM   427 P  P     . DG  B 2 10 ? -10.718 -13.598 15.178  1.00 86.99  ? 10  DG  B P     1 
ATOM   428 O  OP1   . DG  B 2 10 ? -10.173 -14.060 16.471  1.00 98.79  ? 10  DG  B OP1   1 
ATOM   429 O  OP2   . DG  B 2 10 ? -11.849 -14.315 14.549  1.00 79.37  ? 10  DG  B OP2   1 
ATOM   430 O  "O5'" . DG  B 2 10 ? -11.147 -12.064 15.328  1.00 83.24  ? 10  DG  B "O5'" 1 
ATOM   431 C  "C5'" . DG  B 2 10 ? -12.223 -11.703 16.186  1.00 71.88  ? 10  DG  B "C5'" 1 
ATOM   432 C  "C4'" . DG  B 2 10 ? -11.744 -10.751 17.265  1.00 65.78  ? 10  DG  B "C4'" 1 
ATOM   433 O  "O4'" . DG  B 2 10 ? -10.978 -9.691  16.652  1.00 69.69  ? 10  DG  B "O4'" 1 
ATOM   434 C  "C3'" . DG  B 2 10 ? -12.844 -10.043 18.036  1.00 62.44  ? 10  DG  B "C3'" 1 
ATOM   435 O  "O3'" . DG  B 2 10 ? -13.274 -10.845 19.128  1.00 62.35  ? 10  DG  B "O3'" 1 
ATOM   436 C  "C2'" . DG  B 2 10 ? -12.138 -8.775  18.516  1.00 63.01  ? 10  DG  B "C2'" 1 
ATOM   437 C  "C1'" . DG  B 2 10 ? -11.147 -8.491  17.382  1.00 62.48  ? 10  DG  B "C1'" 1 
ATOM   438 N  N9    . DG  B 2 10 ? -11.581 -7.437  16.464  1.00 48.21  ? 10  DG  B N9    1 
ATOM   439 C  C8    . DG  B 2 10 ? -11.035 -6.183  16.333  1.00 49.45  ? 10  DG  B C8    1 
ATOM   440 N  N7    . DG  B 2 10 ? -11.626 -5.448  15.433  1.00 53.22  ? 10  DG  B N7    1 
ATOM   441 C  C5    . DG  B 2 10 ? -12.633 -6.266  14.933  1.00 50.64  ? 10  DG  B C5    1 
ATOM   442 C  C6    . DG  B 2 10 ? -13.603 -6.014  13.932  1.00 55.66  ? 10  DG  B C6    1 
ATOM   443 O  O6    . DG  B 2 10 ? -13.774 -4.990  13.268  1.00 64.63  ? 10  DG  B O6    1 
ATOM   444 N  N1    . DG  B 2 10 ? -14.432 -7.110  13.731  1.00 52.64  ? 10  DG  B N1    1 
ATOM   445 C  C2    . DG  B 2 10 ? -14.341 -8.298  14.406  1.00 60.53  ? 10  DG  B C2    1 
ATOM   446 N  N2    . DG  B 2 10 ? -15.232 -9.240  14.070  1.00 73.55  ? 10  DG  B N2    1 
ATOM   447 N  N3    . DG  B 2 10 ? -13.438 -8.552  15.342  1.00 52.90  ? 10  DG  B N3    1 
ATOM   448 C  C4    . DG  B 2 10 ? -12.619 -7.494  15.556  1.00 51.28  ? 10  DG  B C4    1 
HETATM 449 BA BA    . BA  C 3 .  ? -2.332  -0.987  4.984   1.00 45.24  ? 101 BA  A BA    1 
HETATM 450 N  N01   . EQQ D 4 .  ? 11.960  3.397   -13.229 1.00 54.21  ? 102 EQQ A N01   1 
HETATM 451 C  C02   . EQQ D 4 .  ? 11.472  3.974   -12.356 1.00 52.04  ? 102 EQQ A C02   1 
HETATM 452 C  C03   . EQQ D 4 .  ? 10.890  4.649   -11.243 1.00 52.23  ? 102 EQQ A C03   1 
HETATM 453 C  C04   . EQQ D 4 .  ? 11.119  4.119   -9.871  1.00 58.22  ? 102 EQQ A C04   1 
HETATM 454 C  C05   . EQQ D 4 .  ? 10.581  4.739   -8.809  1.00 60.74  ? 102 EQQ A C05   1 
HETATM 455 C  C06   . EQQ D 4 .  ? 10.160  5.743   -11.459 1.00 45.62  ? 102 EQQ A C06   1 
HETATM 456 C  C07   . EQQ D 4 .  ? 9.560   6.434   -10.331 1.00 44.23  ? 102 EQQ A C07   1 
HETATM 457 C  C08   . EQQ D 4 .  ? 9.764   5.948   -9.025  1.00 51.55  ? 102 EQQ A C08   1 
HETATM 458 C  C10   . EQQ D 4 .  ? 8.256   8.195   -9.509  1.00 37.98  ? 102 EQQ A C10   1 
HETATM 459 C  C11   . EQQ D 4 .  ? 8.463   7.701   -8.177  1.00 42.76  ? 102 EQQ A C11   1 
HETATM 460 C  C13   . EQQ D 4 .  ? 7.485   9.338   -9.733  1.00 36.42  ? 102 EQQ A C13   1 
HETATM 461 C  C14   . EQQ D 4 .  ? 7.247   9.862   -10.959 1.00 36.37  ? 102 EQQ A C14   1 
HETATM 462 C  C15   . EQQ D 4 .  ? 6.410   11.096  -11.124 1.00 42.04  ? 102 EQQ A C15   1 
HETATM 463 C  C16   . EQQ D 4 .  ? 5.885   11.693  -10.048 1.00 42.39  ? 102 EQQ A C16   1 
HETATM 464 C  C18   . EQQ D 4 .  ? 6.944   9.958   -8.640  1.00 36.12  ? 102 EQQ A C18   1 
HETATM 465 C  C19   . EQQ D 4 .  ? 7.146   9.473   -7.339  1.00 41.98  ? 102 EQQ A C19   1 
HETATM 466 C  C20   . EQQ D 4 .  ? 7.899   8.354   -7.087  1.00 42.97  ? 102 EQQ A C20   1 
HETATM 467 C  C23   . EQQ D 4 .  ? 6.686   9.785   -4.927  1.00 43.24  ? 102 EQQ A C23   1 
HETATM 468 C  C24   . EQQ D 4 .  ? 7.411   8.694   -4.676  1.00 41.60  ? 102 EQQ A C24   1 
HETATM 469 C  C25   . EQQ D 4 .  ? 8.050   7.948   -5.805  1.00 43.52  ? 102 EQQ A C25   1 
HETATM 470 C  C27   . EQQ D 4 .  ? 5.749   13.179  -4.285  1.00 44.75  ? 102 EQQ A C27   1 
HETATM 471 C  C28   . EQQ D 4 .  ? 5.153   13.490  -3.126  1.00 40.64  ? 102 EQQ A C28   1 
HETATM 472 C  C30   . EQQ D 4 .  ? 3.729   11.938  -4.924  1.00 40.35  ? 102 EQQ A C30   1 
HETATM 473 C  C31   . EQQ D 4 .  ? 3.134   12.299  -3.666  1.00 39.76  ? 102 EQQ A C31   1 
HETATM 474 C  C32   . EQQ D 4 .  ? 1.757   11.801  -3.409  1.00 40.09  ? 102 EQQ A C32   1 
HETATM 475 C  C33   . EQQ D 4 .  ? 1.122   11.040  -4.347  1.00 44.54  ? 102 EQQ A C33   1 
HETATM 476 C  C34   . EQQ D 4 .  ? 1.775   10.690  -5.638  1.00 43.85  ? 102 EQQ A C34   1 
HETATM 477 C  C36   . EQQ D 4 .  ? 1.909   9.663   -7.805  1.00 45.03  ? 102 EQQ A C36   1 
HETATM 478 C  C37   . EQQ D 4 .  ? 3.152   10.113  -8.050  1.00 41.88  ? 102 EQQ A C37   1 
HETATM 479 C  C38   . EQQ D 4 .  ? 3.105   11.194  -5.849  1.00 40.75  ? 102 EQQ A C38   1 
HETATM 480 C  C41   . EQQ D 4 .  ? 8.544   12.246  -6.439  1.00 40.58  ? 102 EQQ A C41   1 
HETATM 481 C  C42   . EQQ D 4 .  ? 9.585   13.087  -6.482  1.00 41.71  ? 102 EQQ A C42   1 
HETATM 482 C  C44   . EQQ D 4 .  ? 8.286   14.879  -7.416  1.00 38.30  ? 102 EQQ A C44   1 
HETATM 483 C  C45   . EQQ D 4 .  ? 7.140   14.016  -7.393  1.00 37.98  ? 102 EQQ A C45   1 
HETATM 484 C  C46   . EQQ D 4 .  ? 8.080   16.254  -7.941  1.00 39.41  ? 102 EQQ A C46   1 
HETATM 485 C  C47   . EQQ D 4 .  ? 6.846   16.640  -8.376  1.00 37.45  ? 102 EQQ A C47   1 
HETATM 486 C  C48   . EQQ D 4 .  ? 5.684   15.708  -8.332  1.00 39.15  ? 102 EQQ A C48   1 
HETATM 487 C  C49   . EQQ D 4 .  ? 5.924   14.389  -7.816  1.00 40.77  ? 102 EQQ A C49   1 
HETATM 488 C  C52   . EQQ D 4 .  ? 3.389   15.077  -8.665  1.00 43.64  ? 102 EQQ A C52   1 
HETATM 489 C  C53   . EQQ D 4 .  ? 3.566   13.830  -8.192  1.00 41.27  ? 102 EQQ A C53   1 
HETATM 490 C  C54   . EQQ D 4 .  ? 11.925  2.935   -9.724  1.00 60.31  ? 102 EQQ A C54   1 
HETATM 491 N  N09   . EQQ D 4 .  ? 8.817   7.538   -10.547 1.00 45.77  ? 102 EQQ A N09   1 
HETATM 492 N  N12   . EQQ D 4 .  ? 9.210   6.594   -7.978  1.00 47.16  ? 102 EQQ A N12   1 
HETATM 493 N  N17   . EQQ D 4 .  ? 6.149   11.097  -8.802  1.00 39.32  ? 102 EQQ A N17   1 
HETATM 494 N  N22   . EQQ D 4 .  ? 6.538   10.146  -6.279  1.00 37.92  ? 102 EQQ A N22   1 
HETATM 495 N  N26   . EQQ D 4 .  ? 5.011   12.397  -5.191  1.00 40.46  ? 102 EQQ A N26   1 
HETATM 496 N  N29   . EQQ D 4 .  ? 3.816   13.028  -2.831  1.00 39.16  ? 102 EQQ A N29   1 
HETATM 497 N  N35   . EQQ D 4 .  ? 1.225   9.971   -6.571  1.00 41.68  ? 102 EQQ A N35   1 
HETATM 498 N  N39   . EQQ D 4 .  ? 3.772   10.871  -7.034  1.00 38.18  ? 102 EQQ A N39   1 
HETATM 499 N  N40   . EQQ D 4 .  ? 7.309   12.738  -6.901  1.00 33.93  ? 102 EQQ A N40   1 
HETATM 500 N  N43   . EQQ D 4 .  ? 9.427   14.431  -6.985  1.00 40.11  ? 102 EQQ A N43   1 
HETATM 501 N  N50   . EQQ D 4 .  ? 4.868   13.486  -7.751  1.00 36.74  ? 102 EQQ A N50   1 
HETATM 502 N  N51   . EQQ D 4 .  ? 4.487   16.019  -8.728  1.00 44.39  ? 102 EQQ A N51   1 
HETATM 503 N  N55   . EQQ D 4 .  ? 12.556  1.991   -9.504  1.00 61.18  ? 102 EQQ A N55   1 
HETATM 504 RU RU    . EQQ D 4 .  ? 5.580   11.748  -6.995  1.00 37.37  ? 102 EQQ A RU    1 
HETATM 505 BA BA    . BA  E 3 .  ? 1.362   2.810   -0.718  1.00 45.09  ? 101 BA  B BA    1 
HETATM 506 N  N01   . EQQ F 4 .  ? -14.520 -10.506 10.571  1.00 53.60  ? 102 EQQ B N01   1 
HETATM 507 C  C02   . EQQ F 4 .  ? -13.780 -9.652  10.810  1.00 53.01  ? 102 EQQ B C02   1 
HETATM 508 C  C03   . EQQ F 4 .  ? -12.890 -8.568  11.063  1.00 48.63  ? 102 EQQ B C03   1 
HETATM 509 C  C04   . EQQ F 4 .  ? -13.001 -7.334  10.238  1.00 52.57  ? 102 EQQ B C04   1 
HETATM 510 C  C05   . EQQ F 4 .  ? -12.175 -6.301  10.459  1.00 50.93  ? 102 EQQ B C05   1 
HETATM 511 C  C06   . EQQ F 4 .  ? -11.985 -8.685  12.036  1.00 41.01  ? 102 EQQ B C06   1 
HETATM 512 C  C07   . EQQ F 4 .  ? -11.074 -7.583  12.297  1.00 38.87  ? 102 EQQ B C07   1 
HETATM 513 C  C08   . EQQ F 4 .  ? -11.162 -6.407  11.527  1.00 44.67  ? 102 EQQ B C08   1 
HETATM 514 C  C10   . EQQ F 4 .  ? -9.302  -6.683  13.532  1.00 38.10  ? 102 EQQ B C10   1 
HETATM 515 C  C11   . EQQ F 4 .  ? -9.391  -5.484  12.750  1.00 44.92  ? 102 EQQ B C11   1 
HETATM 516 C  C13   . EQQ F 4 .  ? -8.352  -6.809  14.547  1.00 39.47  ? 102 EQQ B C13   1 
HETATM 517 C  C14   . EQQ F 4 .  ? -8.216  -7.911  15.323  1.00 36.07  ? 102 EQQ B C14   1 
HETATM 518 C  C15   . EQQ F 4 .  ? -7.173  -7.979  16.399  1.00 41.89  ? 102 EQQ B C15   1 
HETATM 519 C  C16   . EQQ F 4 .  ? -6.362  -6.937  16.599  1.00 42.96  ? 102 EQQ B C16   1 
HETATM 520 C  C18   . EQQ F 4 .  ? -7.515  -5.747  14.763  1.00 36.98  ? 102 EQQ B C18   1 
HETATM 521 C  C19   . EQQ F 4 .  ? -7.601  -4.573  13.994  1.00 43.43  ? 102 EQQ B C19   1 
HETATM 522 C  C20   . EQQ F 4 .  ? -8.525  -4.422  12.993  1.00 45.79  ? 102 EQQ B C20   1 
HETATM 523 C  C23   . EQQ F 4 .  ? -6.697  -2.311  13.582  1.00 46.81  ? 102 EQQ B C23   1 
HETATM 524 C  C24   . EQQ F 4 .  ? -7.589  -2.157  12.602  1.00 47.83  ? 102 EQQ B C24   1 
HETATM 525 C  C25   . EQQ F 4 .  ? -8.550  -3.264  12.295  1.00 46.23  ? 102 EQQ B C25   1 
HETATM 526 C  C27   . EQQ F 4 .  ? -4.970  -1.144  16.501  1.00 44.98  ? 102 EQQ B C27   1 
HETATM 527 C  C28   . EQQ F 4 .  ? -4.146  -0.097  16.404  1.00 42.36  ? 102 EQQ B C28   1 
HETATM 528 C  C30   . EQQ F 4 .  ? -3.397  -2.442  15.133  1.00 41.13  ? 102 EQQ B C30   1 
HETATM 529 C  C31   . EQQ F 4 .  ? -2.541  -1.286  15.056  1.00 41.55  ? 102 EQQ B C31   1 
HETATM 530 C  C32   . EQQ F 4 .  ? -1.283  -1.435  14.278  1.00 40.33  ? 102 EQQ B C32   1 
HETATM 531 C  C33   . EQQ F 4 .  ? -0.987  -2.627  13.683  1.00 42.72  ? 102 EQQ B C33   1 
HETATM 532 C  C34   . EQQ F 4 .  ? -1.898  -3.801  13.789  1.00 43.57  ? 102 EQQ B C34   1 
HETATM 533 C  C36   . EQQ F 4 .  ? -2.599  -6.065  13.386  1.00 45.00  ? 102 EQQ B C36   1 
HETATM 534 C  C37   . EQQ F 4 .  ? -3.735  -5.939  14.091  1.00 43.23  ? 102 EQQ B C37   1 
HETATM 535 C  C38   . EQQ F 4 .  ? -3.103  -3.618  14.553  1.00 42.28  ? 102 EQQ B C38   1 
HETATM 536 C  C41   . EQQ F 4 .  ? -8.200  -2.808  16.639  1.00 42.71  ? 102 EQQ B C41   1 
HETATM 537 C  C42   . EQQ F 4 .  ? -9.027  -2.440  17.627  1.00 41.60  ? 102 EQQ B C42   1 
HETATM 538 C  C44   . EQQ F 4 .  ? -7.544  -3.206  19.351  1.00 38.10  ? 102 EQQ B C44   1 
HETATM 539 C  C45   . EQQ F 4 .  ? -6.623  -3.620  18.331  1.00 37.90  ? 102 EQQ B C45   1 
HETATM 540 C  C46   . EQQ F 4 .  ? -7.134  -3.444  20.756  1.00 42.30  ? 102 EQQ B C46   1 
HETATM 541 C  C47   . EQQ F 4 .  ? -5.934  -4.032  21.031  1.00 40.82  ? 102 EQQ B C47   1 
HETATM 542 C  C48   . EQQ F 4 .  ? -5.012  -4.444  19.939  1.00 36.40  ? 102 EQQ B C48   1 
HETATM 543 C  C49   . EQQ F 4 .  ? -5.445  -4.196  18.591  1.00 37.01  ? 102 EQQ B C49   1 
HETATM 544 C  C52   . EQQ F 4 .  ? -3.000  -5.387  19.036  1.00 44.96  ? 102 EQQ B C52   1 
HETATM 545 C  C53   . EQQ F 4 .  ? -3.358  -5.180  17.756  1.00 43.43  ? 102 EQQ B C53   1 
HETATM 546 C  C54   . EQQ F 4 .  ? -14.009 -7.286  9.210   1.00 57.08  ? 102 EQQ B C54   1 
HETATM 547 N  N09   . EQQ F 4 .  ? -10.154 -7.697  13.276  1.00 43.64  ? 102 EQQ B N09   1 
HETATM 548 N  N12   . EQQ F 4 .  ? -10.318 -5.385  11.771  1.00 45.07  ? 102 EQQ B N12   1 
HETATM 549 N  N17   . EQQ F 4 .  ? -6.530  -5.824  15.747  1.00 40.17  ? 102 EQQ B N17   1 
HETATM 550 N  N22   . EQQ F 4 .  ? -6.699  -3.545  14.254  1.00 37.21  ? 102 EQQ B N22   1 
HETATM 551 N  N26   . EQQ F 4 .  ? -4.564  -2.336  15.859  1.00 40.11  ? 102 EQQ B N26   1 
HETATM 552 N  N29   . EQQ F 4 .  ? -2.912  -0.193  15.659  1.00 41.49  ? 102 EQQ B N29   1 
HETATM 553 N  N35   . EQQ F 4 .  ? -1.674  -4.962  13.247  1.00 42.21  ? 102 EQQ B N35   1 
HETATM 554 N  N39   . EQQ F 4 .  ? -4.004  -4.678  14.662  1.00 40.09  ? 102 EQQ B N39   1 
HETATM 555 N  N40   . EQQ F 4 .  ? -6.981  -3.403  17.014  1.00 33.05  ? 102 EQQ B N40   1 
HETATM 556 N  N43   . EQQ F 4 .  ? -8.665  -2.654  19.004  1.00 40.46  ? 102 EQQ B N43   1 
HETATM 557 N  N50   . EQQ F 4 .  ? -4.613  -4.559  17.532  1.00 38.16  ? 102 EQQ B N50   1 
HETATM 558 N  N51   . EQQ F 4 .  ? -3.860  -5.005  20.132  1.00 44.52  ? 102 EQQ B N51   1 
HETATM 559 N  N55   . EQQ F 4 .  ? -14.784 -7.152  8.362   1.00 60.84  ? 102 EQQ B N55   1 
HETATM 560 RU RU    . EQQ F 4 .  ? -5.557  -4.073  15.815  1.00 37.13  ? 102 EQQ B RU    1 
HETATM 561 O  O     . HOH G 5 .  ? -5.864  4.081   10.334  1.00 64.46  ? 201 HOH A O     1 
HETATM 562 O  O     . HOH G 5 .  ? -7.186  2.277   10.154  1.00 68.00  ? 202 HOH A O     1 
HETATM 563 O  O     . HOH G 5 .  ? 2.555   0.445   5.949   1.00 45.62  ? 203 HOH A O     1 
HETATM 564 O  O     . HOH G 5 .  ? -4.728  -2.087  5.421   1.00 38.08  ? 204 HOH A O     1 
HETATM 565 O  O     . HOH G 5 .  ? 9.505   2.316   -14.297 1.00 59.58  ? 205 HOH A O     1 
HETATM 566 O  O     . HOH G 5 .  ? 8.773   1.670   -7.446  1.00 49.54  ? 206 HOH A O     1 
HETATM 567 O  O     . HOH G 5 .  ? 9.132   1.236   -10.673 1.00 52.02  ? 207 HOH A O     1 
HETATM 568 O  O     . HOH G 5 .  ? -0.297  0.086   6.540   1.00 48.27  ? 208 HOH A O     1 
HETATM 569 O  O     . HOH G 5 .  ? 0.285   3.907   -10.466 1.00 42.25  ? 209 HOH A O     1 
HETATM 570 O  O     . HOH G 5 .  ? 2.120   -1.197  2.266   1.00 58.16  ? 210 HOH A O     1 
HETATM 571 O  O     . HOH G 5 .  ? -3.257  0.389   7.146   1.00 44.46  ? 211 HOH A O     1 
HETATM 572 O  O     . HOH G 5 .  ? 10.007  13.783  -15.551 1.00 49.41  ? 212 HOH A O     1 
HETATM 573 O  O     . HOH G 5 .  ? 3.151   -6.185  -14.920 1.00 59.25  ? 213 HOH A O     1 
HETATM 574 O  O     . HOH G 5 .  ? 2.643   0.189   -0.090  1.00 47.30  ? 214 HOH A O     1 
HETATM 575 O  O     . HOH G 5 .  ? 2.887   -7.776  3.146   1.00 43.90  ? 215 HOH A O     1 
HETATM 576 O  O     . HOH G 5 .  ? 8.975   -6.954  5.463   1.00 60.17  ? 216 HOH A O     1 
HETATM 577 O  O     . HOH G 5 .  ? -0.621  -0.671  2.593   1.00 45.03  ? 217 HOH A O     1 
HETATM 578 O  O     . HOH G 5 .  ? -0.162  -8.128  9.555   1.00 49.87  ? 218 HOH A O     1 
HETATM 579 O  O     . HOH G 5 .  ? 5.928   -0.148  -3.730  1.00 46.80  ? 219 HOH A O     1 
HETATM 580 O  O     . HOH G 5 .  ? 12.063  5.890   -20.182 1.00 63.83  ? 220 HOH A O     1 
HETATM 581 O  O     . HOH G 5 .  ? 2.716   13.620  -0.072  1.00 59.22  ? 221 HOH A O     1 
HETATM 582 O  O     . HOH G 5 .  ? -9.317  -1.780  6.254   1.00 54.49  ? 222 HOH A O     1 
HETATM 583 O  O     . HOH G 5 .  ? 7.299   -0.407  -6.338  1.00 54.17  ? 223 HOH A O     1 
HETATM 584 O  O     . HOH G 5 .  ? 15.612  4.398   -13.726 1.00 62.30  ? 224 HOH A O     1 
HETATM 585 O  O     . HOH G 5 .  ? 13.477  1.187   -15.306 1.00 75.11  ? 225 HOH A O     1 
HETATM 586 O  O     . HOH G 5 .  ? 7.683   13.050  -13.981 1.00 42.84  ? 226 HOH A O     1 
HETATM 587 O  O     . HOH G 5 .  ? -1.814  -9.377  12.239  1.00 44.59  ? 227 HOH A O     1 
HETATM 588 O  O     . HOH G 5 .  ? 7.877   -10.067 1.142   1.00 59.97  ? 228 HOH A O     1 
HETATM 589 O  O     . HOH G 5 .  ? 7.929   -0.931  6.049   0.62 44.73  ? 229 HOH A O     1 
HETATM 590 O  O     . HOH G 5 .  ? 6.579   -2.835  -7.674  1.00 57.32  ? 230 HOH A O     1 
HETATM 591 O  O     . HOH G 5 .  ? 0.789   13.858  -6.757  0.93 54.28  ? 231 HOH A O     1 
HETATM 592 O  O     . HOH G 5 .  ? 4.936   -8.516  4.913   1.00 53.28  ? 232 HOH A O     1 
HETATM 593 O  O     . HOH G 5 .  ? -1.581  12.961  -5.971  1.00 56.84  ? 233 HOH A O     1 
HETATM 594 O  O     . HOH G 5 .  ? 0.588   13.172  -9.249  1.00 48.15  ? 234 HOH A O     1 
HETATM 595 O  O     . HOH G 5 .  ? 3.863   -0.034  3.632   1.00 54.07  ? 235 HOH A O     1 
HETATM 596 O  O     . HOH G 5 .  ? -5.601  1.389   8.135   1.00 47.48  ? 236 HOH A O     1 
HETATM 597 O  O     . HOH G 5 .  ? -3.185  1.489   4.313   1.00 66.01  ? 237 HOH A O     1 
HETATM 598 O  O     . HOH H 5 .  ? -10.025 -9.856  3.528   1.00 67.41  ? 201 HOH B O     1 
HETATM 599 O  O     . HOH H 5 .  ? 7.634   7.226   -0.185  1.00 63.94  ? 202 HOH B O     1 
HETATM 600 O  O     . HOH H 5 .  ? 16.939  7.148   -6.681  1.00 66.58  ? 203 HOH B O     1 
HETATM 601 O  O     . HOH H 5 .  ? -2.868  4.949   1.210   1.00 45.75  ? 204 HOH B O     1 
HETATM 602 O  O     . HOH H 5 .  ? 0.042   4.974   0.338   1.00 48.11  ? 205 HOH B O     1 
HETATM 603 O  O     . HOH H 5 .  ? -11.926 -8.907  7.458   1.00 49.78  ? 206 HOH B O     1 
HETATM 604 O  O     . HOH H 5 .  ? -12.941 -12.230 8.982   1.00 62.37  ? 207 HOH B O     1 
HETATM 605 O  O     . HOH H 5 .  ? 3.549   2.465   -2.231  1.00 39.60  ? 208 HOH B O     1 
HETATM 606 O  O     . HOH H 5 .  ? -10.890 -5.993  6.801   1.00 54.41  ? 209 HOH B O     1 
HETATM 607 O  O     . HOH H 5 .  ? -2.625  -10.138 8.354   1.00 43.08  ? 210 HOH B O     1 
HETATM 608 O  O     . HOH H 5 .  ? 2.925   5.035   -0.095  1.00 42.87  ? 211 HOH B O     1 
HETATM 609 O  O     . HOH H 5 .  ? -4.009  -0.602  2.572   1.00 46.35  ? 212 HOH B O     1 
HETATM 610 O  O     . HOH H 5 .  ? -9.775  -18.063 10.178  1.00 59.86  ? 213 HOH B O     1 
HETATM 611 O  O     . HOH H 5 .  ? -5.476  0.740   -5.975  1.00 42.46  ? 214 HOH B O     1 
HETATM 612 O  O     . HOH H 5 .  ? -3.281  1.005   0.593   0.50 35.14  ? 215 HOH B O     1 
HETATM 613 O  O     . HOH H 5 .  ? -10.846 -10.874 20.724  1.00 47.38  ? 216 HOH B O     1 
HETATM 614 O  O     . HOH H 5 .  ? -1.263  2.201   15.735  1.00 52.23  ? 217 HOH B O     1 
HETATM 615 O  O     . HOH H 5 .  ? -7.763  -3.426  3.667   1.00 44.99  ? 218 HOH B O     1 
HETATM 616 O  O     . HOH H 5 .  ? -1.397  6.093   -8.481  1.00 49.75  ? 219 HOH B O     1 
HETATM 617 O  O     . HOH H 5 .  ? -0.613  1.042   0.491   1.00 50.73  ? 220 HOH B O     1 
HETATM 618 O  O     . HOH H 5 .  ? -9.747  -5.723  4.365   1.00 57.07  ? 221 HOH B O     1 
HETATM 619 O  O     . HOH H 5 .  ? -13.812 -13.759 10.982  1.00 53.75  ? 222 HOH B O     1 
HETATM 620 O  O     . HOH H 5 .  ? -11.036 -0.738  -6.694  1.00 60.79  ? 223 HOH B O     1 
HETATM 621 O  O     . HOH H 5 .  ? -17.923 -9.710  11.698  1.00 66.92  ? 224 HOH B O     1 
HETATM 622 O  O     . HOH H 5 .  ? 10.326  2.414   -5.712  0.50 51.48  ? 225 HOH B O     1 
HETATM 623 O  O     . HOH H 5 .  ? -5.932  7.444   3.710   1.00 66.27  ? 226 HOH B O     1 
HETATM 624 O  O     . HOH H 5 .  ? 1.774   -4.435  15.473  1.00 58.77  ? 227 HOH B O     1 
HETATM 625 O  O     . HOH H 5 .  ? -9.707  -4.839  1.210   0.50 46.22  ? 228 HOH B O     1 
HETATM 626 O  O     . HOH H 5 .  ? -12.150 -4.033  7.405   1.00 69.84  ? 229 HOH B O     1 
HETATM 627 O  O     . HOH H 5 .  ? 5.565   5.580   0.270   1.00 52.25  ? 230 HOH B O     1 
HETATM 628 O  O     . HOH H 5 .  ? 2.055   2.499   1.892   1.00 57.29  ? 231 HOH B O     1 
# 
loop_
_atom_site_anisotrop.id 
_atom_site_anisotrop.type_symbol 
_atom_site_anisotrop.pdbx_label_atom_id 
_atom_site_anisotrop.pdbx_label_alt_id 
_atom_site_anisotrop.pdbx_label_comp_id 
_atom_site_anisotrop.pdbx_label_asym_id 
_atom_site_anisotrop.pdbx_label_seq_id 
_atom_site_anisotrop.pdbx_PDB_ins_code 
_atom_site_anisotrop.U[1][1] 
_atom_site_anisotrop.U[2][2] 
_atom_site_anisotrop.U[3][3] 
_atom_site_anisotrop.U[1][2] 
_atom_site_anisotrop.U[1][3] 
_atom_site_anisotrop.U[2][3] 
_atom_site_anisotrop.pdbx_auth_seq_id 
_atom_site_anisotrop.pdbx_auth_comp_id 
_atom_site_anisotrop.pdbx_auth_asym_id 
_atom_site_anisotrop.pdbx_auth_atom_id 
1   O "O5'" . DC A 1  ? 1.1610 1.2216 1.1245 -0.1379 -0.0456 -0.1662 1  DC A "O5'" 
2   C "C5'" . DC A 1  ? 1.1029 1.1696 1.0679 -0.1442 -0.0346 -0.1712 1  DC A "C5'" 
3   C "C4'" . DC A 1  ? 1.0843 1.1631 1.0533 -0.1547 -0.0305 -0.1703 1  DC A "C4'" 
4   O "O4'" . DC A 1  ? 1.0821 1.1621 1.0516 -0.1615 -0.0178 -0.1759 1  DC A "O4'" 
5   C "C3'" . DC A 1  ? 1.0670 1.1440 1.0395 -0.1580 -0.0290 -0.1687 1  DC A "C3'" 
6   O "O3'" . DC A 1  ? 1.1691 1.2619 1.1460 -0.1681 -0.0295 -0.1644 1  DC A "O3'" 
7   C "C2'" . DC A 1  ? 1.0248 1.0901 0.9960 -0.1597 -0.0155 -0.1753 1  DC A "C2'" 
8   C "C1'" . DC A 1  ? 1.0515 1.1217 1.0215 -0.1647 -0.0081 -0.1789 1  DC A "C1'" 
9   N N1    . DC A 1  ? 1.1053 1.1627 1.0717 -0.1619 0.0001  -0.1842 1  DC A N1    
10  C C2    . DC A 1  ? 1.0088 1.0650 0.9737 -0.1690 0.0114  -0.1885 1  DC A C2    
11  O O2    . DC A 1  ? 0.8143 0.8793 0.7816 -0.1752 0.0150  -0.1851 1  DC A O2    
12  N N3    . DC A 1  ? 1.1737 1.2183 1.1352 -0.1668 0.0178  -0.1920 1  DC A N3    
13  C C4    . DC A 1  ? 1.2954 1.3323 1.2562 -0.1584 0.0132  -0.1911 1  DC A C4    
14  N N4    . DC A 1  ? 1.3054 1.3333 1.2636 -0.1577 0.0188  -0.1936 1  DC A N4    
15  C C5    . DC A 1  ? 1.3420 1.3801 1.3045 -0.1511 0.0022  -0.1869 1  DC A C5    
16  C C6    . DC A 1  ? 1.2677 1.3149 1.2325 -0.1529 -0.0038 -0.1838 1  DC A C6    
17  P P     . DC A 2  ? 1.2601 1.3599 1.2420 -0.1717 -0.0359 -0.1573 2  DC A P     
18  O OP1   . DC A 2  ? 1.5626 1.6783 1.5466 -0.1742 -0.0479 -0.1479 2  DC A OP1   
19  O OP2   . DC A 2  ? 1.2508 1.3349 1.2304 -0.1628 -0.0383 -0.1592 2  DC A OP2   
20  O "O5'" . DC A 2  ? 1.0450 1.1421 1.0333 -0.1673 -0.0197 -0.1438 2  DC A "O5'" 
21  C "C5'" . DC A 2  ? 0.7710 0.8602 0.7619 -0.1632 -0.0147 -0.1391 2  DC A "C5'" 
22  C "C4'" . DC A 2  ? 0.5915 0.6846 0.5896 -0.1563 -0.0031 -0.1185 2  DC A "C4'" 
23  O "O4'" . DC A 2  ? 0.6001 0.6824 0.5951 -0.1530 0.0122  -0.1189 2  DC A "O4'" 
24  C "C3'" . DC A 2  ? 0.5486 0.6373 0.5501 -0.1507 0.0011  -0.1097 2  DC A "C3'" 
25  O "O3'" . DC A 2  ? 0.5603 0.6671 0.5704 -0.1505 -0.0069 -0.0930 2  DC A "O3'" 
26  C "C2'" . DC A 2  ? 0.5158 0.5919 0.5161 -0.1427 0.0203  -0.1020 2  DC A "C2'" 
27  C "C1'" . DC A 2  ? 0.5825 0.6516 0.5769 -0.1457 0.0257  -0.1123 2  DC A "C1'" 
28  N N1    . DC A 2  ? 0.5631 0.6108 0.5478 -0.1471 0.0315  -0.1293 2  DC A N1    
29  C C2    . DC A 2  ? 0.5818 0.6163 0.5608 -0.1453 0.0447  -0.1307 2  DC A C2    
30  O O2    . DC A 2  ? 0.5296 0.5702 0.5119 -0.1421 0.0518  -0.1181 2  DC A O2    
31  N N3    . DC A 2  ? 0.5766 0.5916 0.5464 -0.1476 0.0491  -0.1455 2  DC A N3    
32  C C4    . DC A 2  ? 0.5535 0.5628 0.5202 -0.1510 0.0413  -0.1586 2  DC A C4    
33  N N4    . DC A 2  ? 0.5931 0.5835 0.5508 -0.1537 0.0456  -0.1724 2  DC A N4    
34  C C5    . DC A 2  ? 0.5379 0.5604 0.5103 -0.1524 0.0282  -0.1579 2  DC A C5    
35  C C6    . DC A 2  ? 0.5634 0.6044 0.5443 -0.1506 0.0235  -0.1431 2  DC A C6    
36  P P     . DG A 3  ? 0.5544 0.6635 0.5702 -0.1456 -0.0066 -0.0810 3  DG A P     
37  O OP1   . DG A 3  ? 0.5907 0.7203 0.6140 -0.1499 -0.0211 -0.0689 3  DG A OP1   
38  O OP2   . DG A 3  ? 0.5612 0.6533 0.5704 -0.1458 -0.0065 -0.0970 3  DG A OP2   
39  O "O5'" . DG A 3  ? 0.5137 0.6207 0.5335 -0.1352 0.0121  -0.0634 3  DG A "O5'" 
40  C "C5'" . DG A 3  ? 0.5231 0.6445 0.5494 -0.1334 0.0155  -0.0471 3  DG A "C5'" 
41  C "C4'" . DG A 3  ? 0.5587 0.6720 0.5849 -0.1227 0.0351  -0.0349 3  DG A "C4'" 
42  O "O4'" . DG A 3  ? 0.6092 0.7028 0.6254 -0.1228 0.0447  -0.0494 3  DG A "O4'" 
43  C "C3'" . DG A 3  ? 0.5590 0.6646 0.5857 -0.1138 0.0437  -0.0270 3  DG A "C3'" 
44  O "O3'" . DG A 3  ? 0.5301 0.6557 0.5679 -0.1088 0.0440  -0.0032 3  DG A "O3'" 
45  C "C2'" . DG A 3  ? 0.4669 0.5503 0.4842 -0.1060 0.0624  -0.0296 3  DG A "C2'" 
46  C "C1'" . DG A 3  ? 0.5250 0.5993 0.5351 -0.1140 0.0600  -0.0480 3  DG A "C1'" 
47  N N9    . DG A 3  ? 0.5295 0.5838 0.5296 -0.1180 0.0584  -0.0693 3  DG A N9    
48  C C8    . DG A 3  ? 0.5223 0.5748 0.5216 -0.1216 0.0483  -0.0794 3  DG A C8    
49  N N7    . DG A 3  ? 0.5366 0.5701 0.5262 -0.1249 0.0494  -0.0981 3  DG A N7    
50  C C5    . DG A 3  ? 0.5453 0.5673 0.5287 -0.1238 0.0605  -0.1002 3  DG A C5    
51  C C6    . DG A 3  ? 0.6018 0.6026 0.5739 -0.1270 0.0660  -0.1163 3  DG A C6    
52  O O6    . DG A 3  ? 0.5103 0.4985 0.4759 -0.1312 0.0621  -0.1324 3  DG A O6    
53  N N1    . DG A 3  ? 0.5506 0.5456 0.5192 -0.1251 0.0768  -0.1118 3  DG A N1    
54  C C2    . DG A 3  ? 0.5474 0.5553 0.5225 -0.1204 0.0821  -0.0943 3  DG A C2    
55  N N2    . DG A 3  ? 0.5390 0.5380 0.5089 -0.1193 0.0924  -0.0928 3  DG A N2    
56  N N3    . DG A 3  ? 0.5196 0.5480 0.5056 -0.1172 0.0772  -0.0790 3  DG A N3    
57  C C4    . DG A 3  ? 0.4879 0.5221 0.4774 -0.1194 0.0663  -0.0829 3  DG A C4    
58  P P     . DG A 4  ? 0.5392 0.6732 0.5833 -0.1058 0.0388  0.0066  4  DG A P     
59  O OP1   . DG A 4  ? 0.5869 0.7465 0.6439 -0.1034 0.0367  0.0318  4  DG A OP1   
60  O OP2   . DG A 4  ? 0.6112 0.7411 0.6518 -0.1153 0.0235  -0.0118 4  DG A OP2   
61  O "O5'" . DG A 4  ? 0.5521 0.6654 0.5892 -0.0934 0.0570  0.0081  4  DG A "O5'" 
62  C "C5'" . DG A 4  ? 0.5485 0.6577 0.5843 -0.0824 0.0746  0.0222  4  DG A "C5'" 
63  C "C4'" . DG A 4  ? 0.5524 0.6372 0.5776 -0.0714 0.0898  0.0198  4  DG A "C4'" 
64  O "O4'" . DG A 4  ? 0.5895 0.6484 0.6010 -0.0764 0.0910  -0.0042 4  DG A "O4'" 
65  C "C3'" . DG A 4  ? 0.5530 0.6402 0.5812 -0.0673 0.0869  0.0243  4  DG A "C3'" 
66  O "O3'" . DG A 4  ? 0.6232 0.6963 0.6446 -0.0525 0.1045  0.0345  4  DG A "O3'" 
67  C "C2'" . DG A 4  ? 0.5458 0.6163 0.5655 -0.0763 0.0778  -0.0014 4  DG A "C2'" 
68  C "C1'" . DG A 4  ? 0.5761 0.6225 0.5826 -0.0760 0.0884  -0.0147 4  DG A "C1'" 
69  N N9    . DG A 4  ? 0.5488 0.5832 0.5485 -0.0872 0.0791  -0.0392 4  DG A N9    
70  C C8    . DG A 4  ? 0.5029 0.5507 0.5079 -0.0991 0.0616  -0.0497 4  DG A C8    
71  N N7    . DG A 4  ? 0.5764 0.6092 0.5728 -0.1064 0.0576  -0.0714 4  DG A N7    
72  C C5    . DG A 4  ? 0.5131 0.5209 0.4977 -0.0999 0.0730  -0.0753 4  DG A C5    
73  C C6    . DG A 4  ? 0.5560 0.5402 0.5280 -0.1040 0.0761  -0.0949 4  DG A C6    
74  O O6    . DG A 4  ? 0.5743 0.5566 0.5440 -0.1137 0.0661  -0.1128 4  DG A O6    
75  N N1    . DG A 4  ? 0.6026 0.5635 0.5634 -0.0952 0.0927  -0.0915 4  DG A N1    
76  C C2    . DG A 4  ? 0.5911 0.5515 0.5523 -0.0828 0.1052  -0.0720 4  DG A C2    
77  N N2    . DG A 4  ? 0.6107 0.5444 0.5575 -0.0750 0.1203  -0.0721 4  DG A N2    
78  N N3    . DG A 4  ? 0.5627 0.5471 0.5367 -0.0782 0.1030  -0.0532 4  DG A N3    
79  C C4    . DG A 4  ? 0.5647 0.5719 0.5502 -0.0878 0.0864  -0.0560 4  DG A C4    
80  P P     . DG A 5  ? 0.7428 0.8265 0.7707 -0.0425 0.1070  0.0518  5  DG A P     
81  O OP1   . DG A 5  ? 0.8797 0.9867 0.9188 -0.0344 0.1130  0.0790  5  DG A OP1   
82  O OP2   . DG A 5  ? 0.6371 0.7294 0.6707 -0.0524 0.0898  0.0423  5  DG A OP2   
83  O "O5'" . DG A 5  ? 0.7069 0.7583 0.7178 -0.0300 0.1241  0.0464  5  DG A "O5'" 
84  C "C5'" . DG A 5  ? 0.6883 0.7193 0.6868 -0.0220 0.1403  0.0471  5  DG A "C5'" 
85  C "C4'" . DG A 5  ? 0.6603 0.6549 0.6391 -0.0169 0.1501  0.0318  5  DG A "C4'" 
86  O "O4'" . DG A 5  ? 0.7125 0.6924 0.6846 -0.0308 0.1409  0.0063  5  DG A "O4'" 
87  C "C3'" . DG A 5  ? 0.6935 0.6837 0.6707 -0.0100 0.1506  0.0337  5  DG A "C3'" 
88  O "O3'" . DG A 5  ? 0.8078 0.7691 0.7672 0.0044  0.1682  0.0360  5  DG A "O3'" 
89  C "C2'" . DG A 5  ? 0.6976 0.6808 0.6732 -0.0242 0.1358  0.0095  5  DG A "C2'" 
90  C "C1'" . DG A 5  ? 0.7132 0.6799 0.6795 -0.0331 0.1359  -0.0077 5  DG A "C1'" 
91  N N9    . DG A 5  ? 0.6732 0.6473 0.6447 -0.0494 0.1186  -0.0263 5  DG A N9    
92  C C8    . DG A 5  ? 0.6583 0.6614 0.6457 -0.0588 0.1028  -0.0233 5  DG A C8    
93  N N7    . DG A 5  ? 0.6483 0.6498 0.6348 -0.0716 0.0898  -0.0430 5  DG A N7    
94  C C5    . DG A 5  ? 0.6590 0.6304 0.6297 -0.0714 0.0974  -0.0597 5  DG A C5    
95  C C6    . DG A 5  ? 0.6144 0.5723 0.5778 -0.0822 0.0898  -0.0832 5  DG A C6    
96  O O6    . DG A 5  ? 0.5867 0.5566 0.5557 -0.0935 0.0750  -0.0946 5  DG A O6    
97  N N1    . DG A 5  ? 0.6743 0.6013 0.6212 -0.0787 0.1013  -0.0930 5  DG A N1    
98  C C2    . DG A 5  ? 0.7580 0.6669 0.6949 -0.0659 0.1178  -0.0821 5  DG A C2    
99  N N2    . DG A 5  ? 0.9633 0.8405 0.8825 -0.0651 0.1260  -0.0944 5  DG A N2    
100 N N3    . DG A 5  ? 0.7135 0.6344 0.6564 -0.0544 0.1257  -0.0603 5  DG A N3    
101 C C4    . DG A 5  ? 0.6903 0.6435 0.6510 -0.0582 0.1147  -0.0498 5  DG A C4    
102 P P     . DT A 6  ? 0.9329 0.8908 0.8894 0.0179  0.1746  0.0463  6  DT A P     
103 O OP1   . DT A 6  ? 1.1593 1.0985 1.1015 0.0364  0.1950  0.0600  6  DT A OP1   
104 O OP2   . DT A 6  ? 0.8944 0.8891 0.8725 0.0143  0.1621  0.0595  6  DT A OP2   
105 O "O5'" . DT A 6  ? 0.7550 0.6859 0.6985 0.0111  0.1694  0.0211  6  DT A "O5'" 
106 C "C5'" . DT A 6  ? 0.7694 0.6640 0.6921 0.0100  0.1769  0.0040  6  DT A "C5'" 
107 C "C4'" . DT A 6  ? 0.8016 0.6797 0.7174 -0.0004 0.1672  -0.0196 6  DT A "C4'" 
108 O "O4'" . DT A 6  ? 0.8113 0.7052 0.7384 -0.0180 0.1509  -0.0335 6  DT A "O4'" 
109 C "C3'" . DT A 6  ? 0.8344 0.7200 0.7554 0.0035  0.1624  -0.0169 6  DT A "C3'" 
110 O "O3'" . DT A 6  ? 0.9245 0.7770 0.8253 0.0137  0.1738  -0.0221 6  DT A "O3'" 
111 C "C2'" . DT A 6  ? 0.8179 0.7152 0.7488 -0.0141 0.1430  -0.0354 6  DT A "C2'" 
112 C "C1'" . DT A 6  ? 0.8262 0.7175 0.7540 -0.0259 0.1395  -0.0491 6  DT A "C1'" 
113 N N1    . DT A 6  ? 0.7481 0.6648 0.6916 -0.0412 0.1213  -0.0566 6  DT A N1    
114 C C2    . DT A 6  ? 0.7629 0.6692 0.7015 -0.0543 0.1119  -0.0796 6  DT A C2    
115 O O2    . DT A 6  ? 0.8058 0.6837 0.7286 -0.0551 0.1173  -0.0941 6  DT A O2    
116 N N3    . DT A 6  ? 0.6619 0.5920 0.6139 -0.0665 0.0958  -0.0847 6  DT A N3    
117 C C4    . DT A 6  ? 0.6208 0.5824 0.5896 -0.0678 0.0876  -0.0696 6  DT A C4    
118 O O4    . DT A 6  ? 0.6503 0.6291 0.6278 -0.0792 0.0727  -0.0760 6  DT A O4    
119 C C5    . DT A 6  ? 0.6465 0.6185 0.6207 -0.0548 0.0977  -0.0453 6  DT A C5    
120 C C7    . DT A 6  ? 0.6621 0.6684 0.6545 -0.0559 0.0894  -0.0264 6  DT A C7    
121 C C6    . DT A 6  ? 0.6426 0.5926 0.6043 -0.0417 0.1142  -0.0400 6  DT A C6    
122 P P     . DC A 7  ? 0.9552 0.8107 0.8569 0.0259  0.1771  -0.0114 7  DC A P     
123 O OP1   . DC A 7  ? 1.1423 0.9617 1.0198 0.0411  0.1945  -0.0102 7  DC A OP1   
124 O OP2   . DC A 7  ? 0.7722 0.6668 0.6958 0.0299  0.1736  0.0114  7  DC A OP2   
125 O "O5'" . DC A 7  ? 0.8320 0.6867 0.7370 0.0124  0.1614  -0.0321 7  DC A "O5'" 
126 C "C5'" . DC A 7  ? 0.7072 0.5319 0.5962 0.0036  0.1594  -0.0562 7  DC A "C5'" 
127 C "C4'" . DC A 7  ? 0.7129 0.5473 0.6110 -0.0105 0.1421  -0.0729 7  DC A "C4'" 
128 O "O4'" . DC A 7  ? 0.7119 0.5667 0.6231 -0.0255 0.1289  -0.0800 7  DC A "O4'" 
129 C "C3'" . DC A 7  ? 0.6682 0.5269 0.5808 -0.0071 0.1352  -0.0619 7  DC A "C3'" 
130 O "O3'" . DC A 7  ? 0.6983 0.5356 0.5982 0.0033  0.1430  -0.0631 7  DC A "O3'" 
131 C "C2'" . DC A 7  ? 0.7141 0.5891 0.6390 -0.0249 0.1153  -0.0778 7  DC A "C2'" 
132 C "C1'" . DC A 7  ? 0.6963 0.5696 0.6201 -0.0354 0.1125  -0.0876 7  DC A "C1'" 
133 N N1    . DC A 7  ? 0.6202 0.5270 0.5629 -0.0436 0.1010  -0.0797 7  DC A N1    
134 C C2    . DC A 7  ? 0.6531 0.5654 0.5993 -0.0586 0.0882  -0.0960 7  DC A C2    
135 O O2    . DC A 7  ? 0.6476 0.5386 0.5824 -0.0651 0.0870  -0.1160 7  DC A O2    
136 N N3    . DC A 7  ? 0.6058 0.5465 0.5671 -0.0656 0.0776  -0.0887 7  DC A N3    
137 C C4    . DC A 7  ? 0.5659 0.5296 0.5393 -0.0590 0.0788  -0.0663 7  DC A C4    
138 N N4    . DC A 7  ? 0.5388 0.5289 0.5258 -0.0670 0.0674  -0.0599 7  DC A N4    
139 C C5    . DC A 7  ? 0.5754 0.5364 0.5471 -0.0438 0.0917  -0.0488 7  DC A C5    
140 C C6    . DC A 7  ? 0.6114 0.5433 0.5673 -0.0360 0.1027  -0.0563 7  DC A C6    
141 P P     . DC A 8  ? 0.7176 0.5734 0.6268 0.0167  0.1464  -0.0420 8  DC A P     
142 O OP1   . DC A 8  ? 0.7711 0.5958 0.6603 0.0296  0.1588  -0.0444 8  DC A OP1   
143 O OP2   . DC A 8  ? 0.7049 0.5876 0.6273 0.0235  0.1509  -0.0178 8  DC A OP2   
144 O "O5'" . DC A 8  ? 0.6648 0.5444 0.5909 0.0035  0.1268  -0.0496 8  DC A "O5'" 
145 C "C5'" . DC A 8  ? 0.6055 0.4670 0.5236 -0.0059 0.1187  -0.0729 8  DC A "C5'" 
146 C "C4'" . DC A 8  ? 0.5583 0.4464 0.4940 -0.0178 0.0998  -0.0768 8  DC A "C4'" 
147 O "O4'" . DC A 8  ? 0.5676 0.4729 0.5136 -0.0315 0.0882  -0.0819 8  DC A "O4'" 
148 C "C3'" . DC A 8  ? 0.5122 0.4293 0.4637 -0.0105 0.0980  -0.0540 8  DC A "C3'" 
149 O "O3'" . DC A 8  ? 0.5632 0.4703 0.5095 -0.0037 0.0999  -0.0557 8  DC A "O3'" 
150 C "C2'" . DC A 8  ? 0.5193 0.4666 0.4893 -0.0259 0.0782  -0.0554 8  DC A "C2'" 
151 C "C1'" . DC A 8  ? 0.5201 0.4572 0.4847 -0.0381 0.0734  -0.0739 8  DC A "C1'" 
152 N N1    . DC A 8  ? 0.5361 0.4961 0.5124 -0.0429 0.0694  -0.0629 8  DC A N1    
153 C C2    . DC A 8  ? 0.5043 0.4810 0.4900 -0.0581 0.0517  -0.0718 8  DC A C2    
154 O O2    . DC A 8  ? 0.5432 0.5160 0.5278 -0.0671 0.0398  -0.0886 8  DC A O2    
155 N N3    . DC A 8  ? 0.4743 0.4705 0.4694 -0.0622 0.0481  -0.0618 8  DC A N3    
156 C C4    . DC A 8  ? 0.5292 0.5295 0.5254 -0.0520 0.0613  -0.0438 8  DC A C4    
157 N N4    . DC A 8  ? 0.5114 0.5314 0.5171 -0.0568 0.0569  -0.0344 8  DC A N4    
158 C C5    . DC A 8  ? 0.5592 0.5429 0.5459 -0.0360 0.0797  -0.0342 8  DC A C5    
159 C C6    . DC A 8  ? 0.5691 0.5324 0.5455 -0.0319 0.0830  -0.0444 8  DC A C6    
160 P P     A DG A 9  ? 0.6132 0.5417 0.5699 0.0096  0.1044  -0.0302 9  DG A P     
161 P P     B DG A 9  ? 0.6111 0.5398 0.5680 0.0093  0.1042  -0.0305 9  DG A P     
162 O OP1   A DG A 9  ? 0.6744 0.5774 0.6156 0.0216  0.1150  -0.0338 9  DG A OP1   
163 O OP1   B DG A 9  ? 0.6792 0.5842 0.6220 0.0200  0.1130  -0.0349 9  DG A OP1   
164 O OP2   A DG A 9  ? 0.6113 0.5590 0.5764 0.0177  0.1125  -0.0067 9  DG A OP2   
165 O OP2   B DG A 9  ? 0.6060 0.5507 0.5692 0.0188  0.1140  -0.0072 9  DG A OP2   
166 O "O5'" A DG A 9  ? 0.5849 0.5424 0.5606 -0.0037 0.0837  -0.0312 9  DG A "O5'" 
167 O "O5'" B DG A 9  ? 0.5849 0.5450 0.5619 -0.0044 0.0832  -0.0300 9  DG A "O5'" 
168 C "C5'" A DG A 9  ? 0.5853 0.5311 0.5569 -0.0147 0.0720  -0.0538 9  DG A "C5'" 
169 C "C5'" B DG A 9  ? 0.5973 0.5535 0.5742 -0.0106 0.0727  -0.0433 9  DG A "C5'" 
170 C "C4'" A DG A 9  ? 0.5940 0.5682 0.5829 -0.0292 0.0513  -0.0544 9  DG A "C4'" 
171 C "C4'" B DG A 9  ? 0.6033 0.5888 0.5982 -0.0255 0.0520  -0.0430 9  DG A "C4'" 
172 O "O4'" A DG A 9  ? 0.5992 0.5853 0.5943 -0.0389 0.0449  -0.0550 9  DG A "O4'" 
173 O "O4'" B DG A 9  ? 0.6123 0.6009 0.6087 -0.0373 0.0449  -0.0521 9  DG A "O4'" 
174 C "C3'" A DG A 9  ? 0.6162 0.6212 0.6217 -0.0246 0.0471  -0.0301 9  DG A "C3'" 
175 C "C3'" B DG A 9  ? 0.6191 0.6395 0.6322 -0.0214 0.0486  -0.0152 9  DG A "C3'" 
176 O "O3'" A DG A 9  ? 0.6441 0.6596 0.6572 -0.0353 0.0299  -0.0379 9  DG A "O3'" 
177 O "O3'" B DG A 9  ? 0.6939 0.7231 0.7126 -0.0189 0.0437  -0.0096 9  DG A "O3'" 
178 C "C2'" A DG A 9  ? 0.5902 0.6209 0.6086 -0.0277 0.0442  -0.0132 9  DG A "C2'" 
179 C "C2'" B DG A 9  ? 0.5836 0.6258 0.6090 -0.0379 0.0305  -0.0171 9  DG A "C2'" 
180 C "C1'" A DG A 9  ? 0.5925 0.6124 0.6053 -0.0414 0.0363  -0.0345 9  DG A "C1'" 
181 C "C1'" B DG A 9  ? 0.5889 0.6103 0.6028 -0.0449 0.0319  -0.0380 9  DG A "C1'" 
182 N N9    A DG A 9  ? 0.5698 0.5983 0.5859 -0.0407 0.0414  -0.0245 9  DG A N9    
183 N N9    B DG A 9  ? 0.5686 0.5976 0.5852 -0.0426 0.0387  -0.0268 9  DG A N9    
184 C C8    A DG A 9  ? 0.5869 0.6158 0.6015 -0.0266 0.0583  -0.0060 9  DG A C8    
185 C C8    B DG A 9  ? 0.5856 0.6147 0.6007 -0.0279 0.0560  -0.0079 9  DG A C8    
186 N N7    A DG A 9  ? 0.5950 0.6328 0.6134 -0.0297 0.0590  -0.0004 9  DG A N7    
187 N N7    B DG A 9  ? 0.5925 0.6298 0.6108 -0.0300 0.0579  -0.0015 9  DG A N7    
188 C C5    A DG A 9  ? 0.5613 0.6045 0.5833 -0.0467 0.0414  -0.0164 9  DG A C5    
189 C C5    B DG A 9  ? 0.5627 0.6058 0.5849 -0.0468 0.0408  -0.0170 9  DG A C5    
190 C C6    A DG A 9  ? 0.5444 0.5973 0.5706 -0.0566 0.0341  -0.0190 9  DG A C6    
191 C C6    B DG A 9  ? 0.5457 0.5983 0.5718 -0.0560 0.0346  -0.0186 9  DG A C6    
192 O O6    A DG A 9  ? 0.5446 0.6039 0.5730 -0.0528 0.0419  -0.0072 9  DG A O6    
193 O O6    B DG A 9  ? 0.5435 0.6020 0.5715 -0.0515 0.0430  -0.0063 9  DG A O6    
194 N N1    A DG A 9  ? 0.5096 0.5642 0.5367 -0.0720 0.0162  -0.0371 9  DG A N1    
195 N N1    B DG A 9  ? 0.5102 0.5648 0.5373 -0.0716 0.0167  -0.0366 9  DG A N1    
196 C C2    A DG A 9  ? 0.5304 0.5783 0.5550 -0.0773 0.0064  -0.0510 9  DG A C2    
197 C C2    B DG A 9  ? 0.5273 0.5757 0.5522 -0.0777 0.0061  -0.0511 9  DG A C2    
198 N N2    A DG A 9  ? 0.4933 0.5434 0.5181 -0.0915 -0.0103 -0.0674 9  DG A N2    
199 N N2    B DG A 9  ? 0.4970 0.5478 0.5219 -0.0919 -0.0104 -0.0671 9  DG A N2    
200 N N3    A DG A 9  ? 0.5418 0.5810 0.5633 -0.0687 0.0130  -0.0489 9  DG A N3    
201 N N3    B DG A 9  ? 0.5412 0.5812 0.5630 -0.0698 0.0116  -0.0498 9  DG A N3    
202 C C4    A DG A 9  ? 0.5713 0.6088 0.5916 -0.0535 0.0304  -0.0313 9  DG A C4    
203 C C4    B DG A 9  ? 0.5675 0.6054 0.5881 -0.0546 0.0289  -0.0325 9  DG A C4    
204 P P     A DG A 10 ? 0.7273 0.7719 0.7562 -0.0320 0.0237  -0.0155 10 DG A P     
205 P P     B DG A 10 ? 0.7147 0.7783 0.7511 -0.0113 0.0434  0.0219  10 DG A P     
206 O OP1   A DG A 10 ? 0.6766 0.7200 0.7066 -0.0419 0.0087  -0.0300 10 DG A OP1   
207 O OP1   B DG A 10 ? 0.8097 0.8661 0.8420 0.0000  0.0503  0.0258  10 DG A OP1   
208 O OP2   A DG A 10 ? 0.7356 0.7783 0.7618 -0.0126 0.0427  0.0040  10 DG A OP2   
209 O OP2   B DG A 10 ? 0.5641 0.6397 0.6047 -0.0031 0.0544  0.0421  10 DG A OP2   
210 O "O5'" A DG A 10 ? 0.7372 0.8144 0.7829 -0.0406 0.0124  0.0013  10 DG A "O5'" 
211 O "O5'" B DG A 10 ? 0.7297 0.8187 0.7813 -0.0296 0.0192  0.0206  10 DG A "O5'" 
212 C "C5'" A DG A 10 ? 0.7046 0.8137 0.7669 -0.0391 0.0065  0.0266  10 DG A "C5'" 
213 C "C5'" B DG A 10 ? 0.7063 0.8192 0.7698 -0.0388 0.0095  0.0315  10 DG A "C5'" 
214 C "C4'" A DG A 10 ? 0.6590 0.7884 0.7323 -0.0572 -0.0170 0.0245  10 DG A "C4'" 
215 C "C4'" B DG A 10 ? 0.6619 0.7908 0.7346 -0.0562 -0.0141 0.0257  10 DG A "C4'" 
216 O "O4'" A DG A 10 ? 0.6735 0.8009 0.7445 -0.0666 -0.0219 0.0155  10 DG A "O4'" 
217 O "O4'" B DG A 10 ? 0.6652 0.7922 0.7358 -0.0691 -0.0238 0.0128  10 DG A "O4'" 
218 C "C3'" A DG A 10 ? 0.6362 0.8017 0.7278 -0.0585 -0.0253 0.0530  10 DG A "C3'" 
219 C "C3'" B DG A 10 ? 0.6405 0.8053 0.7314 -0.0582 -0.0236 0.0532  10 DG A "C3'" 
220 O "O3'" A DG A 10 ? 0.6354 0.8077 0.7318 -0.0574 -0.0309 0.0575  10 DG A "O3'" 
221 O "O3'" B DG A 10 ? 0.6342 0.8036 0.7288 -0.0549 -0.0263 0.0578  10 DG A "O3'" 
222 C "C2'" A DG A 10 ? 0.6218 0.7998 0.7187 -0.0765 -0.0453 0.0481  10 DG A "C2'" 
223 C "C2'" B DG A 10 ? 0.6179 0.7940 0.7137 -0.0773 -0.0455 0.0460  10 DG A "C2'" 
224 C "C1'" A DG A 10 ? 0.6355 0.7905 0.7197 -0.0780 -0.0387 0.0282  10 DG A "C1'" 
225 C "C1'" B DG A 10 ? 0.6292 0.7842 0.7132 -0.0803 -0.0410 0.0262  10 DG A "C1'" 
226 N N9    A DG A 10 ? 0.5946 0.7617 0.6837 -0.0751 -0.0319 0.0433  10 DG A N9    
227 N N9    B DG A 10 ? 0.5956 0.7631 0.6846 -0.0783 -0.0351 0.0410  10 DG A N9    
228 C C8    A DG A 10 ? 0.5920 0.7658 0.6826 -0.0866 -0.0421 0.0400  10 DG A C8    
229 C C8    B DG A 10 ? 0.5843 0.7583 0.6746 -0.0899 -0.0460 0.0370  10 DG A C8    
230 N N7    A DG A 10 ? 0.5955 0.7797 0.6907 -0.0805 -0.0324 0.0562  10 DG A N7    
231 N N7    B DG A 10 ? 0.5832 0.7682 0.6785 -0.0845 -0.0369 0.0533  10 DG A N7    
232 C C5    A DG A 10 ? 0.6146 0.7985 0.7108 -0.0635 -0.0142 0.0716  10 DG A C5    
233 C C5    B DG A 10 ? 0.6073 0.7930 0.7042 -0.0677 -0.0188 0.0693  10 DG A C5    
234 C C6    A DG A 10 ? 0.6499 0.8422 0.7496 -0.0498 0.0029  0.0929  10 DG A C6    
235 C C6    B DG A 10 ? 0.6487 0.8439 0.7498 -0.0545 -0.0022 0.0910  10 DG A C6    
236 O O6    A DG A 10 ? 0.6799 0.8825 0.7837 -0.0505 0.0052  0.1026  10 DG A O6    
237 O O6    B DG A 10 ? 0.6902 0.8962 0.7955 -0.0558 -0.0007 0.1006  10 DG A O6    
238 N N1    A DG A 10 ? 0.6484 0.8359 0.7459 -0.0334 0.0184  0.1032  10 DG A N1    
239 N N1    B DG A 10 ? 0.6422 0.8330 0.7415 -0.0380 0.0138  0.1019  10 DG A N1    
240 C C2    A DG A 10 ? 0.6607 0.8368 0.7535 -0.0309 0.0176  0.0941  10 DG A C2    
241 C C2    B DG A 10 ? 0.6522 0.8311 0.7466 -0.0349 0.0136  0.0928  10 DG A C2    
242 N N2    A DG A 10 ? 0.7066 0.8787 0.7967 -0.0132 0.0344  0.1066  10 DG A N2    
243 N N2    B DG A 10 ? 0.6754 0.8509 0.7672 -0.0173 0.0306  0.1061  10 DG A N2    
244 N N3    A DG A 10 ? 0.6279 0.7964 0.7182 -0.0441 0.0016  0.0741  10 DG A N3    
245 N N3    B DG A 10 ? 0.6200 0.7905 0.7112 -0.0477 -0.0019 0.0726  10 DG A N3    
246 C C4    A DG A 10 ? 0.6159 0.7890 0.7080 -0.0599 -0.0136 0.0639  10 DG A C4    
247 C C4    B DG A 10 ? 0.6078 0.7822 0.7003 -0.0634 -0.0173 0.0619  10 DG A C4    
248 O "O5'" . DC B 1  ? 0.9844 0.8570 1.2361 0.0246  0.1326  -0.1349 1  DC B "O5'" 
249 C "C5'" . DC B 1  ? 0.9559 0.8408 1.2021 0.0147  0.1423  -0.1289 1  DC B "C5'" 
250 C "C4'" . DC B 1  ? 1.0037 0.9090 1.2313 0.0087  0.1443  -0.1166 1  DC B "C4'" 
251 O "O4'" . DC B 1  ? 1.0427 0.9594 1.2647 -0.0005 0.1539  -0.1108 1  DC B "O4'" 
252 C "C3'" . DC B 1  ? 0.9939 0.9007 1.1950 0.0038  0.1401  -0.1192 1  DC B "C3'" 
253 O "O3'" . DC B 1  ? 1.0428 0.9675 1.2333 0.0020  0.1393  -0.1067 1  DC B "O3'" 
254 C "C2'" . DC B 1  ? 0.9970 0.9034 1.1834 -0.0071 0.1461  -0.1238 1  DC B "C2'" 
255 C "C1'" . DC B 1  ? 1.0676 0.9856 1.2636 -0.0100 0.1550  -0.1146 1  DC B "C1'" 
256 N N1    . DC B 1  ? 1.1751 1.0863 1.3722 -0.0147 0.1622  -0.1208 1  DC B N1    
257 C C2    . DC B 1  ? 0.9910 0.9147 1.1845 -0.0208 0.1711  -0.1127 1  DC B C2    
258 O O2    . DC B 1  ? 0.7201 0.6602 0.9096 -0.0226 0.1728  -0.1007 1  DC B O2    
259 N N3    . DC B 1  ? 1.0712 0.9884 1.2650 -0.0240 0.1780  -0.1182 1  DC B N3    
260 C C4    . DC B 1  ? 1.1283 1.0278 1.3267 -0.0220 0.1760  -0.1311 1  DC B C4    
261 N N4    . DC B 1  ? 1.0920 0.9860 1.2903 -0.0249 0.1834  -0.1356 1  DC B N4    
262 C C5    . DC B 1  ? 1.2337 1.1202 1.4363 -0.0163 0.1666  -0.1398 1  DC B C5    
263 C C6    . DC B 1  ? 1.2902 1.1831 1.4918 -0.0126 0.1600  -0.1343 1  DC B C6    
264 P P     . DC B 2  ? 1.1953 1.1206 1.3811 0.0098  0.1306  -0.1042 2  DC B P     
265 O OP1   . DC B 2  ? 1.4446 1.3680 1.6525 0.0213  0.1278  -0.1005 2  DC B OP1   
266 O OP2   . DC B 2  ? 1.2730 1.1845 1.4477 0.0100  0.1253  -0.1159 2  DC B OP2   
267 O "O5'" . DC B 2  ? 0.9948 0.9413 1.1612 0.0019  0.1322  -0.0912 2  DC B "O5'" 
268 C "C5'" . DC B 2  ? 0.7315 0.6814 0.8746 -0.0080 0.1320  -0.0929 2  DC B "C5'" 
269 C "C4'" . DC B 2  ? 0.5680 0.5386 0.6968 -0.0143 0.1331  -0.0790 2  DC B "C4'" 
270 O "O4'" . DC B 2  ? 0.5677 0.5472 0.6895 -0.0247 0.1402  -0.0751 2  DC B "O4'" 
271 C "C3'" . DC B 2  ? 0.5317 0.5059 0.6403 -0.0184 0.1276  -0.0779 2  DC B "C3'" 
272 O "O3'" . DC B 2  ? 0.5684 0.5520 0.6785 -0.0112 0.1235  -0.0682 2  DC B "O3'" 
273 C "C2'" . DC B 2  ? 0.5310 0.5175 0.6214 -0.0321 0.1313  -0.0725 2  DC B "C2'" 
274 C "C1'" . DC B 2  ? 0.5372 0.5225 0.6359 -0.0351 0.1392  -0.0741 2  DC B "C1'" 
275 N N1    . DC B 2  ? 0.5567 0.5288 0.6484 -0.0411 0.1414  -0.0863 2  DC B N1    
276 C C2    . DC B 2  ? 0.5689 0.5458 0.6535 -0.0493 0.1482  -0.0847 2  DC B C2    
277 O O2    . DC B 2  ? 0.5158 0.5078 0.6004 -0.0516 0.1522  -0.0733 2  DC B O2    
278 N N3    . DC B 2  ? 0.5468 0.5114 0.6244 -0.0539 0.1502  -0.0957 2  DC B N3    
279 C C4    . DC B 2  ? 0.5479 0.4963 0.6258 -0.0513 0.1456  -0.1079 2  DC B C4    
280 N N4    . DC B 2  ? 0.5407 0.4775 0.6114 -0.0560 0.1479  -0.1184 2  DC B N4    
281 C C5    . DC B 2  ? 0.5141 0.4575 0.5994 -0.0431 0.1387  -0.1098 2  DC B C5    
282 C C6    . DC B 2  ? 0.5608 0.5161 0.6524 -0.0380 0.1367  -0.0988 2  DC B C6    
283 P P     . DG B 3  ? 0.5759 0.5638 0.6698 -0.0117 0.1173  -0.0651 3  DG B P     
284 O OP1   . DG B 3  ? 0.6440 0.6344 0.7462 0.0009  0.1133  -0.0592 3  DG B OP1   
285 O OP2   . DG B 3  ? 0.5867 0.5595 0.6723 -0.0149 0.1146  -0.0782 3  DG B OP2   
286 O "O5'" . DG B 3  ? 0.5596 0.5677 0.6377 -0.0239 0.1197  -0.0525 3  DG B "O5'" 
287 C "C5'" . DG B 3  ? 0.5829 0.6073 0.6661 -0.0241 0.1234  -0.0396 3  DG B "C5'" 
288 C "C4'" . DG B 3  ? 0.5818 0.6214 0.6488 -0.0375 0.1259  -0.0311 3  DG B "C4'" 
289 O "O4'" . DG B 3  ? 0.6213 0.6549 0.6860 -0.0450 0.1310  -0.0380 3  DG B "O4'" 
290 C "C3'" . DG B 3  ? 0.5663 0.6093 0.6150 -0.0444 0.1206  -0.0296 3  DG B "C3'" 
291 O "O3'" . DG B 3  ? 0.5938 0.6532 0.6395 -0.0425 0.1180  -0.0154 3  DG B "O3'" 
292 C "C2'" . DG B 3  ? 0.4322 0.4784 0.4665 -0.0583 0.1233  -0.0304 3  DG B "C2'" 
293 C "C1'" . DG B 3  ? 0.5221 0.5585 0.5670 -0.0569 0.1296  -0.0388 3  DG B "C1'" 
294 N N9    . DG B 3  ? 0.5453 0.5635 0.5874 -0.0587 0.1292  -0.0540 3  DG B N9    
295 C C8    . DG B 3  ? 0.5355 0.5396 0.5783 -0.0542 0.1241  -0.0639 3  DG B C8    
296 N N7    . DG B 3  ? 0.5099 0.4992 0.5498 -0.0573 0.1251  -0.0767 3  DG B N7    
297 C C5    . DG B 3  ? 0.5206 0.5144 0.5573 -0.0640 0.1315  -0.0748 3  DG B C5    
298 C C6    . DG B 3  ? 0.5508 0.5342 0.5829 -0.0692 0.1356  -0.0846 3  DG B C6    
299 O O6    . DG B 3  ? 0.5011 0.4686 0.5315 -0.0692 0.1343  -0.0974 3  DG B O6    
300 N N1    . DG B 3  ? 0.4931 0.4863 0.5222 -0.0741 0.1421  -0.0780 3  DG B N1    
301 C C2    . DG B 3  ? 0.5161 0.5270 0.5468 -0.0746 0.1441  -0.0640 3  DG B C2    
302 N N2    . DG B 3  ? 0.4640 0.4818 0.4907 -0.0793 0.1507  -0.0595 3  DG B N2    
303 N N3    . DG B 3  ? 0.4900 0.5108 0.5254 -0.0703 0.1401  -0.0549 3  DG B N3    
304 C C4    . DG B 3  ? 0.4714 0.4829 0.5093 -0.0650 0.1340  -0.0610 3  DG B C4    
305 P P     . DG B 4  ? 0.5719 0.6323 0.6094 -0.0399 0.1112  -0.0130 4  DG B P     
306 O OP1   . DG B 4  ? 0.6187 0.6966 0.6576 -0.0356 0.1104  0.0028  4  DG B OP1   
307 O OP2   . DG B 4  ? 0.5503 0.5914 0.5942 -0.0309 0.1084  -0.0264 4  DG B OP2   
308 O "O5'" . DG B 4  ? 0.5560 0.6199 0.5751 -0.0547 0.1089  -0.0129 4  DG B "O5'" 
309 C "C5'" . DG B 4  ? 0.5767 0.6564 0.5863 -0.0654 0.1105  -0.0021 4  DG B "C5'" 
310 C "C4'" . DG B 4  ? 0.5850 0.6636 0.5776 -0.0782 0.1067  -0.0047 4  DG B "C4'" 
311 O "O4'" . DG B 4  ? 0.6011 0.6631 0.5910 -0.0819 0.1087  -0.0197 4  DG B "O4'" 
312 C "C3'" . DG B 4  ? 0.5749 0.6516 0.5615 -0.0778 0.0997  -0.0044 4  DG B "C3'" 
313 O "O3'" . DG B 4  ? 0.6462 0.7318 0.6180 -0.0905 0.0957  0.0020  4  DG B "O3'" 
314 C "C2'" . DG B 4  ? 0.5569 0.6122 0.5453 -0.0749 0.0991  -0.0219 4  DG B "C2'" 
315 C "C1'" . DG B 4  ? 0.5763 0.6263 0.5599 -0.0833 0.1035  -0.0288 4  DG B "C1'" 
316 N N9    . DG B 4  ? 0.5308 0.5614 0.5209 -0.0789 0.1061  -0.0446 4  DG B N9    
317 C C8    . DG B 4  ? 0.5114 0.5313 0.5168 -0.0665 0.1072  -0.0515 4  DG B C8    
318 N N7    . DG B 4  ? 0.5966 0.5998 0.6055 -0.0657 0.1093  -0.0655 4  DG B N7    
319 C C5    . DG B 4  ? 0.5219 0.5248 0.5161 -0.0779 0.1100  -0.0682 4  DG B C5    
320 C C6    . DG B 4  ? 0.5768 0.5653 0.5667 -0.0824 0.1123  -0.0812 4  DG B C6    
321 O O6    . DG B 4  ? 0.5801 0.5531 0.5796 -0.0766 0.1146  -0.0929 4  DG B O6    
322 N N1    . DG B 4  ? 0.6335 0.6263 0.6057 -0.0946 0.1116  -0.0795 4  DG B N1    
323 C C2    . DG B 4  ? 0.5721 0.5810 0.5331 -0.1021 0.1085  -0.0667 4  DG B C2    
324 N N2    . DG B 4  ? 0.6114 0.6209 0.5552 -0.1133 0.1072  -0.0675 4  DG B N2    
325 N N3    . DG B 4  ? 0.5716 0.5947 0.5375 -0.0984 0.1064  -0.0542 4  DG B N3    
326 C C4    . DG B 4  ? 0.5642 0.5835 0.5465 -0.0862 0.1076  -0.0556 4  DG B C4    
327 P P     . DA B 5  ? 0.7573 0.8497 0.7233 -0.0922 0.0884  0.0097  5  DA B P     
328 O OP1   . DA B 5  ? 0.9646 1.0782 0.9305 -0.0936 0.0879  0.0279  5  DA B OP1   
329 O OP2   . DA B 5  ? 0.6651 0.7452 0.6385 -0.0809 0.0869  0.0018  5  DA B OP2   
330 O "O5'" . DA B 5  ? 0.6861 0.7730 0.6366 -0.1064 0.0837  0.0042  5  DA B "O5'" 
331 C "C5'" . DA B 5  ? 0.6827 0.7750 0.6233 -0.1177 0.0846  0.0068  5  DA B "C5'" 
332 C "C4'" . DA B 5  ? 0.6998 0.7801 0.6266 -0.1281 0.0802  -0.0036 5  DA B "C4'" 
333 O "O4'" . DA B 5  ? 0.7277 0.7895 0.6569 -0.1245 0.0845  -0.0202 5  DA B "O4'" 
334 C "C3'" . DA B 5  ? 0.7621 0.8394 0.6848 -0.1307 0.0723  -0.0038 5  DA B "C3'" 
335 O "O3'" . DA B 5  ? 0.8982 0.9778 0.8063 -0.1443 0.0658  -0.0015 5  DA B "O3'" 
336 C "C2'" . DA B 5  ? 0.7197 0.7766 0.6463 -0.1243 0.0735  -0.0208 5  DA B "C2'" 
337 C "C1'" . DA B 5  ? 0.7055 0.7529 0.6317 -0.1247 0.0801  -0.0311 5  DA B "C1'" 
338 N N9    . DA B 5  ? 0.6654 0.6985 0.6035 -0.1137 0.0847  -0.0431 5  DA B N9    
339 C C8    . DA B 5  ? 0.6409 0.6753 0.5938 -0.1010 0.0872  -0.0408 5  DA B C8    
340 N N7    . DA B 5  ? 0.6169 0.6354 0.5786 -0.0932 0.0904  -0.0538 5  DA B N7    
341 C C5    . DA B 5  ? 0.6371 0.6435 0.5890 -0.1014 0.0904  -0.0651 5  DA B C5    
342 C C6    . DA B 5  ? 0.5980 0.5858 0.5529 -0.0990 0.0932  -0.0810 5  DA B C6    
343 N N6    . DA B 5  ? 0.5257 0.5032 0.4954 -0.0875 0.0959  -0.0884 5  DA B N6    
344 N N1    . DA B 5  ? 0.6411 0.6209 0.5830 -0.1086 0.0927  -0.0890 5  DA B N1    
345 C C2    . DA B 5  ? 0.6316 0.6208 0.5584 -0.1198 0.0889  -0.0819 5  DA B C2    
346 N N3    . DA B 5  ? 0.6431 0.6496 0.5663 -0.1236 0.0856  -0.0669 5  DA B N3    
347 C C4    . DA B 5  ? 0.6456 0.6605 0.5824 -0.1138 0.0869  -0.0590 5  DA B C4    
348 P P     . DC B 6  ? 0.9336 1.0162 0.8377 -0.1494 0.0565  0.0041  6  DC B P     
349 O OP1   . DC B 6  ? 1.1083 1.2008 1.0003 -0.1628 0.0502  0.0133  6  DC B OP1   
350 O OP2   . DC B 6  ? 0.8417 0.9324 0.7584 -0.1383 0.0574  0.0125  6  DC B OP2   
351 O "O5'" . DC B 6  ? 0.7504 0.8115 0.6495 -0.1505 0.0541  -0.0137 6  DC B "O5'" 
352 C "C5'" . DC B 6  ? 0.7251 0.7736 0.6125 -0.1580 0.0545  -0.0258 6  DC B "C5'" 
353 C "C4'" . DC B 6  ? 0.7478 0.7760 0.6345 -0.1556 0.0537  -0.0427 6  DC B "C4'" 
354 O "O4'" . DC B 6  ? 0.7747 0.7944 0.6731 -0.1438 0.0619  -0.0513 6  DC B "O4'" 
355 C "C3'" . DC B 6  ? 0.7842 0.8109 0.6739 -0.1540 0.0474  -0.0414 6  DC B "C3'" 
356 O "O3'" . DC B 6  ? 0.9000 0.9199 0.7768 -0.1654 0.0393  -0.0455 6  DC B "O3'" 
357 C "C2'" . DC B 6  ? 0.7887 0.8005 0.6885 -0.1420 0.0521  -0.0544 6  DC B "C2'" 
358 C "C1'" . DC B 6  ? 0.7942 0.7990 0.6959 -0.1390 0.0602  -0.0628 6  DC B "C1'" 
359 N N1    . DC B 6  ? 0.7415 0.7419 0.6587 -0.1248 0.0667  -0.0669 6  DC B N1    
360 C C2    . DC B 6  ? 0.7170 0.6993 0.6380 -0.1201 0.0707  -0.0829 6  DC B C2    
361 O O2    . DC B 6  ? 0.7078 0.6784 0.6186 -0.1273 0.0695  -0.0935 6  DC B O2    
362 N N3    . DC B 6  ? 0.6867 0.6645 0.6225 -0.1073 0.0756  -0.0864 6  DC B N3    
363 C C4    . DC B 6  ? 0.6186 0.6087 0.5640 -0.0991 0.0764  -0.0749 6  DC B C4    
364 N N4    . DC B 6  ? 0.6444 0.6282 0.6038 -0.0863 0.0803  -0.0791 6  DC B N4    
365 C C5    . DC B 6  ? 0.6678 0.6768 0.6089 -0.1035 0.0729  -0.0584 6  DC B C5    
366 C C6    . DC B 6  ? 0.6534 0.6671 0.5811 -0.1166 0.0681  -0.0548 6  DC B C6    
367 P P     . DC B 7  ? 0.8958 0.9207 0.7732 -0.1688 0.0302  -0.0378 7  DC B P     
368 O OP1   . DC B 7  ? 1.0932 1.1163 0.9562 -0.1832 0.0214  -0.0375 7  DC B OP1   
369 O OP2   . DC B 7  ? 0.7778 0.8211 0.6666 -0.1621 0.0316  -0.0212 7  DC B OP2   
370 O "O5'" . DC B 7  ? 0.7766 0.7840 0.6587 -0.1613 0.0311  -0.0523 7  DC B "O5'" 
371 C "C5'" . DC B 7  ? 0.6717 0.6595 0.5461 -0.1640 0.0318  -0.0701 7  DC B "C5'" 
372 C "C4'" . DC B 7  ? 0.6672 0.6409 0.5501 -0.1537 0.0344  -0.0820 7  DC B "C4'" 
373 O "O4'" . DC B 7  ? 0.6378 0.6087 0.5308 -0.1425 0.0434  -0.0865 7  DC B "O4'" 
374 C "C3'" . DC B 7  ? 0.6358 0.6160 0.5273 -0.1474 0.0311  -0.0739 7  DC B "C3'" 
375 O "O3'" . DC B 7  ? 0.6617 0.6379 0.5461 -0.1559 0.0225  -0.0749 7  DC B "O3'" 
376 C "C2'" . DC B 7  ? 0.6892 0.6564 0.5906 -0.1336 0.0370  -0.0854 7  DC B "C2'" 
377 C "C1'" . DC B 7  ? 0.6157 0.5785 0.5189 -0.1311 0.0447  -0.0922 7  DC B "C1'" 
378 N N1    . DC B 7  ? 0.5905 0.5608 0.5069 -0.1186 0.0510  -0.0862 7  DC B N1    
379 C C2    . DC B 7  ? 0.6571 0.6150 0.5817 -0.1096 0.0575  -0.0977 7  DC B C2    
380 O O2    . DC B 7  ? 0.6147 0.5564 0.5357 -0.1120 0.0582  -0.1123 7  DC B O2    
381 N N3    . DC B 7  ? 0.6355 0.5995 0.5722 -0.0983 0.0622  -0.0922 7  DC B N3    
382 C C4    . DC B 7  ? 0.5975 0.5792 0.5374 -0.0956 0.0613  -0.0762 7  DC B C4    
383 N N4    . DC B 7  ? 0.5806 0.5670 0.5319 -0.0840 0.0659  -0.0717 7  DC B N4    
384 C C5    . DC B 7  ? 0.6037 0.5989 0.5355 -0.1047 0.0554  -0.0638 7  DC B C5    
385 C C6    . DC B 7  ? 0.6170 0.6058 0.5376 -0.1161 0.0502  -0.0692 7  DC B C6    
386 P P     . DC B 8  ? 0.6906 0.6813 0.5798 -0.1561 0.0163  -0.0588 8  DC B P     
387 O OP1   . DC B 8  ? 0.7371 0.7232 0.6171 -0.1685 0.0069  -0.0604 8  DC B OP1   
388 O OP2   . DC B 8  ? 0.6764 0.6879 0.5707 -0.1546 0.0185  -0.0413 8  DC B OP2   
389 O "O5'" . DC B 8  ? 0.6610 0.6446 0.5608 -0.1416 0.0197  -0.0638 8  DC B "O5'" 
390 C "C5'" . DC B 8  ? 0.5906 0.5548 0.4883 -0.1402 0.0184  -0.0803 8  DC B "C5'" 
391 C "C4'" . DC B 8  ? 0.5405 0.5001 0.4486 -0.1248 0.0219  -0.0829 8  DC B "C4'" 
392 O "O4'" . DC B 8  ? 0.5577 0.5142 0.4725 -0.1143 0.0299  -0.0876 8  DC B "O4'" 
393 C "C3'" . DC B 8  ? 0.5229 0.4994 0.4379 -0.1192 0.0200  -0.0653 8  DC B "C3'" 
394 O "O3'" . DC B 8  ? 0.5737 0.5470 0.4871 -0.1224 0.0136  -0.0649 8  DC B "O3'" 
395 C "C2'" . DC B 8  ? 0.5622 0.5363 0.4873 -0.1014 0.0267  -0.0671 8  DC B "C2'" 
396 C "C1'" . DC B 8  ? 0.5515 0.5125 0.4764 -0.0998 0.0323  -0.0817 8  DC B "C1'" 
397 N N1    . DC B 8  ? 0.5654 0.5366 0.4967 -0.0931 0.0383  -0.0743 8  DC B N1    
398 C C2    . DC B 8  ? 0.5361 0.4986 0.4764 -0.0787 0.0436  -0.0816 8  DC B C2    
399 O O2    . DC B 8  ? 0.5634 0.5100 0.5058 -0.0716 0.0433  -0.0939 8  DC B O2    
400 N N3    . DC B 8  ? 0.5225 0.4939 0.4688 -0.0729 0.0485  -0.0747 8  DC B N3    
401 C C4    . DC B 8  ? 0.5547 0.5433 0.4983 -0.0808 0.0487  -0.0615 8  DC B C4    
402 N N4    . DC B 8  ? 0.5481 0.5452 0.4983 -0.0746 0.0537  -0.0551 8  DC B N4    
403 C C5    . DC B 8  ? 0.5660 0.5636 0.5003 -0.0954 0.0433  -0.0541 8  DC B C5    
404 C C6    . DC B 8  ? 0.5905 0.5786 0.5190 -0.1011 0.0380  -0.0608 8  DC B C6    
405 P P     . DG B 9  ? 0.6127 0.6046 0.5313 -0.1212 0.0095  -0.0448 9  DG B P     
406 O OP1   . DG B 9  ? 0.6520 0.6405 0.5660 -0.1320 0.0012  -0.0455 9  DG B OP1   
407 O OP2   . DG B 9  ? 0.5979 0.6096 0.5187 -0.1232 0.0111  -0.0284 9  DG B OP2   
408 O "O5'" . DG B 9  ? 0.5722 0.5608 0.4993 -0.1026 0.0141  -0.0458 9  DG B "O5'" 
409 C "C5'" . DG B 9  ? 0.6102 0.5795 0.5371 -0.0968 0.0141  -0.0620 9  DG B "C5'" 
410 C "C4'" . DG B 9  ? 0.6228 0.5894 0.5572 -0.0776 0.0194  -0.0624 9  DG B "C4'" 
411 O "O4'" . DG B 9  ? 0.6418 0.6083 0.5794 -0.0710 0.0256  -0.0650 9  DG B "O4'" 
412 C "C3'" . DG B 9  ? 0.7076 0.6918 0.6474 -0.0695 0.0188  -0.0431 9  DG B "C3'" 
413 O "O3'" . DG B 9  ? 0.8895 0.8649 0.8326 -0.0551 0.0199  -0.0476 9  DG B "O3'" 
414 C "C2'" . DG B 9  ? 0.6031 0.6007 0.5472 -0.0632 0.0239  -0.0327 9  DG B "C2'" 
415 C "C1'" . DG B 9  ? 0.6455 0.6268 0.5894 -0.0594 0.0285  -0.0501 9  DG B "C1'" 
416 N N9    . DG B 9  ? 0.5941 0.5853 0.5391 -0.0622 0.0321  -0.0443 9  DG B N9    
417 C C8    . DG B 9  ? 0.5749 0.5832 0.5173 -0.0741 0.0303  -0.0309 9  DG B C8    
418 N N7    . DG B 9  ? 0.6181 0.6322 0.5623 -0.0734 0.0346  -0.0283 9  DG B N7    
419 C C5    . DG B 9  ? 0.5666 0.5667 0.5156 -0.0604 0.0393  -0.0407 9  DG B C5    
420 C C6    . DG B 9  ? 0.5516 0.5504 0.5054 -0.0541 0.0448  -0.0437 9  DG B C6    
421 O O6    . DG B 9  ? 0.5772 0.5877 0.5314 -0.0588 0.0472  -0.0358 9  DG B O6    
422 N N1    . DG B 9  ? 0.5195 0.5012 0.4785 -0.0409 0.0473  -0.0572 9  DG B N1    
423 C C2    . DG B 9  ? 0.6034 0.5709 0.5620 -0.0346 0.0450  -0.0669 9  DG B C2    
424 N N2    . DG B 9  ? 0.5603 0.5117 0.5245 -0.0218 0.0474  -0.0796 9  DG B N2    
425 N N3    . DG B 9  ? 0.6224 0.5912 0.5761 -0.0403 0.0404  -0.0643 9  DG B N3    
426 C C4    . DG B 9  ? 0.6161 0.6017 0.5655 -0.0532 0.0376  -0.0509 9  DG B C4    
427 P P     . DG B 10 ? 1.1221 1.1133 1.0701 -0.0454 0.0191  -0.0289 10 DG B P     
428 O OP1   . DG B 10 ? 1.2760 1.2532 1.2246 -0.0332 0.0191  -0.0378 10 DG B OP1   
429 O OP2   . DG B 10 ? 1.0201 1.0281 0.9675 -0.0602 0.0140  -0.0134 10 DG B OP2   
430 O "O5'" . DG B 10 ? 1.0692 1.0719 1.0218 -0.0322 0.0250  -0.0183 10 DG B "O5'" 
431 C "C5'" . DG B 10 ? 0.9185 0.9371 0.8754 -0.0208 0.0263  -0.0001 10 DG B "C5'" 
432 C "C4'" . DG B 10 ? 0.8434 0.8534 0.8024 0.0008  0.0310  -0.0051 10 DG B "C4'" 
433 O "O4'" . DG B 10 ? 0.8952 0.8979 0.8548 0.0029  0.0346  -0.0149 10 DG B "O4'" 
434 C "C3'" . DG B 10 ? 0.7942 0.8214 0.7567 0.0149  0.0337  0.0144  10 DG B "C3'" 
435 O "O3'" . DG B 10 ? 0.7924 0.8212 0.7553 0.0218  0.0321  0.0204  10 DG B "O3'" 
436 C "C2'" . DG B 10 ? 0.8047 0.8212 0.7681 0.0324  0.0382  0.0058  10 DG B "C2'" 
437 C "C1'" . DG B 10 ? 0.8019 0.8074 0.7648 0.0215  0.0385  -0.0095 10 DG B "C1'" 
438 N N9    . DG B 10 ? 0.6160 0.6349 0.5811 0.0181  0.0413  -0.0004 10 DG B N9    
439 C C8    . DG B 10 ? 0.6325 0.6460 0.6005 0.0273  0.0450  -0.0058 10 DG B C8    
440 N N7    . DG B 10 ? 0.6745 0.7033 0.6442 0.0214  0.0469  0.0049  10 DG B N7    
441 C C5    . DG B 10 ? 0.6371 0.6822 0.6048 0.0075  0.0442  0.0183  10 DG B C5    
442 C C6    . DG B 10 ? 0.6937 0.7590 0.6620 -0.0039 0.0441  0.0336  10 DG B C6    
443 O O6    . DG B 10 ? 0.8040 0.8773 0.7743 -0.0039 0.0471  0.0387  10 DG B O6    
444 N N1    . DG B 10 ? 0.6525 0.7286 0.6191 -0.0164 0.0397  0.0438  10 DG B N1    
445 C C2    . DG B 10 ? 0.7553 0.8242 0.7202 -0.0177 0.0358  0.0401  10 DG B C2    
446 N N2    . DG B 10 ? 0.9162 0.9975 0.8807 -0.0308 0.0311  0.0518  10 DG B N2    
447 N N3    . DG B 10 ? 0.6652 0.7155 0.6291 -0.0072 0.0363  0.0257  10 DG B N3    
448 C C4    . DG B 10 ? 0.6480 0.6872 0.6133 0.0052  0.0405  0.0154  10 DG B C4    
# 
